data_3HPB
# 
_entry.id   3HPB 
# 
_audit_conform.dict_name       mmcif_pdbx.dic 
_audit_conform.dict_version    5.399 
_audit_conform.dict_location   http://mmcif.pdb.org/dictionaries/ascii/mmcif_pdbx.dic 
# 
loop_
_database_2.database_id 
_database_2.database_code 
_database_2.pdbx_database_accession 
_database_2.pdbx_DOI 
PDB   3HPB         pdb_00003hpb 10.2210/pdb3hpb/pdb 
RCSB  RCSB053415   ?            ?                   
WWPDB D_1000053415 ?            ?                   
# 
loop_
_pdbx_audit_revision_history.ordinal 
_pdbx_audit_revision_history.data_content_type 
_pdbx_audit_revision_history.major_revision 
_pdbx_audit_revision_history.minor_revision 
_pdbx_audit_revision_history.revision_date 
1 'Structure model' 1 0 2009-06-23 
2 'Structure model' 1 1 2011-07-13 
3 'Structure model' 1 2 2017-11-01 
4 'Structure model' 1 3 2024-11-20 
# 
_pdbx_audit_revision_details.ordinal             1 
_pdbx_audit_revision_details.revision_ordinal    1 
_pdbx_audit_revision_details.data_content_type   'Structure model' 
_pdbx_audit_revision_details.provider            repository 
_pdbx_audit_revision_details.type                'Initial release' 
_pdbx_audit_revision_details.description         ? 
_pdbx_audit_revision_details.details             ? 
# 
loop_
_pdbx_audit_revision_group.ordinal 
_pdbx_audit_revision_group.revision_ordinal 
_pdbx_audit_revision_group.data_content_type 
_pdbx_audit_revision_group.group 
1 2 'Structure model' 'Version format compliance' 
2 3 'Structure model' 'Refinement description'    
3 4 'Structure model' 'Data collection'           
4 4 'Structure model' 'Database references'       
5 4 'Structure model' 'Derived calculations'      
6 4 'Structure model' 'Structure summary'         
# 
loop_
_pdbx_audit_revision_category.ordinal 
_pdbx_audit_revision_category.revision_ordinal 
_pdbx_audit_revision_category.data_content_type 
_pdbx_audit_revision_category.category 
1 3 'Structure model' software                  
2 4 'Structure model' chem_comp_atom            
3 4 'Structure model' chem_comp_bond            
4 4 'Structure model' database_2                
5 4 'Structure model' pdbx_entry_details        
6 4 'Structure model' pdbx_modification_feature 
7 4 'Structure model' struct_conn               
8 4 'Structure model' struct_site               
# 
loop_
_pdbx_audit_revision_item.ordinal 
_pdbx_audit_revision_item.revision_ordinal 
_pdbx_audit_revision_item.data_content_type 
_pdbx_audit_revision_item.item 
1 4 'Structure model' '_database_2.pdbx_DOI'                         
2 4 'Structure model' '_database_2.pdbx_database_accession'          
3 4 'Structure model' '_pdbx_entry_details.has_protein_modification' 
4 4 'Structure model' '_struct_conn.pdbx_leaving_atom_flag'          
5 4 'Structure model' '_struct_site.pdbx_auth_asym_id'               
6 4 'Structure model' '_struct_site.pdbx_auth_comp_id'               
7 4 'Structure model' '_struct_site.pdbx_auth_seq_id'                
# 
_pdbx_database_status.status_code                     REL 
_pdbx_database_status.entry_id                        3HPB 
_pdbx_database_status.recvd_initial_deposition_date   2009-06-03 
_pdbx_database_status.deposit_site                    RCSB 
_pdbx_database_status.process_site                    RCSB 
_pdbx_database_status.status_code_sf                  REL 
_pdbx_database_status.status_code_mr                  ? 
_pdbx_database_status.SG_entry                        ? 
_pdbx_database_status.pdb_format_compatible           Y 
_pdbx_database_status.status_code_cs                  ? 
_pdbx_database_status.methods_development_category    ? 
_pdbx_database_status.status_code_nmr_data            ? 
# 
_pdbx_database_related.db_name        PDB 
_pdbx_database_related.db_id          3HPC 
_pdbx_database_related.details        'Crystal structure of SNX5-PX domain in P21 space group' 
_pdbx_database_related.content_type   unspecified 
# 
loop_
_audit_author.name 
_audit_author.pdbx_ordinal 
'Koharudin, L.M.I.' 1 
'Furey, W.'         2 
'Gronenborn, A.M.'  3 
# 
_citation.id                        primary 
_citation.title                     
'The Phox domain of sorting nexin 5 lacks ptdins(3)p specificity and preferentially binds to ptdins(4,5)P2' 
_citation.journal_abbrev            'To be Published' 
_citation.journal_volume            ? 
_citation.page_first                ? 
_citation.page_last                 ? 
_citation.year                      ? 
_citation.journal_id_ASTM           ? 
_citation.country                   ? 
_citation.journal_id_ISSN           ? 
_citation.journal_id_CSD            0353 
_citation.book_publisher            ? 
_citation.pdbx_database_id_PubMed   ? 
_citation.pdbx_database_id_DOI      ? 
# 
loop_
_citation_author.citation_id 
_citation_author.name 
_citation_author.ordinal 
_citation_author.identifier_ORCID 
primary 'Koharudin, L.M.I.' 1 ? 
primary 'Furey, W.'         2 ? 
primary 'Liu, H.'           3 ? 
primary 'Liu, Y.-J.'        4 ? 
primary 'Gronenborn, A.M.'  5 ? 
# 
loop_
_entity.id 
_entity.type 
_entity.src_method 
_entity.pdbx_description 
_entity.formula_weight 
_entity.pdbx_number_of_molecules 
_entity.pdbx_ec 
_entity.pdbx_mutation 
_entity.pdbx_fragment 
_entity.details 
1 polymer     man 'Snx5 protein' 18649.512 1   ? ? 'Residues 20-180' ? 
2 non-polymer syn 'CHLORIDE ION' 35.453    1   ? ? ?                 ? 
3 water       nat water          18.015    135 ? ? ?                 ? 
# 
_entity_poly.entity_id                      1 
_entity_poly.type                           'polypeptide(L)' 
_entity_poly.nstd_linkage                   no 
_entity_poly.nstd_monomer                   yes 
_entity_poly.pdbx_seq_one_letter_code       
;SVSVDLNVDPSLQIDIPDALSERDKVKFTVHTKTTLPTFQSPEFSVTRQHEDFVWLHDTLTETTDYAGLIIPPAPTKPDF
DGPREK(MSE)QKLGEGEGS(MSE)TKEEFAK(MSE)KQELEAEYLAVFKKTVSSHEVFLQRLSSHPVLSKDRNFHVFLE
YDQDLSVRRKNTK
;
_entity_poly.pdbx_seq_one_letter_code_can   
;SVSVDLNVDPSLQIDIPDALSERDKVKFTVHTKTTLPTFQSPEFSVTRQHEDFVWLHDTLTETTDYAGLIIPPAPTKPDF
DGPREKMQKLGEGEGSMTKEEFAKMKQELEAEYLAVFKKTVSSHEVFLQRLSSHPVLSKDRNFHVFLEYDQDLSVRRKNT
K
;
_entity_poly.pdbx_strand_id                 A 
_entity_poly.pdbx_target_identifier         ? 
# 
loop_
_pdbx_entity_nonpoly.entity_id 
_pdbx_entity_nonpoly.name 
_pdbx_entity_nonpoly.comp_id 
2 'CHLORIDE ION' CL  
3 water          HOH 
# 
loop_
_entity_poly_seq.entity_id 
_entity_poly_seq.num 
_entity_poly_seq.mon_id 
_entity_poly_seq.hetero 
1 1   SER n 
1 2   VAL n 
1 3   SER n 
1 4   VAL n 
1 5   ASP n 
1 6   LEU n 
1 7   ASN n 
1 8   VAL n 
1 9   ASP n 
1 10  PRO n 
1 11  SER n 
1 12  LEU n 
1 13  GLN n 
1 14  ILE n 
1 15  ASP n 
1 16  ILE n 
1 17  PRO n 
1 18  ASP n 
1 19  ALA n 
1 20  LEU n 
1 21  SER n 
1 22  GLU n 
1 23  ARG n 
1 24  ASP n 
1 25  LYS n 
1 26  VAL n 
1 27  LYS n 
1 28  PHE n 
1 29  THR n 
1 30  VAL n 
1 31  HIS n 
1 32  THR n 
1 33  LYS n 
1 34  THR n 
1 35  THR n 
1 36  LEU n 
1 37  PRO n 
1 38  THR n 
1 39  PHE n 
1 40  GLN n 
1 41  SER n 
1 42  PRO n 
1 43  GLU n 
1 44  PHE n 
1 45  SER n 
1 46  VAL n 
1 47  THR n 
1 48  ARG n 
1 49  GLN n 
1 50  HIS n 
1 51  GLU n 
1 52  ASP n 
1 53  PHE n 
1 54  VAL n 
1 55  TRP n 
1 56  LEU n 
1 57  HIS n 
1 58  ASP n 
1 59  THR n 
1 60  LEU n 
1 61  THR n 
1 62  GLU n 
1 63  THR n 
1 64  THR n 
1 65  ASP n 
1 66  TYR n 
1 67  ALA n 
1 68  GLY n 
1 69  LEU n 
1 70  ILE n 
1 71  ILE n 
1 72  PRO n 
1 73  PRO n 
1 74  ALA n 
1 75  PRO n 
1 76  THR n 
1 77  LYS n 
1 78  PRO n 
1 79  ASP n 
1 80  PHE n 
1 81  ASP n 
1 82  GLY n 
1 83  PRO n 
1 84  ARG n 
1 85  GLU n 
1 86  LYS n 
1 87  MSE n 
1 88  GLN n 
1 89  LYS n 
1 90  LEU n 
1 91  GLY n 
1 92  GLU n 
1 93  GLY n 
1 94  GLU n 
1 95  GLY n 
1 96  SER n 
1 97  MSE n 
1 98  THR n 
1 99  LYS n 
1 100 GLU n 
1 101 GLU n 
1 102 PHE n 
1 103 ALA n 
1 104 LYS n 
1 105 MSE n 
1 106 LYS n 
1 107 GLN n 
1 108 GLU n 
1 109 LEU n 
1 110 GLU n 
1 111 ALA n 
1 112 GLU n 
1 113 TYR n 
1 114 LEU n 
1 115 ALA n 
1 116 VAL n 
1 117 PHE n 
1 118 LYS n 
1 119 LYS n 
1 120 THR n 
1 121 VAL n 
1 122 SER n 
1 123 SER n 
1 124 HIS n 
1 125 GLU n 
1 126 VAL n 
1 127 PHE n 
1 128 LEU n 
1 129 GLN n 
1 130 ARG n 
1 131 LEU n 
1 132 SER n 
1 133 SER n 
1 134 HIS n 
1 135 PRO n 
1 136 VAL n 
1 137 LEU n 
1 138 SER n 
1 139 LYS n 
1 140 ASP n 
1 141 ARG n 
1 142 ASN n 
1 143 PHE n 
1 144 HIS n 
1 145 VAL n 
1 146 PHE n 
1 147 LEU n 
1 148 GLU n 
1 149 TYR n 
1 150 ASP n 
1 151 GLN n 
1 152 ASP n 
1 153 LEU n 
1 154 SER n 
1 155 VAL n 
1 156 ARG n 
1 157 ARG n 
1 158 LYS n 
1 159 ASN n 
1 160 THR n 
1 161 LYS n 
# 
_entity_src_gen.entity_id                          1 
_entity_src_gen.pdbx_src_id                        1 
_entity_src_gen.pdbx_alt_source_flag               sample 
_entity_src_gen.pdbx_seq_type                      ? 
_entity_src_gen.pdbx_beg_seq_num                   ? 
_entity_src_gen.pdbx_end_seq_num                   ? 
_entity_src_gen.gene_src_common_name               rat 
_entity_src_gen.gene_src_genus                     ? 
_entity_src_gen.pdbx_gene_src_gene                 Snx5 
_entity_src_gen.gene_src_species                   ? 
_entity_src_gen.gene_src_strain                    ? 
_entity_src_gen.gene_src_tissue                    ? 
_entity_src_gen.gene_src_tissue_fraction           ? 
_entity_src_gen.gene_src_details                   ? 
_entity_src_gen.pdbx_gene_src_fragment             ? 
_entity_src_gen.pdbx_gene_src_scientific_name      'Rattus norvegicus' 
_entity_src_gen.pdbx_gene_src_ncbi_taxonomy_id     10116 
_entity_src_gen.pdbx_gene_src_variant              ? 
_entity_src_gen.pdbx_gene_src_cell_line            ? 
_entity_src_gen.pdbx_gene_src_atcc                 ? 
_entity_src_gen.pdbx_gene_src_organ                ? 
_entity_src_gen.pdbx_gene_src_organelle            ? 
_entity_src_gen.pdbx_gene_src_cell                 ? 
_entity_src_gen.pdbx_gene_src_cellular_location    ? 
_entity_src_gen.host_org_common_name               ? 
_entity_src_gen.pdbx_host_org_scientific_name      'Escherichia coli' 
_entity_src_gen.pdbx_host_org_ncbi_taxonomy_id     562 
_entity_src_gen.host_org_genus                     ? 
_entity_src_gen.pdbx_host_org_gene                 ? 
_entity_src_gen.pdbx_host_org_organ                ? 
_entity_src_gen.host_org_species                   ? 
_entity_src_gen.pdbx_host_org_tissue               ? 
_entity_src_gen.pdbx_host_org_tissue_fraction      ? 
_entity_src_gen.pdbx_host_org_strain               'BL21(DE3)' 
_entity_src_gen.pdbx_host_org_variant              ? 
_entity_src_gen.pdbx_host_org_cell_line            ? 
_entity_src_gen.pdbx_host_org_atcc                 ? 
_entity_src_gen.pdbx_host_org_culture_collection   ? 
_entity_src_gen.pdbx_host_org_cell                 ? 
_entity_src_gen.pdbx_host_org_organelle            ? 
_entity_src_gen.pdbx_host_org_cellular_location    ? 
_entity_src_gen.pdbx_host_org_vector_type          plasmid 
_entity_src_gen.pdbx_host_org_vector               ? 
_entity_src_gen.host_org_details                   ? 
_entity_src_gen.expression_system_id               ? 
_entity_src_gen.plasmid_name                       pET15b 
_entity_src_gen.plasmid_details                    ? 
_entity_src_gen.pdbx_description                   ? 
# 
loop_
_chem_comp.id 
_chem_comp.type 
_chem_comp.mon_nstd_flag 
_chem_comp.name 
_chem_comp.pdbx_synonyms 
_chem_comp.formula 
_chem_comp.formula_weight 
ALA 'L-peptide linking' y ALANINE          ? 'C3 H7 N O2'     89.093  
ARG 'L-peptide linking' y ARGININE         ? 'C6 H15 N4 O2 1' 175.209 
ASN 'L-peptide linking' y ASPARAGINE       ? 'C4 H8 N2 O3'    132.118 
ASP 'L-peptide linking' y 'ASPARTIC ACID'  ? 'C4 H7 N O4'     133.103 
CL  non-polymer         . 'CHLORIDE ION'   ? 'Cl -1'          35.453  
GLN 'L-peptide linking' y GLUTAMINE        ? 'C5 H10 N2 O3'   146.144 
GLU 'L-peptide linking' y 'GLUTAMIC ACID'  ? 'C5 H9 N O4'     147.129 
GLY 'peptide linking'   y GLYCINE          ? 'C2 H5 N O2'     75.067  
HIS 'L-peptide linking' y HISTIDINE        ? 'C6 H10 N3 O2 1' 156.162 
HOH non-polymer         . WATER            ? 'H2 O'           18.015  
ILE 'L-peptide linking' y ISOLEUCINE       ? 'C6 H13 N O2'    131.173 
LEU 'L-peptide linking' y LEUCINE          ? 'C6 H13 N O2'    131.173 
LYS 'L-peptide linking' y LYSINE           ? 'C6 H15 N2 O2 1' 147.195 
MSE 'L-peptide linking' n SELENOMETHIONINE ? 'C5 H11 N O2 Se' 196.106 
PHE 'L-peptide linking' y PHENYLALANINE    ? 'C9 H11 N O2'    165.189 
PRO 'L-peptide linking' y PROLINE          ? 'C5 H9 N O2'     115.130 
SER 'L-peptide linking' y SERINE           ? 'C3 H7 N O3'     105.093 
THR 'L-peptide linking' y THREONINE        ? 'C4 H9 N O3'     119.119 
TRP 'L-peptide linking' y TRYPTOPHAN       ? 'C11 H12 N2 O2'  204.225 
TYR 'L-peptide linking' y TYROSINE         ? 'C9 H11 N O3'    181.189 
VAL 'L-peptide linking' y VALINE           ? 'C5 H11 N O2'    117.146 
# 
loop_
_pdbx_poly_seq_scheme.asym_id 
_pdbx_poly_seq_scheme.entity_id 
_pdbx_poly_seq_scheme.seq_id 
_pdbx_poly_seq_scheme.mon_id 
_pdbx_poly_seq_scheme.ndb_seq_num 
_pdbx_poly_seq_scheme.pdb_seq_num 
_pdbx_poly_seq_scheme.auth_seq_num 
_pdbx_poly_seq_scheme.pdb_mon_id 
_pdbx_poly_seq_scheme.auth_mon_id 
_pdbx_poly_seq_scheme.pdb_strand_id 
_pdbx_poly_seq_scheme.pdb_ins_code 
_pdbx_poly_seq_scheme.hetero 
A 1 1   SER 1   20  ?   ?   ?   A . n 
A 1 2   VAL 2   21  21  VAL VAL A . n 
A 1 3   SER 3   22  22  SER SER A . n 
A 1 4   VAL 4   23  23  VAL VAL A . n 
A 1 5   ASP 5   24  24  ASP ASP A . n 
A 1 6   LEU 6   25  25  LEU LEU A . n 
A 1 7   ASN 7   26  26  ASN ASN A . n 
A 1 8   VAL 8   27  27  VAL VAL A . n 
A 1 9   ASP 9   28  28  ASP ASP A . n 
A 1 10  PRO 10  29  29  PRO PRO A . n 
A 1 11  SER 11  30  30  SER SER A . n 
A 1 12  LEU 12  31  31  LEU LEU A . n 
A 1 13  GLN 13  32  32  GLN GLN A . n 
A 1 14  ILE 14  33  33  ILE ILE A . n 
A 1 15  ASP 15  34  34  ASP ASP A . n 
A 1 16  ILE 16  35  35  ILE ILE A . n 
A 1 17  PRO 17  36  36  PRO PRO A . n 
A 1 18  ASP 18  37  37  ASP ASP A . n 
A 1 19  ALA 19  38  38  ALA ALA A . n 
A 1 20  LEU 20  39  39  LEU LEU A . n 
A 1 21  SER 21  40  40  SER SER A . n 
A 1 22  GLU 22  41  41  GLU GLU A . n 
A 1 23  ARG 23  42  42  ARG ARG A . n 
A 1 24  ASP 24  43  43  ASP ASP A . n 
A 1 25  LYS 25  44  44  LYS LYS A . n 
A 1 26  VAL 26  45  45  VAL VAL A . n 
A 1 27  LYS 27  46  46  LYS LYS A . n 
A 1 28  PHE 28  47  47  PHE PHE A . n 
A 1 29  THR 29  48  48  THR THR A . n 
A 1 30  VAL 30  49  49  VAL VAL A . n 
A 1 31  HIS 31  50  50  HIS HIS A . n 
A 1 32  THR 32  51  51  THR THR A . n 
A 1 33  LYS 33  52  52  LYS LYS A . n 
A 1 34  THR 34  53  53  THR THR A . n 
A 1 35  THR 35  54  54  THR THR A . n 
A 1 36  LEU 36  55  55  LEU LEU A . n 
A 1 37  PRO 37  56  56  PRO PRO A . n 
A 1 38  THR 38  57  57  THR THR A . n 
A 1 39  PHE 39  58  58  PHE PHE A . n 
A 1 40  GLN 40  59  59  GLN GLN A . n 
A 1 41  SER 41  60  60  SER SER A . n 
A 1 42  PRO 42  61  61  PRO PRO A . n 
A 1 43  GLU 43  62  62  GLU GLU A . n 
A 1 44  PHE 44  63  63  PHE PHE A . n 
A 1 45  SER 45  64  64  SER SER A . n 
A 1 46  VAL 46  65  65  VAL VAL A . n 
A 1 47  THR 47  66  66  THR THR A . n 
A 1 48  ARG 48  67  67  ARG ARG A . n 
A 1 49  GLN 49  68  68  GLN GLN A . n 
A 1 50  HIS 50  69  69  HIS HIS A . n 
A 1 51  GLU 51  70  70  GLU GLU A . n 
A 1 52  ASP 52  71  71  ASP ASP A . n 
A 1 53  PHE 53  72  72  PHE PHE A . n 
A 1 54  VAL 54  73  73  VAL VAL A . n 
A 1 55  TRP 55  74  74  TRP TRP A . n 
A 1 56  LEU 56  75  75  LEU LEU A . n 
A 1 57  HIS 57  76  76  HIS HIS A . n 
A 1 58  ASP 58  77  77  ASP ASP A . n 
A 1 59  THR 59  78  78  THR THR A . n 
A 1 60  LEU 60  79  79  LEU LEU A . n 
A 1 61  THR 61  80  80  THR THR A . n 
A 1 62  GLU 62  81  81  GLU GLU A . n 
A 1 63  THR 63  82  82  THR THR A . n 
A 1 64  THR 64  83  83  THR THR A . n 
A 1 65  ASP 65  84  84  ASP ASP A . n 
A 1 66  TYR 66  85  85  TYR TYR A . n 
A 1 67  ALA 67  86  86  ALA ALA A . n 
A 1 68  GLY 68  87  87  GLY GLY A . n 
A 1 69  LEU 69  88  88  LEU LEU A . n 
A 1 70  ILE 70  89  89  ILE ILE A . n 
A 1 71  ILE 71  90  90  ILE ILE A . n 
A 1 72  PRO 72  91  91  PRO PRO A . n 
A 1 73  PRO 73  92  92  PRO PRO A . n 
A 1 74  ALA 74  93  93  ALA ALA A . n 
A 1 75  PRO 75  94  94  PRO PRO A . n 
A 1 76  THR 76  95  95  THR THR A . n 
A 1 77  LYS 77  96  96  LYS LYS A . n 
A 1 78  PRO 78  97  97  PRO PRO A . n 
A 1 79  ASP 79  98  98  ASP ASP A . n 
A 1 80  PHE 80  99  99  PHE PHE A . n 
A 1 81  ASP 81  100 100 ASP ASP A . n 
A 1 82  GLY 82  101 101 GLY GLY A . n 
A 1 83  PRO 83  102 102 PRO PRO A . n 
A 1 84  ARG 84  103 103 ARG ARG A . n 
A 1 85  GLU 85  104 104 GLU GLU A . n 
A 1 86  LYS 86  105 105 LYS LYS A . n 
A 1 87  MSE 87  106 106 MSE MSE A . n 
A 1 88  GLN 88  107 107 GLN GLN A . n 
A 1 89  LYS 89  108 108 LYS LYS A . n 
A 1 90  LEU 90  109 109 LEU LEU A . n 
A 1 91  GLY 91  110 110 GLY GLY A . n 
A 1 92  GLU 92  111 111 GLU GLU A . n 
A 1 93  GLY 93  112 112 GLY GLY A . n 
A 1 94  GLU 94  113 113 GLU GLU A . n 
A 1 95  GLY 95  114 114 GLY GLY A . n 
A 1 96  SER 96  115 115 SER SER A . n 
A 1 97  MSE 97  116 116 MSE MSE A . n 
A 1 98  THR 98  117 117 THR THR A . n 
A 1 99  LYS 99  118 118 LYS LYS A . n 
A 1 100 GLU 100 119 119 GLU GLU A . n 
A 1 101 GLU 101 120 120 GLU GLU A . n 
A 1 102 PHE 102 121 121 PHE PHE A . n 
A 1 103 ALA 103 122 122 ALA ALA A . n 
A 1 104 LYS 104 123 123 LYS LYS A . n 
A 1 105 MSE 105 124 124 MSE MSE A . n 
A 1 106 LYS 106 125 125 LYS LYS A . n 
A 1 107 GLN 107 126 126 GLN GLN A . n 
A 1 108 GLU 108 127 127 GLU GLU A . n 
A 1 109 LEU 109 128 128 LEU LEU A . n 
A 1 110 GLU 110 129 129 GLU GLU A . n 
A 1 111 ALA 111 130 130 ALA ALA A . n 
A 1 112 GLU 112 131 131 GLU GLU A . n 
A 1 113 TYR 113 132 132 TYR TYR A . n 
A 1 114 LEU 114 133 133 LEU LEU A . n 
A 1 115 ALA 115 134 134 ALA ALA A . n 
A 1 116 VAL 116 135 135 VAL VAL A . n 
A 1 117 PHE 117 136 136 PHE PHE A . n 
A 1 118 LYS 118 137 137 LYS LYS A . n 
A 1 119 LYS 119 138 138 LYS LYS A . n 
A 1 120 THR 120 139 139 THR THR A . n 
A 1 121 VAL 121 140 140 VAL VAL A . n 
A 1 122 SER 122 141 141 SER SER A . n 
A 1 123 SER 123 142 142 SER SER A . n 
A 1 124 HIS 124 143 143 HIS HIS A . n 
A 1 125 GLU 125 144 144 GLU GLU A . n 
A 1 126 VAL 126 145 145 VAL VAL A . n 
A 1 127 PHE 127 146 146 PHE PHE A . n 
A 1 128 LEU 128 147 147 LEU LEU A . n 
A 1 129 GLN 129 148 148 GLN GLN A . n 
A 1 130 ARG 130 149 149 ARG ARG A . n 
A 1 131 LEU 131 150 150 LEU LEU A . n 
A 1 132 SER 132 151 151 SER SER A . n 
A 1 133 SER 133 152 152 SER SER A . n 
A 1 134 HIS 134 153 153 HIS HIS A . n 
A 1 135 PRO 135 154 154 PRO PRO A . n 
A 1 136 VAL 136 155 155 VAL VAL A . n 
A 1 137 LEU 137 156 156 LEU LEU A . n 
A 1 138 SER 138 157 157 SER SER A . n 
A 1 139 LYS 139 158 158 LYS LYS A . n 
A 1 140 ASP 140 159 159 ASP ASP A . n 
A 1 141 ARG 141 160 160 ARG ARG A . n 
A 1 142 ASN 142 161 161 ASN ASN A . n 
A 1 143 PHE 143 162 162 PHE PHE A . n 
A 1 144 HIS 144 163 163 HIS HIS A . n 
A 1 145 VAL 145 164 164 VAL VAL A . n 
A 1 146 PHE 146 165 165 PHE PHE A . n 
A 1 147 LEU 147 166 166 LEU LEU A . n 
A 1 148 GLU 148 167 167 GLU GLU A . n 
A 1 149 TYR 149 168 168 TYR TYR A . n 
A 1 150 ASP 150 169 169 ASP ASP A . n 
A 1 151 GLN 151 170 170 GLN GLN A . n 
A 1 152 ASP 152 171 171 ASP ASP A . n 
A 1 153 LEU 153 172 172 LEU LEU A . n 
A 1 154 SER 154 173 173 SER SER A . n 
A 1 155 VAL 155 174 174 VAL VAL A . n 
A 1 156 ARG 156 175 ?   ?   ?   A . n 
A 1 157 ARG 157 176 ?   ?   ?   A . n 
A 1 158 LYS 158 177 ?   ?   ?   A . n 
A 1 159 ASN 159 178 ?   ?   ?   A . n 
A 1 160 THR 160 179 ?   ?   ?   A . n 
A 1 161 LYS 161 180 ?   ?   ?   A . n 
# 
loop_
_pdbx_nonpoly_scheme.asym_id 
_pdbx_nonpoly_scheme.entity_id 
_pdbx_nonpoly_scheme.mon_id 
_pdbx_nonpoly_scheme.ndb_seq_num 
_pdbx_nonpoly_scheme.pdb_seq_num 
_pdbx_nonpoly_scheme.auth_seq_num 
_pdbx_nonpoly_scheme.pdb_mon_id 
_pdbx_nonpoly_scheme.auth_mon_id 
_pdbx_nonpoly_scheme.pdb_strand_id 
_pdbx_nonpoly_scheme.pdb_ins_code 
B 2 CL  1   181 181 CL  CL  A . 
C 3 HOH 1   182 182 HOH HOH A . 
C 3 HOH 2   183 183 HOH HOH A . 
C 3 HOH 3   184 184 HOH HOH A . 
C 3 HOH 4   185 185 HOH HOH A . 
C 3 HOH 5   186 186 HOH HOH A . 
C 3 HOH 6   187 187 HOH HOH A . 
C 3 HOH 7   188 188 HOH HOH A . 
C 3 HOH 8   189 189 HOH HOH A . 
C 3 HOH 9   191 191 HOH HOH A . 
C 3 HOH 10  192 192 HOH HOH A . 
C 3 HOH 11  193 193 HOH HOH A . 
C 3 HOH 12  194 194 HOH HOH A . 
C 3 HOH 13  196 196 HOH HOH A . 
C 3 HOH 14  197 197 HOH HOH A . 
C 3 HOH 15  198 198 HOH HOH A . 
C 3 HOH 16  199 199 HOH HOH A . 
C 3 HOH 17  200 200 HOH HOH A . 
C 3 HOH 18  201 201 HOH HOH A . 
C 3 HOH 19  202 202 HOH HOH A . 
C 3 HOH 20  203 203 HOH HOH A . 
C 3 HOH 21  204 204 HOH HOH A . 
C 3 HOH 22  205 205 HOH HOH A . 
C 3 HOH 23  206 206 HOH HOH A . 
C 3 HOH 24  207 207 HOH HOH A . 
C 3 HOH 25  208 208 HOH HOH A . 
C 3 HOH 26  209 209 HOH HOH A . 
C 3 HOH 27  210 210 HOH HOH A . 
C 3 HOH 28  211 211 HOH HOH A . 
C 3 HOH 29  212 212 HOH HOH A . 
C 3 HOH 30  213 213 HOH HOH A . 
C 3 HOH 31  214 214 HOH HOH A . 
C 3 HOH 32  215 215 HOH HOH A . 
C 3 HOH 33  216 216 HOH HOH A . 
C 3 HOH 34  217 217 HOH HOH A . 
C 3 HOH 35  218 218 HOH HOH A . 
C 3 HOH 36  219 219 HOH HOH A . 
C 3 HOH 37  220 220 HOH HOH A . 
C 3 HOH 38  221 221 HOH HOH A . 
C 3 HOH 39  222 222 HOH HOH A . 
C 3 HOH 40  223 223 HOH HOH A . 
C 3 HOH 41  224 224 HOH HOH A . 
C 3 HOH 42  225 225 HOH HOH A . 
C 3 HOH 43  226 226 HOH HOH A . 
C 3 HOH 44  227 227 HOH HOH A . 
C 3 HOH 45  228 228 HOH HOH A . 
C 3 HOH 46  229 229 HOH HOH A . 
C 3 HOH 47  230 230 HOH HOH A . 
C 3 HOH 48  231 231 HOH HOH A . 
C 3 HOH 49  232 232 HOH HOH A . 
C 3 HOH 50  233 233 HOH HOH A . 
C 3 HOH 51  234 234 HOH HOH A . 
C 3 HOH 52  235 235 HOH HOH A . 
C 3 HOH 53  236 236 HOH HOH A . 
C 3 HOH 54  237 237 HOH HOH A . 
C 3 HOH 55  238 238 HOH HOH A . 
C 3 HOH 56  239 239 HOH HOH A . 
C 3 HOH 57  240 240 HOH HOH A . 
C 3 HOH 58  241 241 HOH HOH A . 
C 3 HOH 59  242 242 HOH HOH A . 
C 3 HOH 60  243 243 HOH HOH A . 
C 3 HOH 61  244 244 HOH HOH A . 
C 3 HOH 62  245 245 HOH HOH A . 
C 3 HOH 63  246 246 HOH HOH A . 
C 3 HOH 64  247 247 HOH HOH A . 
C 3 HOH 65  248 248 HOH HOH A . 
C 3 HOH 66  249 249 HOH HOH A . 
C 3 HOH 67  250 250 HOH HOH A . 
C 3 HOH 68  251 251 HOH HOH A . 
C 3 HOH 69  253 253 HOH HOH A . 
C 3 HOH 70  254 254 HOH HOH A . 
C 3 HOH 71  255 255 HOH HOH A . 
C 3 HOH 72  256 256 HOH HOH A . 
C 3 HOH 73  257 257 HOH HOH A . 
C 3 HOH 74  258 258 HOH HOH A . 
C 3 HOH 75  259 259 HOH HOH A . 
C 3 HOH 76  260 260 HOH HOH A . 
C 3 HOH 77  261 261 HOH HOH A . 
C 3 HOH 78  262 262 HOH HOH A . 
C 3 HOH 79  263 263 HOH HOH A . 
C 3 HOH 80  264 264 HOH HOH A . 
C 3 HOH 81  265 265 HOH HOH A . 
C 3 HOH 82  266 266 HOH HOH A . 
C 3 HOH 83  267 267 HOH HOH A . 
C 3 HOH 84  268 268 HOH HOH A . 
C 3 HOH 85  269 269 HOH HOH A . 
C 3 HOH 86  270 270 HOH HOH A . 
C 3 HOH 87  271 271 HOH HOH A . 
C 3 HOH 88  272 272 HOH HOH A . 
C 3 HOH 89  273 273 HOH HOH A . 
C 3 HOH 90  274 274 HOH HOH A . 
C 3 HOH 91  275 275 HOH HOH A . 
C 3 HOH 92  276 276 HOH HOH A . 
C 3 HOH 93  277 277 HOH HOH A . 
C 3 HOH 94  278 278 HOH HOH A . 
C 3 HOH 95  279 279 HOH HOH A . 
C 3 HOH 96  280 280 HOH HOH A . 
C 3 HOH 97  281 281 HOH HOH A . 
C 3 HOH 98  282 282 HOH HOH A . 
C 3 HOH 99  283 283 HOH HOH A . 
C 3 HOH 100 284 284 HOH HOH A . 
C 3 HOH 101 285 285 HOH HOH A . 
C 3 HOH 102 286 286 HOH HOH A . 
C 3 HOH 103 287 287 HOH HOH A . 
C 3 HOH 104 289 289 HOH HOH A . 
C 3 HOH 105 290 290 HOH HOH A . 
C 3 HOH 106 291 291 HOH HOH A . 
C 3 HOH 107 292 292 HOH HOH A . 
C 3 HOH 108 293 293 HOH HOH A . 
C 3 HOH 109 294 294 HOH HOH A . 
C 3 HOH 110 295 295 HOH HOH A . 
C 3 HOH 111 297 297 HOH HOH A . 
C 3 HOH 112 298 298 HOH HOH A . 
C 3 HOH 113 300 300 HOH HOH A . 
C 3 HOH 114 301 301 HOH HOH A . 
C 3 HOH 115 302 302 HOH HOH A . 
C 3 HOH 116 303 303 HOH HOH A . 
C 3 HOH 117 304 304 HOH HOH A . 
C 3 HOH 118 305 305 HOH HOH A . 
C 3 HOH 119 306 306 HOH HOH A . 
C 3 HOH 120 307 307 HOH HOH A . 
C 3 HOH 121 308 308 HOH HOH A . 
C 3 HOH 122 309 309 HOH HOH A . 
C 3 HOH 123 310 310 HOH HOH A . 
C 3 HOH 124 311 311 HOH HOH A . 
C 3 HOH 125 312 312 HOH HOH A . 
C 3 HOH 126 313 313 HOH HOH A . 
C 3 HOH 127 314 314 HOH HOH A . 
C 3 HOH 128 315 315 HOH HOH A . 
C 3 HOH 129 316 316 HOH HOH A . 
C 3 HOH 130 317 317 HOH HOH A . 
C 3 HOH 131 318 318 HOH HOH A . 
C 3 HOH 132 319 319 HOH HOH A . 
C 3 HOH 133 320 320 HOH HOH A . 
C 3 HOH 134 321 321 HOH HOH A . 
C 3 HOH 135 322 322 HOH HOH A . 
# 
loop_
_software.name 
_software.classification 
_software.version 
_software.citation_id 
_software.pdbx_ordinal 
StructureStudio 'data collection' .        ? 1 
SnB             phasing           .        ? 2 
PHASER          phasing           .        ? 3 
REFMAC          refinement        5.5.0044 ? 4 
d*TREK          'data reduction'  .        ? 5 
d*TREK          'data scaling'    .        ? 6 
# 
_cell.entry_id           3HPB 
_cell.length_a           42.957 
_cell.length_b           75.874 
_cell.length_c           77.512 
_cell.angle_alpha        90.00 
_cell.angle_beta         90.00 
_cell.angle_gamma        90.00 
_cell.Z_PDB              4 
_cell.pdbx_unique_axis   ? 
_cell.length_a_esd       ? 
_cell.length_b_esd       ? 
_cell.length_c_esd       ? 
_cell.angle_alpha_esd    ? 
_cell.angle_beta_esd     ? 
_cell.angle_gamma_esd    ? 
# 
_symmetry.entry_id                         3HPB 
_symmetry.space_group_name_H-M             'P 21 21 21' 
_symmetry.pdbx_full_space_group_name_H-M   ? 
_symmetry.cell_setting                     ? 
_symmetry.Int_Tables_number                19 
_symmetry.space_group_name_Hall            ? 
# 
_exptl.entry_id          3HPB 
_exptl.method            'X-RAY DIFFRACTION' 
_exptl.crystals_number   2 
# 
_exptl_crystal.id                    1 
_exptl_crystal.density_meas          ? 
_exptl_crystal.density_Matthews      3.39 
_exptl_crystal.density_percent_sol   59.25 
_exptl_crystal.description           ? 
_exptl_crystal.F_000                 ? 
_exptl_crystal.preparation           ? 
# 
_exptl_crystal_grow.crystal_id      1 
_exptl_crystal_grow.method          ? 
_exptl_crystal_grow.temp            277 
_exptl_crystal_grow.temp_details    ? 
_exptl_crystal_grow.pH              8.0 
_exptl_crystal_grow.pdbx_pH_range   ? 
_exptl_crystal_grow.pdbx_details    
;the protein solution in the final superdex-75 buffer (20 mM Tris.HCl, 100 mM NaCl, 0.02% NaN3, pH 8.0) was concentrated to 8 mg/ml. The Se-Met derivative and the 2.19 A crystals were obtained using an optimized initial crystallization condition of 8 ul of protein vs 1 ul of reservoir solution (0.2M (NH4)2SO4, 0.1M Sodium cacodylate tryhydrate pH 6.5, 30% PEG 8000) at 4C by sitting drop vapor diffusion, VAPOR DIFFUSION, SITTING DROP, temperature 277K
;
# 
loop_
_diffrn.id 
_diffrn.ambient_temp 
_diffrn.ambient_temp_details 
_diffrn.crystal_id 
1 100 ? 1 
2 100 ? 1 
# 
loop_
_diffrn_detector.diffrn_id 
_diffrn_detector.detector 
_diffrn_detector.type 
_diffrn_detector.pdbx_collection_date 
_diffrn_detector.details 
1 CCD 'RIGAKU SATURN 944'    2006-10-17 MIRRORS 
2 CCD 'MARMOSAIC 300 mm CCD' 2008-11-18 
;ROSENBAUM-ROCK MONOCHROMATOR HIGH-RESOLUTION DOUBLE-CRYSTAL SI(220) SAGITTAL FO
CUSING, ROSENBAUM- ROCK VERTICAL FOCUSING MIRROR
;
# 
loop_
_diffrn_radiation.diffrn_id 
_diffrn_radiation.wavelength_id 
_diffrn_radiation.pdbx_monochromatic_or_laue_m_l 
_diffrn_radiation.monochromator 
_diffrn_radiation.pdbx_diffrn_protocol 
_diffrn_radiation.pdbx_scattering_type 
1 1 M 'OSMIC MIRRORS'                                       'SINGLE WAVELENGTH' x-ray 
2 1 M 'SI 220. ROSENBAUM-ROCK DOUBLE-CRYSTAL MONOCHROMATOR' MAD                 x-ray 
# 
loop_
_diffrn_radiation_wavelength.id 
_diffrn_radiation_wavelength.wavelength 
_diffrn_radiation_wavelength.wt 
1 1.5418 1.0 
2 0.9793 1.0 
3 0.9795 1.0 
4 0.9718 1.0 
# 
loop_
_diffrn_source.diffrn_id 
_diffrn_source.source 
_diffrn_source.type 
_diffrn_source.pdbx_synchrotron_site 
_diffrn_source.pdbx_synchrotron_beamline 
_diffrn_source.pdbx_wavelength 
_diffrn_source.pdbx_wavelength_list 
1 'ROTATING ANODE' 'RIGAKU FR-E SUPERBRIGHT' ?   ?     1.5418 ?                    
2 SYNCHROTRON      'APS BEAMLINE 22-ID'      APS 22-ID ?      0.9793,0.9795,0.9718 
# 
_reflns.entry_id                     3HPB 
_reflns.observed_criterion_sigma_I   3.000 
_reflns.observed_criterion_sigma_F   ? 
_reflns.d_resolution_low             28.780 
_reflns.d_resolution_high            2.190 
_reflns.number_obs                   12680 
_reflns.number_all                   ? 
_reflns.percent_possible_obs         93.4 
_reflns.pdbx_Rmerge_I_obs            0.03300 
_reflns.pdbx_Rsym_value              ? 
_reflns.pdbx_netI_over_sigmaI        28.1000 
_reflns.B_iso_Wilson_estimate        ? 
_reflns.pdbx_redundancy              4.180 
_reflns.R_free_details               ? 
_reflns.limit_h_max                  ? 
_reflns.limit_h_min                  ? 
_reflns.limit_k_max                  ? 
_reflns.limit_k_min                  ? 
_reflns.limit_l_max                  ? 
_reflns.limit_l_min                  ? 
_reflns.observed_criterion_F_max     ? 
_reflns.observed_criterion_F_min     ? 
_reflns.pdbx_chi_squared             ? 
_reflns.pdbx_scaling_rejects         ? 
_reflns.pdbx_diffrn_id               1,2 
_reflns.pdbx_ordinal                 1 
# 
_reflns_shell.d_res_high             2.19 
_reflns_shell.d_res_low              2.27 
_reflns_shell.percent_possible_all   62.3 
_reflns_shell.Rmerge_I_obs           0.25600 
_reflns_shell.pdbx_Rsym_value        ? 
_reflns_shell.meanI_over_sigI_obs    3.500 
_reflns_shell.pdbx_redundancy        2.05 
_reflns_shell.percent_possible_obs   ? 
_reflns_shell.number_unique_all      ? 
_reflns_shell.number_measured_all    ? 
_reflns_shell.number_measured_obs    ? 
_reflns_shell.number_unique_obs      ? 
_reflns_shell.pdbx_chi_squared       ? 
_reflns_shell.pdbx_diffrn_id         ? 
_reflns_shell.pdbx_ordinal           1 
# 
_refine.pdbx_refine_id                           'X-RAY DIFFRACTION' 
_refine.entry_id                                 3HPB 
_refine.ls_number_reflns_obs                     11436 
_refine.ls_number_reflns_all                     ? 
_refine.pdbx_ls_sigma_I                          ? 
_refine.pdbx_ls_sigma_F                          0.000 
_refine.pdbx_data_cutoff_high_absF               ? 
_refine.pdbx_data_cutoff_low_absF                ? 
_refine.pdbx_data_cutoff_high_rms_absF           ? 
_refine.ls_d_res_low                             28.78 
_refine.ls_d_res_high                            2.19 
_refine.ls_percent_reflns_obs                    93.3 
_refine.ls_R_factor_obs                          0.240 
_refine.ls_R_factor_all                          ? 
_refine.ls_R_factor_R_work                       0.236 
_refine.ls_R_factor_R_free                       0.284 
_refine.ls_R_factor_R_free_error                 ? 
_refine.ls_R_factor_R_free_error_details         ? 
_refine.ls_percent_reflns_R_free                 9.800 
_refine.ls_number_reflns_R_free                  1244 
_refine.ls_number_parameters                     ? 
_refine.ls_number_restraints                     ? 
_refine.occupancy_min                            ? 
_refine.occupancy_max                            ? 
_refine.correlation_coeff_Fo_to_Fc               0.945 
_refine.correlation_coeff_Fo_to_Fc_free          0.917 
_refine.B_iso_mean                               48.12 
_refine.aniso_B[1][1]                            -1.19000 
_refine.aniso_B[2][2]                            0.15000 
_refine.aniso_B[3][3]                            1.04000 
_refine.aniso_B[1][2]                            0.00000 
_refine.aniso_B[1][3]                            0.00000 
_refine.aniso_B[2][3]                            -0.00000 
_refine.solvent_model_details                    MASK 
_refine.solvent_model_param_ksol                 ? 
_refine.solvent_model_param_bsol                 ? 
_refine.pdbx_solvent_vdw_probe_radii             1.40 
_refine.pdbx_solvent_ion_probe_radii             0.80 
_refine.pdbx_solvent_shrinkage_radii             0.80 
_refine.pdbx_ls_cross_valid_method               THROUGHOUT 
_refine.details                                  'HYDROGENS HAVE BEEN ADDED IN THE RIDING POSITIONS' 
_refine.pdbx_starting_model                      ? 
_refine.pdbx_method_to_determine_struct          MAD 
_refine.pdbx_isotropic_thermal_model             ? 
_refine.pdbx_stereochemistry_target_values       'MAXIMUM LIKELIHOOD' 
_refine.pdbx_stereochem_target_val_spec_case     ? 
_refine.pdbx_R_Free_selection_details            RANDOM 
_refine.pdbx_overall_ESU_R                       0.271 
_refine.pdbx_overall_ESU_R_Free                  0.232 
_refine.overall_SU_ML                            0.157 
_refine.pdbx_overall_phase_error                 ? 
_refine.overall_SU_B                             6.449 
_refine.ls_redundancy_reflns_obs                 ? 
_refine.B_iso_min                                ? 
_refine.B_iso_max                                ? 
_refine.overall_SU_R_Cruickshank_DPI             ? 
_refine.overall_SU_R_free                        ? 
_refine.ls_wR_factor_R_free                      ? 
_refine.ls_wR_factor_R_work                      ? 
_refine.overall_FOM_free_R_set                   ? 
_refine.overall_FOM_work_R_set                   ? 
_refine.pdbx_diffrn_id                           1 
_refine.pdbx_TLS_residual_ADP_flag               ? 
_refine.pdbx_overall_SU_R_free_Cruickshank_DPI   ? 
_refine.pdbx_overall_SU_R_Blow_DPI               ? 
_refine.pdbx_overall_SU_R_free_Blow_DPI          ? 
# 
_refine_hist.pdbx_refine_id                   'X-RAY DIFFRACTION' 
_refine_hist.cycle_id                         LAST 
_refine_hist.pdbx_number_atoms_protein        1274 
_refine_hist.pdbx_number_atoms_nucleic_acid   0 
_refine_hist.pdbx_number_atoms_ligand         1 
_refine_hist.number_atoms_solvent             135 
_refine_hist.number_atoms_total               1410 
_refine_hist.d_res_high                       2.19 
_refine_hist.d_res_low                        28.78 
# 
loop_
_refine_ls_restr.type 
_refine_ls_restr.dev_ideal 
_refine_ls_restr.dev_ideal_target 
_refine_ls_restr.weight 
_refine_ls_restr.number 
_refine_ls_restr.pdbx_refine_id 
_refine_ls_restr.pdbx_restraint_function 
r_bond_refined_d             0.012  0.022  ? 1309 'X-RAY DIFFRACTION' ? 
r_bond_other_d               ?      ?      ? ?    'X-RAY DIFFRACTION' ? 
r_angle_refined_deg          1.284  1.966  ? 1783 'X-RAY DIFFRACTION' ? 
r_angle_other_deg            ?      ?      ? ?    'X-RAY DIFFRACTION' ? 
r_dihedral_angle_1_deg       5.259  5.000  ? 161  'X-RAY DIFFRACTION' ? 
r_dihedral_angle_2_deg       43.298 25.313 ? 64   'X-RAY DIFFRACTION' ? 
r_dihedral_angle_3_deg       16.213 15.000 ? 229  'X-RAY DIFFRACTION' ? 
r_dihedral_angle_4_deg       23.943 15.000 ? 5    'X-RAY DIFFRACTION' ? 
r_chiral_restr               0.101  0.200  ? 198  'X-RAY DIFFRACTION' ? 
r_gen_planes_refined         0.008  0.021  ? 1009 'X-RAY DIFFRACTION' ? 
r_gen_planes_other           ?      ?      ? ?    'X-RAY DIFFRACTION' ? 
r_nbd_refined                ?      ?      ? ?    'X-RAY DIFFRACTION' ? 
r_nbd_other                  ?      ?      ? ?    'X-RAY DIFFRACTION' ? 
r_nbtor_refined              ?      ?      ? ?    'X-RAY DIFFRACTION' ? 
r_nbtor_other                ?      ?      ? ?    'X-RAY DIFFRACTION' ? 
r_xyhbond_nbd_refined        ?      ?      ? ?    'X-RAY DIFFRACTION' ? 
r_xyhbond_nbd_other          ?      ?      ? ?    'X-RAY DIFFRACTION' ? 
r_metal_ion_refined          ?      ?      ? ?    'X-RAY DIFFRACTION' ? 
r_metal_ion_other            ?      ?      ? ?    'X-RAY DIFFRACTION' ? 
r_symmetry_vdw_refined       ?      ?      ? ?    'X-RAY DIFFRACTION' ? 
r_symmetry_vdw_other         ?      ?      ? ?    'X-RAY DIFFRACTION' ? 
r_symmetry_hbond_refined     ?      ?      ? ?    'X-RAY DIFFRACTION' ? 
r_symmetry_hbond_other       ?      ?      ? ?    'X-RAY DIFFRACTION' ? 
r_symmetry_metal_ion_refined ?      ?      ? ?    'X-RAY DIFFRACTION' ? 
r_symmetry_metal_ion_other   ?      ?      ? ?    'X-RAY DIFFRACTION' ? 
r_mcbond_it                  0.682  1.500  ? 799  'X-RAY DIFFRACTION' ? 
r_mcbond_other               ?      ?      ? ?    'X-RAY DIFFRACTION' ? 
r_mcangle_it                 1.324  2.000  ? 1315 'X-RAY DIFFRACTION' ? 
r_scbond_it                  2.156  3.000  ? 510  'X-RAY DIFFRACTION' ? 
r_scangle_it                 3.663  4.500  ? 468  'X-RAY DIFFRACTION' ? 
r_rigid_bond_restr           ?      ?      ? ?    'X-RAY DIFFRACTION' ? 
r_sphericity_free            ?      ?      ? ?    'X-RAY DIFFRACTION' ? 
r_sphericity_bonded          ?      ?      ? ?    'X-RAY DIFFRACTION' ? 
# 
_refine_ls_shell.pdbx_refine_id                   'X-RAY DIFFRACTION' 
_refine_ls_shell.pdbx_total_number_of_bins_used   20 
_refine_ls_shell.d_res_high                       2.19 
_refine_ls_shell.d_res_low                        2.25 
_refine_ls_shell.number_reflns_R_work             497 
_refine_ls_shell.R_factor_R_work                  0.3220 
_refine_ls_shell.percent_reflns_obs               57.01 
_refine_ls_shell.R_factor_R_free                  0.4700 
_refine_ls_shell.R_factor_R_free_error            ? 
_refine_ls_shell.percent_reflns_R_free            ? 
_refine_ls_shell.number_reflns_R_free             68 
_refine_ls_shell.number_reflns_all                ? 
_refine_ls_shell.R_factor_all                     ? 
_refine_ls_shell.redundancy_reflns_obs            ? 
_refine_ls_shell.number_reflns_obs                ? 
# 
_struct.entry_id                  3HPB 
_struct.title                     'Crystal structure of SNX5-PX domain in P212121 space group' 
_struct.pdbx_model_details        ? 
_struct.pdbx_CASP_flag            ? 
_struct.pdbx_model_type_details   ? 
# 
_struct_keywords.entry_id        3HPB 
_struct_keywords.pdbx_keywords   'PROTEIN TRANSPORT' 
_struct_keywords.text            'Sorting nexin, SNX5, Phox, PhosphatidylInositol, PI(4, 5)P2, PROTEIN TRANSPORT' 
# 
loop_
_struct_asym.id 
_struct_asym.pdbx_blank_PDB_chainid_flag 
_struct_asym.pdbx_modified 
_struct_asym.entity_id 
_struct_asym.details 
A N N 1 ? 
B N N 2 ? 
C N N 3 ? 
# 
_struct_ref.id                         1 
_struct_ref.db_name                    UNP 
_struct_ref.db_code                    B1H267_RAT 
_struct_ref.pdbx_db_accession          B1H267 
_struct_ref.entity_id                  1 
_struct_ref.pdbx_seq_one_letter_code   
;SVSVDLNVDPSLQIDIPDALSERDKVKFTVHTKTTLPTFQSPEFSVTRQHEDFVWLHDTLTETTDYAGLIIPPAPTKPDF
DGPREKMQKLGEGEGSMTKEEFAKMKQELEAEYLAVFKKTVSSHEVFLQRLSSHPVLSKDRNFHVFLEYDQDLSVRRKNT
K
;
_struct_ref.pdbx_align_begin           20 
_struct_ref.pdbx_db_isoform            ? 
# 
_struct_ref_seq.align_id                      1 
_struct_ref_seq.ref_id                        1 
_struct_ref_seq.pdbx_PDB_id_code              3HPB 
_struct_ref_seq.pdbx_strand_id                A 
_struct_ref_seq.seq_align_beg                 1 
_struct_ref_seq.pdbx_seq_align_beg_ins_code   ? 
_struct_ref_seq.seq_align_end                 161 
_struct_ref_seq.pdbx_seq_align_end_ins_code   ? 
_struct_ref_seq.pdbx_db_accession             B1H267 
_struct_ref_seq.db_align_beg                  20 
_struct_ref_seq.pdbx_db_align_beg_ins_code    ? 
_struct_ref_seq.db_align_end                  180 
_struct_ref_seq.pdbx_db_align_end_ins_code    ? 
_struct_ref_seq.pdbx_auth_seq_align_beg       20 
_struct_ref_seq.pdbx_auth_seq_align_end       180 
# 
_pdbx_struct_assembly.id                   1 
_pdbx_struct_assembly.details              author_and_software_defined_assembly 
_pdbx_struct_assembly.method_details       PISA 
_pdbx_struct_assembly.oligomeric_details   monomeric 
_pdbx_struct_assembly.oligomeric_count     1 
# 
_pdbx_struct_assembly_gen.assembly_id       1 
_pdbx_struct_assembly_gen.oper_expression   1 
_pdbx_struct_assembly_gen.asym_id_list      A,B,C 
# 
_pdbx_struct_oper_list.id                   1 
_pdbx_struct_oper_list.type                 'identity operation' 
_pdbx_struct_oper_list.name                 1_555 
_pdbx_struct_oper_list.symmetry_operation   x,y,z 
_pdbx_struct_oper_list.matrix[1][1]         1.0000000000 
_pdbx_struct_oper_list.matrix[1][2]         0.0000000000 
_pdbx_struct_oper_list.matrix[1][3]         0.0000000000 
_pdbx_struct_oper_list.vector[1]            0.0000000000 
_pdbx_struct_oper_list.matrix[2][1]         0.0000000000 
_pdbx_struct_oper_list.matrix[2][2]         1.0000000000 
_pdbx_struct_oper_list.matrix[2][3]         0.0000000000 
_pdbx_struct_oper_list.vector[2]            0.0000000000 
_pdbx_struct_oper_list.matrix[3][1]         0.0000000000 
_pdbx_struct_oper_list.matrix[3][2]         0.0000000000 
_pdbx_struct_oper_list.matrix[3][3]         1.0000000000 
_pdbx_struct_oper_list.vector[3]            0.0000000000 
# 
_struct_biol.id        1 
_struct_biol.details   ? 
# 
loop_
_struct_conf.conf_type_id 
_struct_conf.id 
_struct_conf.pdbx_PDB_helix_id 
_struct_conf.beg_label_comp_id 
_struct_conf.beg_label_asym_id 
_struct_conf.beg_label_seq_id 
_struct_conf.pdbx_beg_PDB_ins_code 
_struct_conf.end_label_comp_id 
_struct_conf.end_label_asym_id 
_struct_conf.end_label_seq_id 
_struct_conf.pdbx_end_PDB_ins_code 
_struct_conf.beg_auth_comp_id 
_struct_conf.beg_auth_asym_id 
_struct_conf.beg_auth_seq_id 
_struct_conf.end_auth_comp_id 
_struct_conf.end_auth_asym_id 
_struct_conf.end_auth_seq_id 
_struct_conf.pdbx_PDB_helix_class 
_struct_conf.details 
_struct_conf.pdbx_PDB_helix_length 
HELX_P HELX_P1 1 GLN A 49  ? GLU A 62  ? GLN A 68  GLU A 81  1 ? 14 
HELX_P HELX_P2 2 THR A 63  ? ALA A 67  ? THR A 82  ALA A 86  5 ? 5  
HELX_P HELX_P3 3 PHE A 80  ? GLY A 93  ? PHE A 99  GLY A 112 1 ? 14 
HELX_P HELX_P4 4 GLU A 94  ? MSE A 97  ? GLU A 113 MSE A 116 5 ? 4  
HELX_P HELX_P5 5 THR A 98  ? HIS A 134 ? THR A 117 HIS A 153 1 ? 37 
HELX_P HELX_P6 6 VAL A 136 ? LYS A 139 ? VAL A 155 LYS A 158 5 ? 4  
HELX_P HELX_P7 7 ASP A 140 ? TYR A 149 ? ASP A 159 TYR A 168 1 ? 10 
# 
_struct_conf_type.id          HELX_P 
_struct_conf_type.criteria    ? 
_struct_conf_type.reference   ? 
# 
loop_
_struct_conn.id 
_struct_conn.conn_type_id 
_struct_conn.pdbx_leaving_atom_flag 
_struct_conn.pdbx_PDB_id 
_struct_conn.ptnr1_label_asym_id 
_struct_conn.ptnr1_label_comp_id 
_struct_conn.ptnr1_label_seq_id 
_struct_conn.ptnr1_label_atom_id 
_struct_conn.pdbx_ptnr1_label_alt_id 
_struct_conn.pdbx_ptnr1_PDB_ins_code 
_struct_conn.pdbx_ptnr1_standard_comp_id 
_struct_conn.ptnr1_symmetry 
_struct_conn.ptnr2_label_asym_id 
_struct_conn.ptnr2_label_comp_id 
_struct_conn.ptnr2_label_seq_id 
_struct_conn.ptnr2_label_atom_id 
_struct_conn.pdbx_ptnr2_label_alt_id 
_struct_conn.pdbx_ptnr2_PDB_ins_code 
_struct_conn.ptnr1_auth_asym_id 
_struct_conn.ptnr1_auth_comp_id 
_struct_conn.ptnr1_auth_seq_id 
_struct_conn.ptnr2_auth_asym_id 
_struct_conn.ptnr2_auth_comp_id 
_struct_conn.ptnr2_auth_seq_id 
_struct_conn.ptnr2_symmetry 
_struct_conn.pdbx_ptnr3_label_atom_id 
_struct_conn.pdbx_ptnr3_label_seq_id 
_struct_conn.pdbx_ptnr3_label_comp_id 
_struct_conn.pdbx_ptnr3_label_asym_id 
_struct_conn.pdbx_ptnr3_label_alt_id 
_struct_conn.pdbx_ptnr3_PDB_ins_code 
_struct_conn.details 
_struct_conn.pdbx_dist_value 
_struct_conn.pdbx_value_order 
_struct_conn.pdbx_role 
covale1 covale both ? A LYS 86  C ? ? ? 1_555 A MSE 87  N ? ? A LYS 105 A MSE 106 1_555 ? ? ? ? ? ? ? 1.331 ? ? 
covale2 covale both ? A MSE 87  C ? ? ? 1_555 A GLN 88  N ? ? A MSE 106 A GLN 107 1_555 ? ? ? ? ? ? ? 1.329 ? ? 
covale3 covale both ? A SER 96  C ? ? ? 1_555 A MSE 97  N ? ? A SER 115 A MSE 116 1_555 ? ? ? ? ? ? ? 1.322 ? ? 
covale4 covale both ? A MSE 97  C ? ? ? 1_555 A THR 98  N ? ? A MSE 116 A THR 117 1_555 ? ? ? ? ? ? ? 1.331 ? ? 
covale5 covale both ? A LYS 104 C ? ? ? 1_555 A MSE 105 N ? ? A LYS 123 A MSE 124 1_555 ? ? ? ? ? ? ? 1.326 ? ? 
covale6 covale both ? A MSE 105 C ? ? ? 1_555 A LYS 106 N ? ? A MSE 124 A LYS 125 1_555 ? ? ? ? ? ? ? 1.326 ? ? 
# 
_struct_conn_type.id          covale 
_struct_conn_type.criteria    ? 
_struct_conn_type.reference   ? 
# 
loop_
_pdbx_modification_feature.ordinal 
_pdbx_modification_feature.label_comp_id 
_pdbx_modification_feature.label_asym_id 
_pdbx_modification_feature.label_seq_id 
_pdbx_modification_feature.label_alt_id 
_pdbx_modification_feature.modified_residue_label_comp_id 
_pdbx_modification_feature.modified_residue_label_asym_id 
_pdbx_modification_feature.modified_residue_label_seq_id 
_pdbx_modification_feature.modified_residue_label_alt_id 
_pdbx_modification_feature.auth_comp_id 
_pdbx_modification_feature.auth_asym_id 
_pdbx_modification_feature.auth_seq_id 
_pdbx_modification_feature.PDB_ins_code 
_pdbx_modification_feature.symmetry 
_pdbx_modification_feature.modified_residue_auth_comp_id 
_pdbx_modification_feature.modified_residue_auth_asym_id 
_pdbx_modification_feature.modified_residue_auth_seq_id 
_pdbx_modification_feature.modified_residue_PDB_ins_code 
_pdbx_modification_feature.modified_residue_symmetry 
_pdbx_modification_feature.comp_id_linking_atom 
_pdbx_modification_feature.modified_residue_id_linking_atom 
_pdbx_modification_feature.modified_residue_id 
_pdbx_modification_feature.ref_pcm_id 
_pdbx_modification_feature.ref_comp_id 
_pdbx_modification_feature.type 
_pdbx_modification_feature.category 
1 MSE A 87  ? . . . . MSE A 106 ? 1_555 . . . . . . . MET 1 MSE Selenomethionine 'Named protein modification' 
2 MSE A 97  ? . . . . MSE A 116 ? 1_555 . . . . . . . MET 1 MSE Selenomethionine 'Named protein modification' 
3 MSE A 105 ? . . . . MSE A 124 ? 1_555 . . . . . . . MET 1 MSE Selenomethionine 'Named protein modification' 
# 
loop_
_struct_sheet.id 
_struct_sheet.type 
_struct_sheet.number_strands 
_struct_sheet.details 
A ? 3 ? 
B ? 3 ? 
# 
loop_
_struct_sheet_order.sheet_id 
_struct_sheet_order.range_id_1 
_struct_sheet_order.range_id_2 
_struct_sheet_order.offset 
_struct_sheet_order.sense 
A 1 2 ? anti-parallel 
A 2 3 ? anti-parallel 
B 1 2 ? anti-parallel 
B 2 3 ? anti-parallel 
# 
loop_
_struct_sheet_range.sheet_id 
_struct_sheet_range.id 
_struct_sheet_range.beg_label_comp_id 
_struct_sheet_range.beg_label_asym_id 
_struct_sheet_range.beg_label_seq_id 
_struct_sheet_range.pdbx_beg_PDB_ins_code 
_struct_sheet_range.end_label_comp_id 
_struct_sheet_range.end_label_asym_id 
_struct_sheet_range.end_label_seq_id 
_struct_sheet_range.pdbx_end_PDB_ins_code 
_struct_sheet_range.beg_auth_comp_id 
_struct_sheet_range.beg_auth_asym_id 
_struct_sheet_range.beg_auth_seq_id 
_struct_sheet_range.end_auth_comp_id 
_struct_sheet_range.end_auth_asym_id 
_struct_sheet_range.end_auth_seq_id 
A 1 LEU A 12 ? ASP A 15 ? LEU A 31 ASP A 34 
A 2 LYS A 25 ? THR A 34 ? LYS A 44 THR A 53 
A 3 ALA A 19 ? GLU A 22 ? ALA A 38 GLU A 41 
B 1 LEU A 12 ? ASP A 15 ? LEU A 31 ASP A 34 
B 2 LYS A 25 ? THR A 34 ? LYS A 44 THR A 53 
B 3 GLU A 43 ? ARG A 48 ? GLU A 62 ARG A 67 
# 
loop_
_pdbx_struct_sheet_hbond.sheet_id 
_pdbx_struct_sheet_hbond.range_id_1 
_pdbx_struct_sheet_hbond.range_id_2 
_pdbx_struct_sheet_hbond.range_1_label_atom_id 
_pdbx_struct_sheet_hbond.range_1_label_comp_id 
_pdbx_struct_sheet_hbond.range_1_label_asym_id 
_pdbx_struct_sheet_hbond.range_1_label_seq_id 
_pdbx_struct_sheet_hbond.range_1_PDB_ins_code 
_pdbx_struct_sheet_hbond.range_1_auth_atom_id 
_pdbx_struct_sheet_hbond.range_1_auth_comp_id 
_pdbx_struct_sheet_hbond.range_1_auth_asym_id 
_pdbx_struct_sheet_hbond.range_1_auth_seq_id 
_pdbx_struct_sheet_hbond.range_2_label_atom_id 
_pdbx_struct_sheet_hbond.range_2_label_comp_id 
_pdbx_struct_sheet_hbond.range_2_label_asym_id 
_pdbx_struct_sheet_hbond.range_2_label_seq_id 
_pdbx_struct_sheet_hbond.range_2_PDB_ins_code 
_pdbx_struct_sheet_hbond.range_2_auth_atom_id 
_pdbx_struct_sheet_hbond.range_2_auth_comp_id 
_pdbx_struct_sheet_hbond.range_2_auth_asym_id 
_pdbx_struct_sheet_hbond.range_2_auth_seq_id 
A 1 2 N GLN A 13 ? N GLN A 32 O LYS A 33 ? O LYS A 52 
A 2 3 O LYS A 27 ? O LYS A 46 N LEU A 20 ? N LEU A 39 
B 1 2 N GLN A 13 ? N GLN A 32 O LYS A 33 ? O LYS A 52 
B 2 3 N THR A 32 ? N THR A 51 O PHE A 44 ? O PHE A 63 
# 
_struct_site.id                   AC1 
_struct_site.pdbx_evidence_code   Software 
_struct_site.pdbx_auth_asym_id    A 
_struct_site.pdbx_auth_comp_id    CL 
_struct_site.pdbx_auth_seq_id     181 
_struct_site.pdbx_auth_ins_code   ? 
_struct_site.pdbx_num_residues    2 
_struct_site.details              'BINDING SITE FOR RESIDUE CL A 181' 
# 
loop_
_struct_site_gen.id 
_struct_site_gen.site_id 
_struct_site_gen.pdbx_num_res 
_struct_site_gen.label_comp_id 
_struct_site_gen.label_asym_id 
_struct_site_gen.label_seq_id 
_struct_site_gen.pdbx_auth_ins_code 
_struct_site_gen.auth_comp_id 
_struct_site_gen.auth_asym_id 
_struct_site_gen.auth_seq_id 
_struct_site_gen.label_atom_id 
_struct_site_gen.label_alt_id 
_struct_site_gen.symmetry 
_struct_site_gen.details 
1 AC1 2 VAL A 26 ? VAL A 45  . ? 1_555 ? 
2 AC1 2 HOH C .  ? HOH A 193 . ? 1_555 ? 
# 
_pdbx_entry_details.entry_id                   3HPB 
_pdbx_entry_details.sequence_details           
;THE ORIGINAL CONSTRUCT CONTAINED RESIDUES 1-180. THE FINAL CRYSTALLIZED PROTEIN CONSTRUCT SPANS FROM RESIDUES 20 TO 180 DUE TO NON-SPECIFIC CLEAVAGE BY THROMBIN PROTEASE
;
_pdbx_entry_details.compound_details           ? 
_pdbx_entry_details.source_details             ? 
_pdbx_entry_details.nonpolymer_details         ? 
_pdbx_entry_details.has_ligand_of_interest     ? 
_pdbx_entry_details.has_protein_modification   Y 
# 
loop_
_pdbx_validate_torsion.id 
_pdbx_validate_torsion.PDB_model_num 
_pdbx_validate_torsion.auth_comp_id 
_pdbx_validate_torsion.auth_asym_id 
_pdbx_validate_torsion.auth_seq_id 
_pdbx_validate_torsion.PDB_ins_code 
_pdbx_validate_torsion.label_alt_id 
_pdbx_validate_torsion.phi 
_pdbx_validate_torsion.psi 
1 1 ASP A 28  ? ? 34.84  57.16  
2 1 TYR A 168 ? ? -49.03 108.33 
3 1 ASP A 169 ? A -93.23 37.35  
4 1 ASP A 169 ? B -96.30 39.96  
# 
loop_
_pdbx_struct_mod_residue.id 
_pdbx_struct_mod_residue.label_asym_id 
_pdbx_struct_mod_residue.label_comp_id 
_pdbx_struct_mod_residue.label_seq_id 
_pdbx_struct_mod_residue.auth_asym_id 
_pdbx_struct_mod_residue.auth_comp_id 
_pdbx_struct_mod_residue.auth_seq_id 
_pdbx_struct_mod_residue.PDB_ins_code 
_pdbx_struct_mod_residue.parent_comp_id 
_pdbx_struct_mod_residue.details 
1 A MSE 87  A MSE 106 ? MET SELENOMETHIONINE 
2 A MSE 97  A MSE 116 ? MET SELENOMETHIONINE 
3 A MSE 105 A MSE 124 ? MET SELENOMETHIONINE 
# 
loop_
_pdbx_unobs_or_zero_occ_residues.id 
_pdbx_unobs_or_zero_occ_residues.PDB_model_num 
_pdbx_unobs_or_zero_occ_residues.polymer_flag 
_pdbx_unobs_or_zero_occ_residues.occupancy_flag 
_pdbx_unobs_or_zero_occ_residues.auth_asym_id 
_pdbx_unobs_or_zero_occ_residues.auth_comp_id 
_pdbx_unobs_or_zero_occ_residues.auth_seq_id 
_pdbx_unobs_or_zero_occ_residues.PDB_ins_code 
_pdbx_unobs_or_zero_occ_residues.label_asym_id 
_pdbx_unobs_or_zero_occ_residues.label_comp_id 
_pdbx_unobs_or_zero_occ_residues.label_seq_id 
1 1 Y 1 A SER 20  ? A SER 1   
2 1 Y 1 A ARG 175 ? A ARG 156 
3 1 Y 1 A ARG 176 ? A ARG 157 
4 1 Y 1 A LYS 177 ? A LYS 158 
5 1 Y 1 A ASN 178 ? A ASN 159 
6 1 Y 1 A THR 179 ? A THR 160 
7 1 Y 1 A LYS 180 ? A LYS 161 
# 
loop_
_chem_comp_atom.comp_id 
_chem_comp_atom.atom_id 
_chem_comp_atom.type_symbol 
_chem_comp_atom.pdbx_aromatic_flag 
_chem_comp_atom.pdbx_stereo_config 
_chem_comp_atom.pdbx_ordinal 
ALA N    N  N N 1   
ALA CA   C  N S 2   
ALA C    C  N N 3   
ALA O    O  N N 4   
ALA CB   C  N N 5   
ALA OXT  O  N N 6   
ALA H    H  N N 7   
ALA H2   H  N N 8   
ALA HA   H  N N 9   
ALA HB1  H  N N 10  
ALA HB2  H  N N 11  
ALA HB3  H  N N 12  
ALA HXT  H  N N 13  
ARG N    N  N N 14  
ARG CA   C  N S 15  
ARG C    C  N N 16  
ARG O    O  N N 17  
ARG CB   C  N N 18  
ARG CG   C  N N 19  
ARG CD   C  N N 20  
ARG NE   N  N N 21  
ARG CZ   C  N N 22  
ARG NH1  N  N N 23  
ARG NH2  N  N N 24  
ARG OXT  O  N N 25  
ARG H    H  N N 26  
ARG H2   H  N N 27  
ARG HA   H  N N 28  
ARG HB2  H  N N 29  
ARG HB3  H  N N 30  
ARG HG2  H  N N 31  
ARG HG3  H  N N 32  
ARG HD2  H  N N 33  
ARG HD3  H  N N 34  
ARG HE   H  N N 35  
ARG HH11 H  N N 36  
ARG HH12 H  N N 37  
ARG HH21 H  N N 38  
ARG HH22 H  N N 39  
ARG HXT  H  N N 40  
ASN N    N  N N 41  
ASN CA   C  N S 42  
ASN C    C  N N 43  
ASN O    O  N N 44  
ASN CB   C  N N 45  
ASN CG   C  N N 46  
ASN OD1  O  N N 47  
ASN ND2  N  N N 48  
ASN OXT  O  N N 49  
ASN H    H  N N 50  
ASN H2   H  N N 51  
ASN HA   H  N N 52  
ASN HB2  H  N N 53  
ASN HB3  H  N N 54  
ASN HD21 H  N N 55  
ASN HD22 H  N N 56  
ASN HXT  H  N N 57  
ASP N    N  N N 58  
ASP CA   C  N S 59  
ASP C    C  N N 60  
ASP O    O  N N 61  
ASP CB   C  N N 62  
ASP CG   C  N N 63  
ASP OD1  O  N N 64  
ASP OD2  O  N N 65  
ASP OXT  O  N N 66  
ASP H    H  N N 67  
ASP H2   H  N N 68  
ASP HA   H  N N 69  
ASP HB2  H  N N 70  
ASP HB3  H  N N 71  
ASP HD2  H  N N 72  
ASP HXT  H  N N 73  
CL  CL   CL N N 74  
GLN N    N  N N 75  
GLN CA   C  N S 76  
GLN C    C  N N 77  
GLN O    O  N N 78  
GLN CB   C  N N 79  
GLN CG   C  N N 80  
GLN CD   C  N N 81  
GLN OE1  O  N N 82  
GLN NE2  N  N N 83  
GLN OXT  O  N N 84  
GLN H    H  N N 85  
GLN H2   H  N N 86  
GLN HA   H  N N 87  
GLN HB2  H  N N 88  
GLN HB3  H  N N 89  
GLN HG2  H  N N 90  
GLN HG3  H  N N 91  
GLN HE21 H  N N 92  
GLN HE22 H  N N 93  
GLN HXT  H  N N 94  
GLU N    N  N N 95  
GLU CA   C  N S 96  
GLU C    C  N N 97  
GLU O    O  N N 98  
GLU CB   C  N N 99  
GLU CG   C  N N 100 
GLU CD   C  N N 101 
GLU OE1  O  N N 102 
GLU OE2  O  N N 103 
GLU OXT  O  N N 104 
GLU H    H  N N 105 
GLU H2   H  N N 106 
GLU HA   H  N N 107 
GLU HB2  H  N N 108 
GLU HB3  H  N N 109 
GLU HG2  H  N N 110 
GLU HG3  H  N N 111 
GLU HE2  H  N N 112 
GLU HXT  H  N N 113 
GLY N    N  N N 114 
GLY CA   C  N N 115 
GLY C    C  N N 116 
GLY O    O  N N 117 
GLY OXT  O  N N 118 
GLY H    H  N N 119 
GLY H2   H  N N 120 
GLY HA2  H  N N 121 
GLY HA3  H  N N 122 
GLY HXT  H  N N 123 
HIS N    N  N N 124 
HIS CA   C  N S 125 
HIS C    C  N N 126 
HIS O    O  N N 127 
HIS CB   C  N N 128 
HIS CG   C  Y N 129 
HIS ND1  N  Y N 130 
HIS CD2  C  Y N 131 
HIS CE1  C  Y N 132 
HIS NE2  N  Y N 133 
HIS OXT  O  N N 134 
HIS H    H  N N 135 
HIS H2   H  N N 136 
HIS HA   H  N N 137 
HIS HB2  H  N N 138 
HIS HB3  H  N N 139 
HIS HD1  H  N N 140 
HIS HD2  H  N N 141 
HIS HE1  H  N N 142 
HIS HE2  H  N N 143 
HIS HXT  H  N N 144 
HOH O    O  N N 145 
HOH H1   H  N N 146 
HOH H2   H  N N 147 
ILE N    N  N N 148 
ILE CA   C  N S 149 
ILE C    C  N N 150 
ILE O    O  N N 151 
ILE CB   C  N S 152 
ILE CG1  C  N N 153 
ILE CG2  C  N N 154 
ILE CD1  C  N N 155 
ILE OXT  O  N N 156 
ILE H    H  N N 157 
ILE H2   H  N N 158 
ILE HA   H  N N 159 
ILE HB   H  N N 160 
ILE HG12 H  N N 161 
ILE HG13 H  N N 162 
ILE HG21 H  N N 163 
ILE HG22 H  N N 164 
ILE HG23 H  N N 165 
ILE HD11 H  N N 166 
ILE HD12 H  N N 167 
ILE HD13 H  N N 168 
ILE HXT  H  N N 169 
LEU N    N  N N 170 
LEU CA   C  N S 171 
LEU C    C  N N 172 
LEU O    O  N N 173 
LEU CB   C  N N 174 
LEU CG   C  N N 175 
LEU CD1  C  N N 176 
LEU CD2  C  N N 177 
LEU OXT  O  N N 178 
LEU H    H  N N 179 
LEU H2   H  N N 180 
LEU HA   H  N N 181 
LEU HB2  H  N N 182 
LEU HB3  H  N N 183 
LEU HG   H  N N 184 
LEU HD11 H  N N 185 
LEU HD12 H  N N 186 
LEU HD13 H  N N 187 
LEU HD21 H  N N 188 
LEU HD22 H  N N 189 
LEU HD23 H  N N 190 
LEU HXT  H  N N 191 
LYS N    N  N N 192 
LYS CA   C  N S 193 
LYS C    C  N N 194 
LYS O    O  N N 195 
LYS CB   C  N N 196 
LYS CG   C  N N 197 
LYS CD   C  N N 198 
LYS CE   C  N N 199 
LYS NZ   N  N N 200 
LYS OXT  O  N N 201 
LYS H    H  N N 202 
LYS H2   H  N N 203 
LYS HA   H  N N 204 
LYS HB2  H  N N 205 
LYS HB3  H  N N 206 
LYS HG2  H  N N 207 
LYS HG3  H  N N 208 
LYS HD2  H  N N 209 
LYS HD3  H  N N 210 
LYS HE2  H  N N 211 
LYS HE3  H  N N 212 
LYS HZ1  H  N N 213 
LYS HZ2  H  N N 214 
LYS HZ3  H  N N 215 
LYS HXT  H  N N 216 
MSE N    N  N N 217 
MSE CA   C  N S 218 
MSE C    C  N N 219 
MSE O    O  N N 220 
MSE OXT  O  N N 221 
MSE CB   C  N N 222 
MSE CG   C  N N 223 
MSE SE   SE N N 224 
MSE CE   C  N N 225 
MSE H    H  N N 226 
MSE H2   H  N N 227 
MSE HA   H  N N 228 
MSE HXT  H  N N 229 
MSE HB2  H  N N 230 
MSE HB3  H  N N 231 
MSE HG2  H  N N 232 
MSE HG3  H  N N 233 
MSE HE1  H  N N 234 
MSE HE2  H  N N 235 
MSE HE3  H  N N 236 
PHE N    N  N N 237 
PHE CA   C  N S 238 
PHE C    C  N N 239 
PHE O    O  N N 240 
PHE CB   C  N N 241 
PHE CG   C  Y N 242 
PHE CD1  C  Y N 243 
PHE CD2  C  Y N 244 
PHE CE1  C  Y N 245 
PHE CE2  C  Y N 246 
PHE CZ   C  Y N 247 
PHE OXT  O  N N 248 
PHE H    H  N N 249 
PHE H2   H  N N 250 
PHE HA   H  N N 251 
PHE HB2  H  N N 252 
PHE HB3  H  N N 253 
PHE HD1  H  N N 254 
PHE HD2  H  N N 255 
PHE HE1  H  N N 256 
PHE HE2  H  N N 257 
PHE HZ   H  N N 258 
PHE HXT  H  N N 259 
PRO N    N  N N 260 
PRO CA   C  N S 261 
PRO C    C  N N 262 
PRO O    O  N N 263 
PRO CB   C  N N 264 
PRO CG   C  N N 265 
PRO CD   C  N N 266 
PRO OXT  O  N N 267 
PRO H    H  N N 268 
PRO HA   H  N N 269 
PRO HB2  H  N N 270 
PRO HB3  H  N N 271 
PRO HG2  H  N N 272 
PRO HG3  H  N N 273 
PRO HD2  H  N N 274 
PRO HD3  H  N N 275 
PRO HXT  H  N N 276 
SER N    N  N N 277 
SER CA   C  N S 278 
SER C    C  N N 279 
SER O    O  N N 280 
SER CB   C  N N 281 
SER OG   O  N N 282 
SER OXT  O  N N 283 
SER H    H  N N 284 
SER H2   H  N N 285 
SER HA   H  N N 286 
SER HB2  H  N N 287 
SER HB3  H  N N 288 
SER HG   H  N N 289 
SER HXT  H  N N 290 
THR N    N  N N 291 
THR CA   C  N S 292 
THR C    C  N N 293 
THR O    O  N N 294 
THR CB   C  N R 295 
THR OG1  O  N N 296 
THR CG2  C  N N 297 
THR OXT  O  N N 298 
THR H    H  N N 299 
THR H2   H  N N 300 
THR HA   H  N N 301 
THR HB   H  N N 302 
THR HG1  H  N N 303 
THR HG21 H  N N 304 
THR HG22 H  N N 305 
THR HG23 H  N N 306 
THR HXT  H  N N 307 
TRP N    N  N N 308 
TRP CA   C  N S 309 
TRP C    C  N N 310 
TRP O    O  N N 311 
TRP CB   C  N N 312 
TRP CG   C  Y N 313 
TRP CD1  C  Y N 314 
TRP CD2  C  Y N 315 
TRP NE1  N  Y N 316 
TRP CE2  C  Y N 317 
TRP CE3  C  Y N 318 
TRP CZ2  C  Y N 319 
TRP CZ3  C  Y N 320 
TRP CH2  C  Y N 321 
TRP OXT  O  N N 322 
TRP H    H  N N 323 
TRP H2   H  N N 324 
TRP HA   H  N N 325 
TRP HB2  H  N N 326 
TRP HB3  H  N N 327 
TRP HD1  H  N N 328 
TRP HE1  H  N N 329 
TRP HE3  H  N N 330 
TRP HZ2  H  N N 331 
TRP HZ3  H  N N 332 
TRP HH2  H  N N 333 
TRP HXT  H  N N 334 
TYR N    N  N N 335 
TYR CA   C  N S 336 
TYR C    C  N N 337 
TYR O    O  N N 338 
TYR CB   C  N N 339 
TYR CG   C  Y N 340 
TYR CD1  C  Y N 341 
TYR CD2  C  Y N 342 
TYR CE1  C  Y N 343 
TYR CE2  C  Y N 344 
TYR CZ   C  Y N 345 
TYR OH   O  N N 346 
TYR OXT  O  N N 347 
TYR H    H  N N 348 
TYR H2   H  N N 349 
TYR HA   H  N N 350 
TYR HB2  H  N N 351 
TYR HB3  H  N N 352 
TYR HD1  H  N N 353 
TYR HD2  H  N N 354 
TYR HE1  H  N N 355 
TYR HE2  H  N N 356 
TYR HH   H  N N 357 
TYR HXT  H  N N 358 
VAL N    N  N N 359 
VAL CA   C  N S 360 
VAL C    C  N N 361 
VAL O    O  N N 362 
VAL CB   C  N N 363 
VAL CG1  C  N N 364 
VAL CG2  C  N N 365 
VAL OXT  O  N N 366 
VAL H    H  N N 367 
VAL H2   H  N N 368 
VAL HA   H  N N 369 
VAL HB   H  N N 370 
VAL HG11 H  N N 371 
VAL HG12 H  N N 372 
VAL HG13 H  N N 373 
VAL HG21 H  N N 374 
VAL HG22 H  N N 375 
VAL HG23 H  N N 376 
VAL HXT  H  N N 377 
# 
loop_
_chem_comp_bond.comp_id 
_chem_comp_bond.atom_id_1 
_chem_comp_bond.atom_id_2 
_chem_comp_bond.value_order 
_chem_comp_bond.pdbx_aromatic_flag 
_chem_comp_bond.pdbx_stereo_config 
_chem_comp_bond.pdbx_ordinal 
ALA N   CA   sing N N 1   
ALA N   H    sing N N 2   
ALA N   H2   sing N N 3   
ALA CA  C    sing N N 4   
ALA CA  CB   sing N N 5   
ALA CA  HA   sing N N 6   
ALA C   O    doub N N 7   
ALA C   OXT  sing N N 8   
ALA CB  HB1  sing N N 9   
ALA CB  HB2  sing N N 10  
ALA CB  HB3  sing N N 11  
ALA OXT HXT  sing N N 12  
ARG N   CA   sing N N 13  
ARG N   H    sing N N 14  
ARG N   H2   sing N N 15  
ARG CA  C    sing N N 16  
ARG CA  CB   sing N N 17  
ARG CA  HA   sing N N 18  
ARG C   O    doub N N 19  
ARG C   OXT  sing N N 20  
ARG CB  CG   sing N N 21  
ARG CB  HB2  sing N N 22  
ARG CB  HB3  sing N N 23  
ARG CG  CD   sing N N 24  
ARG CG  HG2  sing N N 25  
ARG CG  HG3  sing N N 26  
ARG CD  NE   sing N N 27  
ARG CD  HD2  sing N N 28  
ARG CD  HD3  sing N N 29  
ARG NE  CZ   sing N N 30  
ARG NE  HE   sing N N 31  
ARG CZ  NH1  sing N N 32  
ARG CZ  NH2  doub N N 33  
ARG NH1 HH11 sing N N 34  
ARG NH1 HH12 sing N N 35  
ARG NH2 HH21 sing N N 36  
ARG NH2 HH22 sing N N 37  
ARG OXT HXT  sing N N 38  
ASN N   CA   sing N N 39  
ASN N   H    sing N N 40  
ASN N   H2   sing N N 41  
ASN CA  C    sing N N 42  
ASN CA  CB   sing N N 43  
ASN CA  HA   sing N N 44  
ASN C   O    doub N N 45  
ASN C   OXT  sing N N 46  
ASN CB  CG   sing N N 47  
ASN CB  HB2  sing N N 48  
ASN CB  HB3  sing N N 49  
ASN CG  OD1  doub N N 50  
ASN CG  ND2  sing N N 51  
ASN ND2 HD21 sing N N 52  
ASN ND2 HD22 sing N N 53  
ASN OXT HXT  sing N N 54  
ASP N   CA   sing N N 55  
ASP N   H    sing N N 56  
ASP N   H2   sing N N 57  
ASP CA  C    sing N N 58  
ASP CA  CB   sing N N 59  
ASP CA  HA   sing N N 60  
ASP C   O    doub N N 61  
ASP C   OXT  sing N N 62  
ASP CB  CG   sing N N 63  
ASP CB  HB2  sing N N 64  
ASP CB  HB3  sing N N 65  
ASP CG  OD1  doub N N 66  
ASP CG  OD2  sing N N 67  
ASP OD2 HD2  sing N N 68  
ASP OXT HXT  sing N N 69  
GLN N   CA   sing N N 70  
GLN N   H    sing N N 71  
GLN N   H2   sing N N 72  
GLN CA  C    sing N N 73  
GLN CA  CB   sing N N 74  
GLN CA  HA   sing N N 75  
GLN C   O    doub N N 76  
GLN C   OXT  sing N N 77  
GLN CB  CG   sing N N 78  
GLN CB  HB2  sing N N 79  
GLN CB  HB3  sing N N 80  
GLN CG  CD   sing N N 81  
GLN CG  HG2  sing N N 82  
GLN CG  HG3  sing N N 83  
GLN CD  OE1  doub N N 84  
GLN CD  NE2  sing N N 85  
GLN NE2 HE21 sing N N 86  
GLN NE2 HE22 sing N N 87  
GLN OXT HXT  sing N N 88  
GLU N   CA   sing N N 89  
GLU N   H    sing N N 90  
GLU N   H2   sing N N 91  
GLU CA  C    sing N N 92  
GLU CA  CB   sing N N 93  
GLU CA  HA   sing N N 94  
GLU C   O    doub N N 95  
GLU C   OXT  sing N N 96  
GLU CB  CG   sing N N 97  
GLU CB  HB2  sing N N 98  
GLU CB  HB3  sing N N 99  
GLU CG  CD   sing N N 100 
GLU CG  HG2  sing N N 101 
GLU CG  HG3  sing N N 102 
GLU CD  OE1  doub N N 103 
GLU CD  OE2  sing N N 104 
GLU OE2 HE2  sing N N 105 
GLU OXT HXT  sing N N 106 
GLY N   CA   sing N N 107 
GLY N   H    sing N N 108 
GLY N   H2   sing N N 109 
GLY CA  C    sing N N 110 
GLY CA  HA2  sing N N 111 
GLY CA  HA3  sing N N 112 
GLY C   O    doub N N 113 
GLY C   OXT  sing N N 114 
GLY OXT HXT  sing N N 115 
HIS N   CA   sing N N 116 
HIS N   H    sing N N 117 
HIS N   H2   sing N N 118 
HIS CA  C    sing N N 119 
HIS CA  CB   sing N N 120 
HIS CA  HA   sing N N 121 
HIS C   O    doub N N 122 
HIS C   OXT  sing N N 123 
HIS CB  CG   sing N N 124 
HIS CB  HB2  sing N N 125 
HIS CB  HB3  sing N N 126 
HIS CG  ND1  sing Y N 127 
HIS CG  CD2  doub Y N 128 
HIS ND1 CE1  doub Y N 129 
HIS ND1 HD1  sing N N 130 
HIS CD2 NE2  sing Y N 131 
HIS CD2 HD2  sing N N 132 
HIS CE1 NE2  sing Y N 133 
HIS CE1 HE1  sing N N 134 
HIS NE2 HE2  sing N N 135 
HIS OXT HXT  sing N N 136 
HOH O   H1   sing N N 137 
HOH O   H2   sing N N 138 
ILE N   CA   sing N N 139 
ILE N   H    sing N N 140 
ILE N   H2   sing N N 141 
ILE CA  C    sing N N 142 
ILE CA  CB   sing N N 143 
ILE CA  HA   sing N N 144 
ILE C   O    doub N N 145 
ILE C   OXT  sing N N 146 
ILE CB  CG1  sing N N 147 
ILE CB  CG2  sing N N 148 
ILE CB  HB   sing N N 149 
ILE CG1 CD1  sing N N 150 
ILE CG1 HG12 sing N N 151 
ILE CG1 HG13 sing N N 152 
ILE CG2 HG21 sing N N 153 
ILE CG2 HG22 sing N N 154 
ILE CG2 HG23 sing N N 155 
ILE CD1 HD11 sing N N 156 
ILE CD1 HD12 sing N N 157 
ILE CD1 HD13 sing N N 158 
ILE OXT HXT  sing N N 159 
LEU N   CA   sing N N 160 
LEU N   H    sing N N 161 
LEU N   H2   sing N N 162 
LEU CA  C    sing N N 163 
LEU CA  CB   sing N N 164 
LEU CA  HA   sing N N 165 
LEU C   O    doub N N 166 
LEU C   OXT  sing N N 167 
LEU CB  CG   sing N N 168 
LEU CB  HB2  sing N N 169 
LEU CB  HB3  sing N N 170 
LEU CG  CD1  sing N N 171 
LEU CG  CD2  sing N N 172 
LEU CG  HG   sing N N 173 
LEU CD1 HD11 sing N N 174 
LEU CD1 HD12 sing N N 175 
LEU CD1 HD13 sing N N 176 
LEU CD2 HD21 sing N N 177 
LEU CD2 HD22 sing N N 178 
LEU CD2 HD23 sing N N 179 
LEU OXT HXT  sing N N 180 
LYS N   CA   sing N N 181 
LYS N   H    sing N N 182 
LYS N   H2   sing N N 183 
LYS CA  C    sing N N 184 
LYS CA  CB   sing N N 185 
LYS CA  HA   sing N N 186 
LYS C   O    doub N N 187 
LYS C   OXT  sing N N 188 
LYS CB  CG   sing N N 189 
LYS CB  HB2  sing N N 190 
LYS CB  HB3  sing N N 191 
LYS CG  CD   sing N N 192 
LYS CG  HG2  sing N N 193 
LYS CG  HG3  sing N N 194 
LYS CD  CE   sing N N 195 
LYS CD  HD2  sing N N 196 
LYS CD  HD3  sing N N 197 
LYS CE  NZ   sing N N 198 
LYS CE  HE2  sing N N 199 
LYS CE  HE3  sing N N 200 
LYS NZ  HZ1  sing N N 201 
LYS NZ  HZ2  sing N N 202 
LYS NZ  HZ3  sing N N 203 
LYS OXT HXT  sing N N 204 
MSE N   CA   sing N N 205 
MSE N   H    sing N N 206 
MSE N   H2   sing N N 207 
MSE CA  C    sing N N 208 
MSE CA  CB   sing N N 209 
MSE CA  HA   sing N N 210 
MSE C   O    doub N N 211 
MSE C   OXT  sing N N 212 
MSE OXT HXT  sing N N 213 
MSE CB  CG   sing N N 214 
MSE CB  HB2  sing N N 215 
MSE CB  HB3  sing N N 216 
MSE CG  SE   sing N N 217 
MSE CG  HG2  sing N N 218 
MSE CG  HG3  sing N N 219 
MSE SE  CE   sing N N 220 
MSE CE  HE1  sing N N 221 
MSE CE  HE2  sing N N 222 
MSE CE  HE3  sing N N 223 
PHE N   CA   sing N N 224 
PHE N   H    sing N N 225 
PHE N   H2   sing N N 226 
PHE CA  C    sing N N 227 
PHE CA  CB   sing N N 228 
PHE CA  HA   sing N N 229 
PHE C   O    doub N N 230 
PHE C   OXT  sing N N 231 
PHE CB  CG   sing N N 232 
PHE CB  HB2  sing N N 233 
PHE CB  HB3  sing N N 234 
PHE CG  CD1  doub Y N 235 
PHE CG  CD2  sing Y N 236 
PHE CD1 CE1  sing Y N 237 
PHE CD1 HD1  sing N N 238 
PHE CD2 CE2  doub Y N 239 
PHE CD2 HD2  sing N N 240 
PHE CE1 CZ   doub Y N 241 
PHE CE1 HE1  sing N N 242 
PHE CE2 CZ   sing Y N 243 
PHE CE2 HE2  sing N N 244 
PHE CZ  HZ   sing N N 245 
PHE OXT HXT  sing N N 246 
PRO N   CA   sing N N 247 
PRO N   CD   sing N N 248 
PRO N   H    sing N N 249 
PRO CA  C    sing N N 250 
PRO CA  CB   sing N N 251 
PRO CA  HA   sing N N 252 
PRO C   O    doub N N 253 
PRO C   OXT  sing N N 254 
PRO CB  CG   sing N N 255 
PRO CB  HB2  sing N N 256 
PRO CB  HB3  sing N N 257 
PRO CG  CD   sing N N 258 
PRO CG  HG2  sing N N 259 
PRO CG  HG3  sing N N 260 
PRO CD  HD2  sing N N 261 
PRO CD  HD3  sing N N 262 
PRO OXT HXT  sing N N 263 
SER N   CA   sing N N 264 
SER N   H    sing N N 265 
SER N   H2   sing N N 266 
SER CA  C    sing N N 267 
SER CA  CB   sing N N 268 
SER CA  HA   sing N N 269 
SER C   O    doub N N 270 
SER C   OXT  sing N N 271 
SER CB  OG   sing N N 272 
SER CB  HB2  sing N N 273 
SER CB  HB3  sing N N 274 
SER OG  HG   sing N N 275 
SER OXT HXT  sing N N 276 
THR N   CA   sing N N 277 
THR N   H    sing N N 278 
THR N   H2   sing N N 279 
THR CA  C    sing N N 280 
THR CA  CB   sing N N 281 
THR CA  HA   sing N N 282 
THR C   O    doub N N 283 
THR C   OXT  sing N N 284 
THR CB  OG1  sing N N 285 
THR CB  CG2  sing N N 286 
THR CB  HB   sing N N 287 
THR OG1 HG1  sing N N 288 
THR CG2 HG21 sing N N 289 
THR CG2 HG22 sing N N 290 
THR CG2 HG23 sing N N 291 
THR OXT HXT  sing N N 292 
TRP N   CA   sing N N 293 
TRP N   H    sing N N 294 
TRP N   H2   sing N N 295 
TRP CA  C    sing N N 296 
TRP CA  CB   sing N N 297 
TRP CA  HA   sing N N 298 
TRP C   O    doub N N 299 
TRP C   OXT  sing N N 300 
TRP CB  CG   sing N N 301 
TRP CB  HB2  sing N N 302 
TRP CB  HB3  sing N N 303 
TRP CG  CD1  doub Y N 304 
TRP CG  CD2  sing Y N 305 
TRP CD1 NE1  sing Y N 306 
TRP CD1 HD1  sing N N 307 
TRP CD2 CE2  doub Y N 308 
TRP CD2 CE3  sing Y N 309 
TRP NE1 CE2  sing Y N 310 
TRP NE1 HE1  sing N N 311 
TRP CE2 CZ2  sing Y N 312 
TRP CE3 CZ3  doub Y N 313 
TRP CE3 HE3  sing N N 314 
TRP CZ2 CH2  doub Y N 315 
TRP CZ2 HZ2  sing N N 316 
TRP CZ3 CH2  sing Y N 317 
TRP CZ3 HZ3  sing N N 318 
TRP CH2 HH2  sing N N 319 
TRP OXT HXT  sing N N 320 
TYR N   CA   sing N N 321 
TYR N   H    sing N N 322 
TYR N   H2   sing N N 323 
TYR CA  C    sing N N 324 
TYR CA  CB   sing N N 325 
TYR CA  HA   sing N N 326 
TYR C   O    doub N N 327 
TYR C   OXT  sing N N 328 
TYR CB  CG   sing N N 329 
TYR CB  HB2  sing N N 330 
TYR CB  HB3  sing N N 331 
TYR CG  CD1  doub Y N 332 
TYR CG  CD2  sing Y N 333 
TYR CD1 CE1  sing Y N 334 
TYR CD1 HD1  sing N N 335 
TYR CD2 CE2  doub Y N 336 
TYR CD2 HD2  sing N N 337 
TYR CE1 CZ   doub Y N 338 
TYR CE1 HE1  sing N N 339 
TYR CE2 CZ   sing Y N 340 
TYR CE2 HE2  sing N N 341 
TYR CZ  OH   sing N N 342 
TYR OH  HH   sing N N 343 
TYR OXT HXT  sing N N 344 
VAL N   CA   sing N N 345 
VAL N   H    sing N N 346 
VAL N   H2   sing N N 347 
VAL CA  C    sing N N 348 
VAL CA  CB   sing N N 349 
VAL CA  HA   sing N N 350 
VAL C   O    doub N N 351 
VAL C   OXT  sing N N 352 
VAL CB  CG1  sing N N 353 
VAL CB  CG2  sing N N 354 
VAL CB  HB   sing N N 355 
VAL CG1 HG11 sing N N 356 
VAL CG1 HG12 sing N N 357 
VAL CG1 HG13 sing N N 358 
VAL CG2 HG21 sing N N 359 
VAL CG2 HG22 sing N N 360 
VAL CG2 HG23 sing N N 361 
VAL OXT HXT  sing N N 362 
# 
_atom_sites.entry_id                    3HPB 
_atom_sites.fract_transf_matrix[1][1]   -0.00790234 
_atom_sites.fract_transf_matrix[1][2]   -0.00956945 
_atom_sites.fract_transf_matrix[1][3]   0.01969494 
_atom_sites.fract_transf_matrix[2][1]   -0.00217290 
_atom_sites.fract_transf_matrix[2][2]   0.01201393 
_atom_sites.fract_transf_matrix[2][3]   0.00496552 
_atom_sites.fract_transf_matrix[3][1]   -0.01194709 
_atom_sites.fract_transf_matrix[3][2]   -0.00014952 
_atom_sites.fract_transf_matrix[3][3]   -0.00486626 
_atom_sites.fract_transf_vector[1]      0.829656 
_atom_sites.fract_transf_vector[2]      0.697284 
_atom_sites.fract_transf_vector[3]      0.605429 
# 
loop_
_atom_type.symbol 
C  
CL 
N  
O  
SE 
# 
loop_
_atom_site.group_PDB 
_atom_site.id 
_atom_site.type_symbol 
_atom_site.label_atom_id 
_atom_site.label_alt_id 
_atom_site.label_comp_id 
_atom_site.label_asym_id 
_atom_site.label_entity_id 
_atom_site.label_seq_id 
_atom_site.pdbx_PDB_ins_code 
_atom_site.Cartn_x 
_atom_site.Cartn_y 
_atom_site.Cartn_z 
_atom_site.occupancy 
_atom_site.B_iso_or_equiv 
_atom_site.pdbx_formal_charge 
_atom_site.auth_seq_id 
_atom_site.auth_comp_id 
_atom_site.auth_asym_id 
_atom_site.auth_atom_id 
_atom_site.pdbx_PDB_model_num 
ATOM   1    N  N   . VAL A 1 2   ? 1.975   -10.625 31.460  1.00 63.59 ? 21  VAL A N   1 
ATOM   2    C  CA  . VAL A 1 2   ? 1.627   -9.953  30.162  1.00 63.43 ? 21  VAL A CA  1 
ATOM   3    C  C   . VAL A 1 2   ? 1.274   -10.932 29.036  1.00 62.50 ? 21  VAL A C   1 
ATOM   4    O  O   . VAL A 1 2   ? 1.561   -12.133 29.119  1.00 62.79 ? 21  VAL A O   1 
ATOM   5    C  CB  . VAL A 1 2   ? 2.768   -8.997  29.630  1.00 63.50 ? 21  VAL A CB  1 
ATOM   6    C  CG1 . VAL A 1 2   ? 2.818   -7.737  30.422  1.00 64.15 ? 21  VAL A CG1 1 
ATOM   7    C  CG2 . VAL A 1 2   ? 4.138   -9.688  29.596  1.00 64.32 ? 21  VAL A CG2 1 
ATOM   8    N  N   . SER A 1 3   ? 0.671   -10.388 27.981  1.00 61.04 ? 22  SER A N   1 
ATOM   9    C  CA  . SER A 1 3   ? 0.431   -11.112 26.732  1.00 59.47 ? 22  SER A CA  1 
ATOM   10   C  C   . SER A 1 3   ? 1.044   -10.295 25.563  1.00 58.13 ? 22  SER A C   1 
ATOM   11   O  O   . SER A 1 3   ? 0.585   -9.173  25.282  1.00 57.85 ? 22  SER A O   1 
ATOM   12   C  CB  . SER A 1 3   ? -1.076  -11.330 26.541  1.00 59.18 ? 22  SER A CB  1 
ATOM   13   O  OG  . SER A 1 3   ? -1.328  -12.116 25.393  1.00 60.18 ? 22  SER A OG  1 
ATOM   14   N  N   . VAL A 1 4   ? 2.079   -10.835 24.899  1.00 55.79 ? 23  VAL A N   1 
ATOM   15   C  CA  . VAL A 1 4   ? 2.834   -10.029 23.925  1.00 53.53 ? 23  VAL A CA  1 
ATOM   16   C  C   . VAL A 1 4   ? 3.526   -10.804 22.802  1.00 52.49 ? 23  VAL A C   1 
ATOM   17   O  O   . VAL A 1 4   ? 4.211   -11.810 23.028  1.00 52.10 ? 23  VAL A O   1 
ATOM   18   C  CB  . VAL A 1 4   ? 3.868   -9.088  24.614  1.00 53.53 ? 23  VAL A CB  1 
ATOM   19   C  CG1 . VAL A 1 4   ? 5.000   -9.879  25.287  1.00 53.13 ? 23  VAL A CG1 1 
ATOM   20   C  CG2 . VAL A 1 4   ? 4.433   -8.052  23.618  1.00 53.88 ? 23  VAL A CG2 1 
ATOM   21   N  N   . ASP A 1 5   ? 3.359   -10.278 21.593  1.00 50.40 ? 24  ASP A N   1 
ATOM   22   C  CA  . ASP A 1 5   ? 4.033   -10.766 20.416  1.00 49.44 ? 24  ASP A CA  1 
ATOM   23   C  C   . ASP A 1 5   ? 5.419   -10.142 20.141  1.00 47.64 ? 24  ASP A C   1 
ATOM   24   O  O   . ASP A 1 5   ? 5.522   -9.001  19.698  1.00 46.41 ? 24  ASP A O   1 
ATOM   25   C  CB  . ASP A 1 5   ? 3.135   -10.501 19.250  1.00 50.88 ? 24  ASP A CB  1 
ATOM   26   C  CG  . ASP A 1 5   ? 3.305   -11.497 18.186  1.00 54.42 ? 24  ASP A CG  1 
ATOM   27   O  OD1 . ASP A 1 5   ? 4.197   -11.296 17.325  1.00 57.68 ? 24  ASP A OD1 1 
ATOM   28   O  OD2 . ASP A 1 5   ? 2.527   -12.480 18.231  1.00 60.01 ? 24  ASP A OD2 1 
ATOM   29   N  N   . LEU A 1 6   ? 6.469   -10.934 20.355  1.00 45.88 ? 25  LEU A N   1 
ATOM   30   C  CA  . LEU A 1 6   ? 7.851   -10.457 20.320  1.00 44.66 ? 25  LEU A CA  1 
ATOM   31   C  C   . LEU A 1 6   ? 8.621   -10.789 19.046  1.00 44.11 ? 25  LEU A C   1 
ATOM   32   O  O   . LEU A 1 6   ? 8.733   -11.950 18.660  1.00 45.17 ? 25  LEU A O   1 
ATOM   33   C  CB  . LEU A 1 6   ? 8.616   -10.980 21.544  1.00 43.92 ? 25  LEU A CB  1 
ATOM   34   C  CG  . LEU A 1 6   ? 8.035   -10.574 22.895  1.00 43.34 ? 25  LEU A CG  1 
ATOM   35   C  CD1 . LEU A 1 6   ? 8.818   -11.233 24.039  1.00 45.57 ? 25  LEU A CD1 1 
ATOM   36   C  CD2 . LEU A 1 6   ? 8.005   -9.056  23.077  1.00 40.23 ? 25  LEU A CD2 1 
ATOM   37   N  N   A ASN A 1 7   ? 9.140   -9.760  18.382  0.50 43.45 ? 26  ASN A N   1 
ATOM   38   N  N   B ASN A 1 7   ? 9.187   -9.765  18.431  0.50 43.43 ? 26  ASN A N   1 
ATOM   39   C  CA  A ASN A 1 7   ? 9.949   -9.919  17.174  0.50 42.72 ? 26  ASN A CA  1 
ATOM   40   C  CA  B ASN A 1 7   ? 9.970   -9.944  17.233  0.50 42.65 ? 26  ASN A CA  1 
ATOM   41   C  C   A ASN A 1 7   ? 11.388  -9.529  17.486  0.50 42.21 ? 26  ASN A C   1 
ATOM   42   C  C   B ASN A 1 7   ? 11.402  -9.513  17.458  0.50 42.20 ? 26  ASN A C   1 
ATOM   43   O  O   A ASN A 1 7   ? 11.644  -8.414  17.948  0.50 41.96 ? 26  ASN A O   1 
ATOM   44   O  O   B ASN A 1 7   ? 11.666  -8.366  17.832  0.50 41.95 ? 26  ASN A O   1 
ATOM   45   C  CB  A ASN A 1 7   ? 9.403   -9.026  16.043  0.50 42.76 ? 26  ASN A CB  1 
ATOM   46   C  CB  B ASN A 1 7   ? 9.328   -9.175  16.086  0.50 42.78 ? 26  ASN A CB  1 
ATOM   47   C  CG  A ASN A 1 7   ? 9.608   -9.625  14.649  0.50 43.02 ? 26  ASN A CG  1 
ATOM   48   C  CG  B ASN A 1 7   ? 7.881   -9.557  15.897  0.50 42.56 ? 26  ASN A CG  1 
ATOM   49   O  OD1 A ASN A 1 7   ? 10.205  -10.691 14.489  0.50 42.52 ? 26  ASN A OD1 1 
ATOM   50   O  OD1 B ASN A 1 7   ? 7.561   -10.385 15.048  0.50 43.58 ? 26  ASN A OD1 1 
ATOM   51   N  ND2 A ASN A 1 7   ? 9.091   -8.938  13.632  0.50 43.43 ? 26  ASN A ND2 1 
ATOM   52   N  ND2 B ASN A 1 7   ? 6.999   -8.997  16.727  0.50 42.98 ? 26  ASN A ND2 1 
ATOM   53   N  N   . VAL A 1 8   ? 12.323  -10.444 17.242  1.00 41.70 ? 27  VAL A N   1 
ATOM   54   C  CA  . VAL A 1 8   ? 13.743  -10.182 17.480  1.00 41.42 ? 27  VAL A CA  1 
ATOM   55   C  C   . VAL A 1 8   ? 14.513  -10.224 16.156  1.00 40.69 ? 27  VAL A C   1 
ATOM   56   O  O   . VAL A 1 8   ? 14.466  -11.217 15.417  1.00 40.19 ? 27  VAL A O   1 
ATOM   57   C  CB  . VAL A 1 8   ? 14.356  -11.165 18.492  1.00 42.17 ? 27  VAL A CB  1 
ATOM   58   C  CG1 . VAL A 1 8   ? 15.867  -10.873 18.690  1.00 42.60 ? 27  VAL A CG1 1 
ATOM   59   C  CG2 . VAL A 1 8   ? 13.646  -11.082 19.835  1.00 40.81 ? 27  VAL A CG2 1 
ATOM   60   N  N   . ASP A 1 9   ? 15.196  -9.126  15.851  1.00 40.10 ? 28  ASP A N   1 
ATOM   61   C  CA  . ASP A 1 9   ? 15.987  -9.016  14.618  1.00 39.62 ? 28  ASP A CA  1 
ATOM   62   C  C   . ASP A 1 9   ? 15.413  -9.722  13.415  1.00 39.72 ? 28  ASP A C   1 
ATOM   63   O  O   . ASP A 1 9   ? 16.094  -10.557 12.809  1.00 40.02 ? 28  ASP A O   1 
ATOM   64   C  CB  . ASP A 1 9   ? 17.405  -9.504  14.887  1.00 39.85 ? 28  ASP A CB  1 
ATOM   65   C  CG  . ASP A 1 9   ? 18.103  -8.609  15.871  1.00 40.25 ? 28  ASP A CG  1 
ATOM   66   O  OD1 . ASP A 1 9   ? 18.300  -7.422  15.548  1.00 42.29 ? 28  ASP A OD1 1 
ATOM   67   O  OD2 . ASP A 1 9   ? 18.367  -9.053  16.988  1.00 40.29 ? 28  ASP A OD2 1 
ATOM   68   N  N   . PRO A 1 10  ? 14.167  -9.375  13.032  1.00 39.38 ? 29  PRO A N   1 
ATOM   69   C  CA  . PRO A 1 10  ? 13.538  -10.071 11.921  1.00 38.89 ? 29  PRO A CA  1 
ATOM   70   C  C   . PRO A 1 10  ? 14.373  -9.841  10.646  1.00 38.97 ? 29  PRO A C   1 
ATOM   71   O  O   . PRO A 1 10  ? 15.032  -8.797  10.518  1.00 38.54 ? 29  PRO A O   1 
ATOM   72   C  CB  . PRO A 1 10  ? 12.166  -9.396  11.832  1.00 38.74 ? 29  PRO A CB  1 
ATOM   73   C  CG  . PRO A 1 10  ? 12.426  -8.019  12.321  1.00 38.49 ? 29  PRO A CG  1 
ATOM   74   C  CD  . PRO A 1 10  ? 13.405  -8.181  13.428  1.00 39.29 ? 29  PRO A CD  1 
ATOM   75   N  N   . SER A 1 11  ? 14.358  -10.808 9.731   1.00 38.14 ? 30  SER A N   1 
ATOM   76   C  CA  . SER A 1 11  ? 15.234  -10.767 8.576   1.00 38.46 ? 30  SER A CA  1 
ATOM   77   C  C   . SER A 1 11  ? 14.626  -10.025 7.373   1.00 38.21 ? 30  SER A C   1 
ATOM   78   O  O   . SER A 1 11  ? 15.348  -9.676  6.420   1.00 36.68 ? 30  SER A O   1 
ATOM   79   C  CB  . SER A 1 11  ? 15.605  -12.201 8.182   1.00 39.16 ? 30  SER A CB  1 
ATOM   80   O  OG  . SER A 1 11  ? 14.426  -12.926 7.924   1.00 38.66 ? 30  SER A OG  1 
ATOM   81   N  N   . LEU A 1 12  ? 13.310  -9.780  7.415   1.00 38.03 ? 31  LEU A N   1 
ATOM   82   C  CA  . LEU A 1 12  ? 12.640  -9.011  6.344   1.00 37.75 ? 31  LEU A CA  1 
ATOM   83   C  C   . LEU A 1 12  ? 11.513  -8.118  6.852   1.00 37.43 ? 31  LEU A C   1 
ATOM   84   O  O   . LEU A 1 12  ? 10.512  -8.603  7.386   1.00 37.87 ? 31  LEU A O   1 
ATOM   85   C  CB  . LEU A 1 12  ? 12.128  -9.952  5.246   1.00 38.46 ? 31  LEU A CB  1 
ATOM   86   C  CG  . LEU A 1 12  ? 11.526  -9.334  3.968   1.00 38.88 ? 31  LEU A CG  1 
ATOM   87   C  CD1 . LEU A 1 12  ? 12.587  -8.553  3.208   1.00 39.35 ? 31  LEU A CD1 1 
ATOM   88   C  CD2 . LEU A 1 12  ? 10.965  -10.418 3.075   1.00 39.29 ? 31  LEU A CD2 1 
ATOM   89   N  N   . GLN A 1 13  ? 11.692  -6.813  6.703   1.00 37.27 ? 32  GLN A N   1 
ATOM   90   C  CA  . GLN A 1 13  ? 10.722  -5.834  7.163   1.00 37.18 ? 32  GLN A CA  1 
ATOM   91   C  C   . GLN A 1 13  ? 10.321  -4.901  6.040   1.00 36.93 ? 32  GLN A C   1 
ATOM   92   O  O   . GLN A 1 13  ? 11.168  -4.300  5.372   1.00 36.57 ? 32  GLN A O   1 
ATOM   93   C  CB  . GLN A 1 13  ? 11.267  -5.027  8.325   1.00 37.50 ? 32  GLN A CB  1 
ATOM   94   C  CG  . GLN A 1 13  ? 11.692  -5.889  9.517   1.00 38.44 ? 32  GLN A CG  1 
ATOM   95   C  CD  . GLN A 1 13  ? 12.392  -5.029  10.544  1.00 40.95 ? 32  GLN A CD  1 
ATOM   96   O  OE1 . GLN A 1 13  ? 13.611  -4.844  10.489  1.00 41.36 ? 32  GLN A OE1 1 
ATOM   97   N  NE2 . GLN A 1 13  ? 11.618  -4.439  11.442  1.00 39.36 ? 32  GLN A NE2 1 
ATOM   98   N  N   . ILE A 1 14  ? 9.007   -4.813  5.822   1.00 36.13 ? 33  ILE A N   1 
ATOM   99   C  CA  . ILE A 1 14  ? 8.465   -4.032  4.712   1.00 34.88 ? 33  ILE A CA  1 
ATOM   100  C  C   . ILE A 1 14  ? 7.457   -3.041  5.258   1.00 34.44 ? 33  ILE A C   1 
ATOM   101  O  O   . ILE A 1 14  ? 6.657   -3.369  6.128   1.00 34.13 ? 33  ILE A O   1 
ATOM   102  C  CB  . ILE A 1 14  ? 7.804   -4.944  3.657   1.00 34.95 ? 33  ILE A CB  1 
ATOM   103  C  CG1 . ILE A 1 14  ? 8.782   -6.069  3.279   1.00 35.22 ? 33  ILE A CG1 1 
ATOM   104  C  CG2 . ILE A 1 14  ? 7.437   -4.142  2.408   1.00 34.07 ? 33  ILE A CG2 1 
ATOM   105  C  CD1 . ILE A 1 14  ? 8.188   -7.100  2.390   1.00 34.83 ? 33  ILE A CD1 1 
ATOM   106  N  N   . ASP A 1 15  ? 7.491   -1.828  4.735   1.00 34.39 ? 34  ASP A N   1 
ATOM   107  C  CA  . ASP A 1 15  ? 6.467   -0.851  5.067   1.00 34.40 ? 34  ASP A CA  1 
ATOM   108  C  C   . ASP A 1 15  ? 6.262   0.128   3.926   1.00 33.83 ? 34  ASP A C   1 
ATOM   109  O  O   . ASP A 1 15  ? 7.021   0.119   2.950   1.00 33.52 ? 34  ASP A O   1 
ATOM   110  C  CB  . ASP A 1 15  ? 6.793   -0.125  6.392   1.00 34.30 ? 34  ASP A CB  1 
ATOM   111  C  CG  . ASP A 1 15  ? 7.955   0.831   6.263   1.00 36.57 ? 34  ASP A CG  1 
ATOM   112  O  OD1 . ASP A 1 15  ? 9.065   0.400   5.851   1.00 37.43 ? 34  ASP A OD1 1 
ATOM   113  O  OD2 . ASP A 1 15  ? 7.751   2.030   6.578   1.00 40.28 ? 34  ASP A OD2 1 
ATOM   114  N  N   . ILE A 1 16  ? 5.199   0.927   4.038   1.00 33.95 ? 35  ILE A N   1 
ATOM   115  C  CA  . ILE A 1 16  ? 4.888   1.974   3.083   1.00 34.36 ? 35  ILE A CA  1 
ATOM   116  C  C   . ILE A 1 16  ? 4.883   3.253   3.896   1.00 35.27 ? 35  ILE A C   1 
ATOM   117  O  O   . ILE A 1 16  ? 3.883   3.563   4.572   1.00 35.44 ? 35  ILE A O   1 
ATOM   118  C  CB  . ILE A 1 16  ? 3.532   1.744   2.363   1.00 33.76 ? 35  ILE A CB  1 
ATOM   119  C  CG1 . ILE A 1 16  ? 3.584   0.440   1.552   1.00 34.38 ? 35  ILE A CG1 1 
ATOM   120  C  CG2 . ILE A 1 16  ? 3.215   2.924   1.443   1.00 34.14 ? 35  ILE A CG2 1 
ATOM   121  C  CD1 . ILE A 1 16  ? 2.217   -0.018  0.933   1.00 29.78 ? 35  ILE A CD1 1 
ATOM   122  N  N   . PRO A 1 17  ? 6.019   3.982   3.865   1.00 35.58 ? 36  PRO A N   1 
ATOM   123  C  CA  . PRO A 1 17  ? 6.188   5.148   4.741   1.00 35.71 ? 36  PRO A CA  1 
ATOM   124  C  C   . PRO A 1 17  ? 5.597   6.409   4.159   1.00 36.72 ? 36  PRO A C   1 
ATOM   125  O  O   . PRO A 1 17  ? 5.396   7.376   4.891   1.00 37.20 ? 36  PRO A O   1 
ATOM   126  C  CB  . PRO A 1 17  ? 7.735   5.296   4.872   1.00 35.37 ? 36  PRO A CB  1 
ATOM   127  C  CG  . PRO A 1 17  ? 8.320   4.603   3.703   1.00 34.17 ? 36  PRO A CG  1 
ATOM   128  C  CD  . PRO A 1 17  ? 7.277   3.600   3.171   1.00 35.28 ? 36  PRO A CD  1 
ATOM   129  N  N   . ASP A 1 18  ? 5.355   6.420   2.851   1.00 37.06 ? 37  ASP A N   1 
ATOM   130  C  CA  . ASP A 1 18  ? 4.750   7.590   2.215   1.00 37.99 ? 37  ASP A CA  1 
ATOM   131  C  C   . ASP A 1 18  ? 4.081   7.169   0.939   1.00 37.30 ? 37  ASP A C   1 
ATOM   132  O  O   . ASP A 1 18  ? 4.438   6.149   0.368   1.00 36.62 ? 37  ASP A O   1 
ATOM   133  C  CB  . ASP A 1 18  ? 5.786   8.699   1.922   1.00 38.37 ? 37  ASP A CB  1 
ATOM   134  C  CG  . ASP A 1 18  ? 6.937   8.202   1.083   1.00 41.26 ? 37  ASP A CG  1 
ATOM   135  O  OD1 . ASP A 1 18  ? 7.955   7.725   1.650   1.00 45.06 ? 37  ASP A OD1 1 
ATOM   136  O  OD2 . ASP A 1 18  ? 6.813   8.245   -0.151  1.00 43.61 ? 37  ASP A OD2 1 
ATOM   137  N  N   . ALA A 1 19  ? 3.121   7.972   0.493   1.00 36.55 ? 38  ALA A N   1 
ATOM   138  C  CA  . ALA A 1 19  ? 2.405   7.670   -0.721  1.00 36.20 ? 38  ALA A CA  1 
ATOM   139  C  C   . ALA A 1 19  ? 1.883   8.973   -1.251  1.00 36.41 ? 38  ALA A C   1 
ATOM   140  O  O   . ALA A 1 19  ? 1.793   9.978   -0.514  1.00 36.22 ? 38  ALA A O   1 
ATOM   141  C  CB  . ALA A 1 19  ? 1.268   6.684   -0.459  1.00 35.00 ? 38  ALA A CB  1 
ATOM   142  N  N   . LEU A 1 20  ? 1.540   8.941   -2.529  1.00 36.51 ? 39  LEU A N   1 
ATOM   143  C  CA  . LEU A 1 20  ? 1.236   10.115  -3.296  1.00 37.64 ? 39  LEU A CA  1 
ATOM   144  C  C   . LEU A 1 20  ? -0.043  9.844   -4.098  1.00 38.31 ? 39  LEU A C   1 
ATOM   145  O  O   . LEU A 1 20  ? -0.149  8.810   -4.761  1.00 38.34 ? 39  LEU A O   1 
ATOM   146  C  CB  . LEU A 1 20  ? 2.390   10.384  -4.263  1.00 37.40 ? 39  LEU A CB  1 
ATOM   147  C  CG  . LEU A 1 20  ? 2.108   11.237  -5.503  1.00 38.25 ? 39  LEU A CG  1 
ATOM   148  C  CD1 . LEU A 1 20  ? 1.935   12.704  -5.100  1.00 36.32 ? 39  LEU A CD1 1 
ATOM   149  C  CD2 . LEU A 1 20  ? 3.207   11.069  -6.624  1.00 36.46 ? 39  LEU A CD2 1 
ATOM   150  N  N   . SER A 1 21  ? -0.988  10.773  -4.046  1.00 38.44 ? 40  SER A N   1 
ATOM   151  C  CA  . SER A 1 21  ? -2.205  10.680  -4.854  1.00 39.97 ? 40  SER A CA  1 
ATOM   152  C  C   . SER A 1 21  ? -2.226  11.871  -5.798  1.00 40.10 ? 40  SER A C   1 
ATOM   153  O  O   . SER A 1 21  ? -2.040  13.009  -5.371  1.00 39.77 ? 40  SER A O   1 
ATOM   154  C  CB  . SER A 1 21  ? -3.441  10.690  -3.954  1.00 39.57 ? 40  SER A CB  1 
ATOM   155  O  OG  . SER A 1 21  ? -4.615  10.701  -4.726  1.00 43.41 ? 40  SER A OG  1 
ATOM   156  N  N   . GLU A 1 22  ? -2.375  11.598  -7.086  1.00 41.35 ? 41  GLU A N   1 
ATOM   157  C  CA  . GLU A 1 22  ? -2.467  12.649  -8.124  1.00 43.08 ? 41  GLU A CA  1 
ATOM   158  C  C   . GLU A 1 22  ? -3.706  12.334  -8.946  1.00 43.83 ? 41  GLU A C   1 
ATOM   159  O  O   . GLU A 1 22  ? -3.759  11.290  -9.610  1.00 43.04 ? 41  GLU A O   1 
ATOM   160  C  CB  . GLU A 1 22  ? -1.255  12.623  -9.072  1.00 43.34 ? 41  GLU A CB  1 
ATOM   161  C  CG  . GLU A 1 22  ? 0.062   12.942  -8.456  1.00 45.12 ? 41  GLU A CG  1 
ATOM   162  C  CD  . GLU A 1 22  ? 1.227   12.618  -9.401  1.00 48.69 ? 41  GLU A CD  1 
ATOM   163  O  OE1 . GLU A 1 22  ? 1.841   13.574  -9.924  1.00 48.23 ? 41  GLU A OE1 1 
ATOM   164  O  OE2 . GLU A 1 22  ? 1.517   11.403  -9.624  1.00 49.24 ? 41  GLU A OE2 1 
ATOM   165  N  N   . ARG A 1 23  ? -4.704  13.220  -8.887  1.00 45.42 ? 42  ARG A N   1 
ATOM   166  C  CA  . ARG A 1 23  ? -6.033  12.910  -9.422  1.00 46.82 ? 42  ARG A CA  1 
ATOM   167  C  C   . ARG A 1 23  ? -6.460  11.487  -9.082  1.00 46.23 ? 42  ARG A C   1 
ATOM   168  O  O   . ARG A 1 23  ? -6.833  10.711  -9.973  1.00 47.05 ? 42  ARG A O   1 
ATOM   169  C  CB  . ARG A 1 23  ? -6.088  13.139  -10.944 1.00 47.69 ? 42  ARG A CB  1 
ATOM   170  C  CG  . ARG A 1 23  ? -6.277  14.600  -11.296 1.00 52.14 ? 42  ARG A CG  1 
ATOM   171  C  CD  . ARG A 1 23  ? -4.986  15.246  -11.775 1.00 58.91 ? 42  ARG A CD  1 
ATOM   172  N  NE  . ARG A 1 23  ? -4.856  15.174  -13.240 1.00 64.44 ? 42  ARG A NE  1 
ATOM   173  C  CZ  . ARG A 1 23  ? -5.729  15.696  -14.107 1.00 68.06 ? 42  ARG A CZ  1 
ATOM   174  N  NH1 . ARG A 1 23  ? -6.831  16.324  -13.676 1.00 68.82 ? 42  ARG A NH1 1 
ATOM   175  N  NH2 . ARG A 1 23  ? -5.511  15.583  -15.415 1.00 69.80 ? 42  ARG A NH2 1 
ATOM   176  N  N   . ASP A 1 24  ? -6.367  11.131  -7.802  1.00 45.42 ? 43  ASP A N   1 
ATOM   177  C  CA  . ASP A 1 24  ? -6.845  9.824   -7.306  1.00 44.30 ? 43  ASP A CA  1 
ATOM   178  C  C   . ASP A 1 24  ? -6.061  8.593   -7.785  1.00 43.27 ? 43  ASP A C   1 
ATOM   179  O  O   . ASP A 1 24  ? -6.499  7.454   -7.558  1.00 43.19 ? 43  ASP A O   1 
ATOM   180  C  CB  . ASP A 1 24  ? -8.352  9.643   -7.594  1.00 44.65 ? 43  ASP A CB  1 
ATOM   181  C  CG  . ASP A 1 24  ? -9.205  10.829  -7.125  1.00 46.00 ? 43  ASP A CG  1 
ATOM   182  O  OD1 . ASP A 1 24  ? -8.840  11.522  -6.139  1.00 46.76 ? 43  ASP A OD1 1 
ATOM   183  O  OD2 . ASP A 1 24  ? -10.257 11.069  -7.760  1.00 48.78 ? 43  ASP A OD2 1 
ATOM   184  N  N   . LYS A 1 25  ? -4.926  8.818   -8.450  1.00 42.18 ? 44  LYS A N   1 
ATOM   185  C  CA  . LYS A 1 25  ? -3.978  7.737   -8.824  1.00 42.08 ? 44  LYS A CA  1 
ATOM   186  C  C   . LYS A 1 25  ? -2.917  7.687   -7.735  1.00 41.07 ? 44  LYS A C   1 
ATOM   187  O  O   . LYS A 1 25  ? -2.228  8.684   -7.501  1.00 40.88 ? 44  LYS A O   1 
ATOM   188  C  CB  . LYS A 1 25  ? -3.277  8.051   -10.157 1.00 41.97 ? 44  LYS A CB  1 
ATOM   189  C  CG  . LYS A 1 25  ? -3.871  7.520   -11.463 1.00 44.39 ? 44  LYS A CG  1 
ATOM   190  C  CD  . LYS A 1 25  ? -5.401  7.627   -11.568 1.00 49.28 ? 44  LYS A CD  1 
ATOM   191  C  CE  . LYS A 1 25  ? -6.049  6.255   -11.386 1.00 51.02 ? 44  LYS A CE  1 
ATOM   192  N  NZ  . LYS A 1 25  ? -7.385  6.178   -12.061 1.00 54.76 ? 44  LYS A NZ  1 
ATOM   193  N  N   . VAL A 1 26  ? -2.776  6.538   -7.079  1.00 40.92 ? 45  VAL A N   1 
ATOM   194  C  CA  . VAL A 1 26  ? -1.827  6.403   -5.957  1.00 39.67 ? 45  VAL A CA  1 
ATOM   195  C  C   . VAL A 1 26  ? -0.476  5.810   -6.336  1.00 39.52 ? 45  VAL A C   1 
ATOM   196  O  O   . VAL A 1 26  ? -0.392  4.793   -7.033  1.00 38.88 ? 45  VAL A O   1 
ATOM   197  C  CB  . VAL A 1 26  ? -2.427  5.620   -4.772  1.00 40.34 ? 45  VAL A CB  1 
ATOM   198  C  CG1 . VAL A 1 26  ? -1.444  5.607   -3.590  1.00 38.50 ? 45  VAL A CG1 1 
ATOM   199  C  CG2 . VAL A 1 26  ? -3.756  6.260   -4.323  1.00 39.14 ? 45  VAL A CG2 1 
ATOM   200  N  N   . LYS A 1 27  ? 0.587   6.452   -5.866  1.00 39.07 ? 46  LYS A N   1 
ATOM   201  C  CA  . LYS A 1 27  ? 1.916   5.853   -5.935  1.00 38.94 ? 46  LYS A CA  1 
ATOM   202  C  C   . LYS A 1 27  ? 2.414   5.586   -4.530  1.00 38.21 ? 46  LYS A C   1 
ATOM   203  O  O   . LYS A 1 27  ? 2.495   6.499   -3.691  1.00 37.60 ? 46  LYS A O   1 
ATOM   204  C  CB  . LYS A 1 27  ? 2.877   6.743   -6.721  1.00 39.37 ? 46  LYS A CB  1 
ATOM   205  C  CG  . LYS A 1 27  ? 2.683   6.611   -8.238  1.00 42.98 ? 46  LYS A CG  1 
ATOM   206  C  CD  . LYS A 1 27  ? 3.538   7.616   -8.989  1.00 47.92 ? 46  LYS A CD  1 
ATOM   207  C  CE  . LYS A 1 27  ? 3.469   7.352   -10.484 1.00 49.96 ? 46  LYS A CE  1 
ATOM   208  N  NZ  . LYS A 1 27  ? 4.181   8.473   -11.184 1.00 51.52 ? 46  LYS A NZ  1 
ATOM   209  N  N   . PHE A 1 28  ? 2.730   4.324   -4.281  1.00 37.32 ? 47  PHE A N   1 
ATOM   210  C  CA  . PHE A 1 28  ? 3.165   3.867   -2.977  1.00 37.27 ? 47  PHE A CA  1 
ATOM   211  C  C   . PHE A 1 28  ? 4.702   3.758   -2.962  1.00 37.10 ? 47  PHE A C   1 
ATOM   212  O  O   . PHE A 1 28  ? 5.311   3.170   -3.859  1.00 36.26 ? 47  PHE A O   1 
ATOM   213  C  CB  . PHE A 1 28  ? 2.598   2.470   -2.694  1.00 36.84 ? 47  PHE A CB  1 
ATOM   214  C  CG  . PHE A 1 28  ? 1.097   2.386   -2.698  1.00 37.97 ? 47  PHE A CG  1 
ATOM   215  C  CD1 . PHE A 1 28  ? 0.366   2.651   -1.545  1.00 38.11 ? 47  PHE A CD1 1 
ATOM   216  C  CD2 . PHE A 1 28  ? 0.405   2.003   -3.851  1.00 38.47 ? 47  PHE A CD2 1 
ATOM   217  C  CE1 . PHE A 1 28  ? -1.046  2.557   -1.536  1.00 38.42 ? 47  PHE A CE1 1 
ATOM   218  C  CE2 . PHE A 1 28  ? -1.001  1.901   -3.856  1.00 40.32 ? 47  PHE A CE2 1 
ATOM   219  C  CZ  . PHE A 1 28  ? -1.728  2.174   -2.693  1.00 38.59 ? 47  PHE A CZ  1 
ATOM   220  N  N   . THR A 1 29  ? 5.326   4.294   -1.927  1.00 37.04 ? 48  THR A N   1 
ATOM   221  C  CA  . THR A 1 29  ? 6.724   3.959   -1.670  1.00 37.04 ? 48  THR A CA  1 
ATOM   222  C  C   . THR A 1 29  ? 6.752   2.648   -0.884  1.00 36.62 ? 48  THR A C   1 
ATOM   223  O  O   . THR A 1 29  ? 6.180   2.524   0.187   1.00 37.00 ? 48  THR A O   1 
ATOM   224  C  CB  . THR A 1 29  ? 7.463   5.045   -0.899  1.00 37.20 ? 48  THR A CB  1 
ATOM   225  O  OG1 . THR A 1 29  ? 7.344   6.285   -1.598  1.00 38.74 ? 48  THR A OG1 1 
ATOM   226  C  CG2 . THR A 1 29  ? 8.962   4.675   -0.741  1.00 37.72 ? 48  THR A CG2 1 
ATOM   227  N  N   . VAL A 1 30  ? 7.408   1.661   -1.441  1.00 36.57 ? 49  VAL A N   1 
ATOM   228  C  CA  . VAL A 1 30  ? 7.552   0.390   -0.782  1.00 37.14 ? 49  VAL A CA  1 
ATOM   229  C  C   . VAL A 1 30  ? 9.003   0.310   -0.290  1.00 37.57 ? 49  VAL A C   1 
ATOM   230  O  O   . VAL A 1 30  ? 9.910   0.155   -1.098  1.00 37.35 ? 49  VAL A O   1 
ATOM   231  C  CB  . VAL A 1 30  ? 7.201   -0.752  -1.762  1.00 36.57 ? 49  VAL A CB  1 
ATOM   232  C  CG1 . VAL A 1 30  ? 7.504   -2.098  -1.162  1.00 36.64 ? 49  VAL A CG1 1 
ATOM   233  C  CG2 . VAL A 1 30  ? 5.743   -0.647  -2.149  1.00 36.70 ? 49  VAL A CG2 1 
ATOM   234  N  N   . HIS A 1 31  ? 9.198   0.439   1.026   1.00 38.03 ? 50  HIS A N   1 
ATOM   235  C  CA  . HIS A 1 31  ? 10.527  0.478   1.656   1.00 39.01 ? 50  HIS A CA  1 
ATOM   236  C  C   . HIS A 1 31  ? 10.827  -0.859  2.358   1.00 39.66 ? 50  HIS A C   1 
ATOM   237  O  O   . HIS A 1 31  ? 9.988   -1.370  3.103   1.00 40.05 ? 50  HIS A O   1 
ATOM   238  C  CB  . HIS A 1 31  ? 10.559  1.668   2.629   1.00 39.34 ? 50  HIS A CB  1 
ATOM   239  C  CG  . HIS A 1 31  ? 11.653  1.617   3.645   1.00 40.92 ? 50  HIS A CG  1 
ATOM   240  N  ND1 . HIS A 1 31  ? 11.411  1.392   4.987   1.00 43.69 ? 50  HIS A ND1 1 
ATOM   241  C  CD2 . HIS A 1 31  ? 12.994  1.801   3.527   1.00 42.91 ? 50  HIS A CD2 1 
ATOM   242  C  CE1 . HIS A 1 31  ? 12.559  1.420   5.649   1.00 43.51 ? 50  HIS A CE1 1 
ATOM   243  N  NE2 . HIS A 1 31  ? 13.534  1.668   4.786   1.00 42.84 ? 50  HIS A NE2 1 
ATOM   244  N  N   . THR A 1 32  ? 12.001  -1.432  2.095   1.00 39.98 ? 51  THR A N   1 
ATOM   245  C  CA  . THR A 1 32  ? 12.374  -2.748  2.624   1.00 40.70 ? 51  THR A CA  1 
ATOM   246  C  C   . THR A 1 32  ? 13.663  -2.690  3.442   1.00 41.46 ? 51  THR A C   1 
ATOM   247  O  O   . THR A 1 32  ? 14.614  -2.031  3.057   1.00 41.66 ? 51  THR A O   1 
ATOM   248  C  CB  . THR A 1 32  ? 12.599  -3.772  1.486   1.00 40.50 ? 51  THR A CB  1 
ATOM   249  O  OG1 . THR A 1 32  ? 11.412  -3.898  0.705   1.00 39.98 ? 51  THR A OG1 1 
ATOM   250  C  CG2 . THR A 1 32  ? 13.001  -5.160  2.016   1.00 40.43 ? 51  THR A CG2 1 
ATOM   251  N  N   . LYS A 1 33  ? 13.680  -3.392  4.564   1.00 41.88 ? 52  LYS A N   1 
ATOM   252  C  CA  . LYS A 1 33  ? 14.903  -3.634  5.316   1.00 42.98 ? 52  LYS A CA  1 
ATOM   253  C  C   . LYS A 1 33  ? 15.080  -5.130  5.464   1.00 43.37 ? 52  LYS A C   1 
ATOM   254  O  O   . LYS A 1 33  ? 14.152  -5.856  5.875   1.00 43.22 ? 52  LYS A O   1 
ATOM   255  C  CB  . LYS A 1 33  ? 14.849  -3.013  6.700   1.00 43.06 ? 52  LYS A CB  1 
ATOM   256  C  CG  . LYS A 1 33  ? 15.117  -1.515  6.733   1.00 45.62 ? 52  LYS A CG  1 
ATOM   257  C  CD  . LYS A 1 33  ? 14.555  -0.908  8.030   1.00 49.40 ? 52  LYS A CD  1 
ATOM   258  C  CE  . LYS A 1 33  ? 15.558  -0.973  9.184   1.00 51.83 ? 52  LYS A CE  1 
ATOM   259  N  NZ  . LYS A 1 33  ? 14.893  -0.610  10.477  1.00 52.89 ? 52  LYS A NZ  1 
ATOM   260  N  N   . THR A 1 34  ? 16.280  -5.596  5.149   1.00 43.26 ? 53  THR A N   1 
ATOM   261  C  CA  . THR A 1 34  ? 16.561  -7.013  5.200   1.00 43.71 ? 53  THR A CA  1 
ATOM   262  C  C   . THR A 1 34  ? 18.036  -7.354  5.590   1.00 45.08 ? 53  THR A C   1 
ATOM   263  O  O   . THR A 1 34  ? 18.986  -6.628  5.231   1.00 44.35 ? 53  THR A O   1 
ATOM   264  C  CB  . THR A 1 34  ? 16.131  -7.671  3.895   1.00 43.09 ? 53  THR A CB  1 
ATOM   265  O  OG1 . THR A 1 34  ? 16.269  -9.086  4.017   1.00 43.55 ? 53  THR A OG1 1 
ATOM   266  C  CG2 . THR A 1 34  ? 16.937  -7.135  2.721   1.00 41.72 ? 53  THR A CG2 1 
ATOM   267  N  N   . THR A 1 35  ? 18.193  -8.433  6.356   1.00 45.93 ? 54  THR A N   1 
ATOM   268  C  CA  . THR A 1 35  ? 19.500  -8.953  6.718   1.00 47.64 ? 54  THR A CA  1 
ATOM   269  C  C   . THR A 1 35  ? 19.839  -10.146 5.809   1.00 48.73 ? 54  THR A C   1 
ATOM   270  O  O   . THR A 1 35  ? 20.826  -10.845 6.043   1.00 49.24 ? 54  THR A O   1 
ATOM   271  C  CB  . THR A 1 35  ? 19.504  -9.491  8.165   1.00 47.35 ? 54  THR A CB  1 
ATOM   272  O  OG1 . THR A 1 35  ? 18.421  -10.407 8.311   1.00 47.67 ? 54  THR A OG1 1 
ATOM   273  C  CG2 . THR A 1 35  ? 19.368  -8.407  9.193   1.00 47.40 ? 54  THR A CG2 1 
ATOM   274  N  N   . LEU A 1 36  ? 19.004  -10.403 4.805   1.00 49.31 ? 55  LEU A N   1 
ATOM   275  C  CA  . LEU A 1 36  ? 19.169  -11.576 3.954   1.00 50.54 ? 55  LEU A CA  1 
ATOM   276  C  C   . LEU A 1 36  ? 20.159  -11.379 2.801   1.00 51.75 ? 55  LEU A C   1 
ATOM   277  O  O   . LEU A 1 36  ? 20.114  -10.352 2.120   1.00 51.44 ? 55  LEU A O   1 
ATOM   278  C  CB  . LEU A 1 36  ? 17.820  -12.022 3.387   1.00 50.04 ? 55  LEU A CB  1 
ATOM   279  C  CG  . LEU A 1 36  ? 16.808  -12.631 4.360   1.00 50.70 ? 55  LEU A CG  1 
ATOM   280  C  CD1 . LEU A 1 36  ? 15.559  -13.087 3.585   1.00 49.61 ? 55  LEU A CD1 1 
ATOM   281  C  CD2 . LEU A 1 36  ? 17.426  -13.795 5.157   1.00 47.32 ? 55  LEU A CD2 1 
ATOM   282  N  N   A PRO A 1 37  ? 21.005  -12.406 2.550   0.50 52.38 ? 56  PRO A N   1 
ATOM   283  N  N   B PRO A 1 37  ? 21.101  -12.318 2.607   0.50 52.41 ? 56  PRO A N   1 
ATOM   284  C  CA  A PRO A 1 37  ? 21.973  -12.410 1.448   0.50 53.00 ? 56  PRO A CA  1 
ATOM   285  C  CA  B PRO A 1 37  ? 21.972  -12.101 1.438   0.50 53.01 ? 56  PRO A CA  1 
ATOM   286  C  C   A PRO A 1 37  ? 21.304  -12.246 0.084   0.50 53.63 ? 56  PRO A C   1 
ATOM   287  C  C   B PRO A 1 37  ? 21.336  -12.310 0.040   0.50 53.66 ? 56  PRO A C   1 
ATOM   288  O  O   A PRO A 1 37  ? 21.889  -11.657 -0.824  0.50 53.86 ? 56  PRO A O   1 
ATOM   289  O  O   B PRO A 1 37  ? 21.996  -12.054 -0.964  0.50 53.94 ? 56  PRO A O   1 
ATOM   290  C  CB  A PRO A 1 37  ? 22.617  -13.806 1.548   0.50 52.96 ? 56  PRO A CB  1 
ATOM   291  C  CB  B PRO A 1 37  ? 23.146  -13.056 1.698   0.50 53.06 ? 56  PRO A CB  1 
ATOM   292  C  CG  A PRO A 1 37  ? 21.647  -14.632 2.319   0.50 52.47 ? 56  PRO A CG  1 
ATOM   293  C  CG  B PRO A 1 37  ? 23.211  -13.127 3.211   0.50 52.38 ? 56  PRO A CG  1 
ATOM   294  C  CD  A PRO A 1 37  ? 21.033  -13.681 3.295   0.50 52.28 ? 56  PRO A CD  1 
ATOM   295  C  CD  B PRO A 1 37  ? 21.753  -13.176 3.617   0.50 52.36 ? 56  PRO A CD  1 
ATOM   296  N  N   . THR A 1 38  ? 20.073  -12.737 -0.031  1.00 54.20 ? 57  THR A N   1 
ATOM   297  C  CA  . THR A 1 38  ? 19.353  -12.811 -1.316  1.00 55.50 ? 57  THR A CA  1 
ATOM   298  C  C   . THR A 1 38  ? 19.051  -11.462 -1.986  1.00 55.81 ? 57  THR A C   1 
ATOM   299  O  O   . THR A 1 38  ? 18.676  -11.415 -3.161  1.00 56.32 ? 57  THR A O   1 
ATOM   300  C  CB  . THR A 1 38  ? 18.029  -13.591 -1.166  1.00 55.83 ? 57  THR A CB  1 
ATOM   301  O  OG1 . THR A 1 38  ? 18.299  -14.846 -0.531  1.00 57.63 ? 57  THR A OG1 1 
ATOM   302  C  CG2 . THR A 1 38  ? 17.413  -13.871 -2.535  1.00 56.48 ? 57  THR A CG2 1 
ATOM   303  N  N   . PHE A 1 39  ? 19.214  -10.375 -1.241  1.00 56.00 ? 58  PHE A N   1 
ATOM   304  C  CA  . PHE A 1 39  ? 18.892  -9.062  -1.757  1.00 56.34 ? 58  PHE A CA  1 
ATOM   305  C  C   . PHE A 1 39  ? 20.179  -8.315  -2.024  1.00 57.00 ? 58  PHE A C   1 
ATOM   306  O  O   . PHE A 1 39  ? 21.124  -8.408  -1.246  1.00 57.20 ? 58  PHE A O   1 
ATOM   307  C  CB  . PHE A 1 39  ? 17.997  -8.271  -0.774  1.00 55.95 ? 58  PHE A CB  1 
ATOM   308  C  CG  . PHE A 1 39  ? 16.584  -8.789  -0.680  1.00 53.64 ? 58  PHE A CG  1 
ATOM   309  C  CD1 . PHE A 1 39  ? 15.608  -8.364  -1.588  1.00 53.23 ? 58  PHE A CD1 1 
ATOM   310  C  CD2 . PHE A 1 39  ? 16.227  -9.690  0.317   1.00 51.61 ? 58  PHE A CD2 1 
ATOM   311  C  CE1 . PHE A 1 39  ? 14.301  -8.840  -1.514  1.00 52.44 ? 58  PHE A CE1 1 
ATOM   312  C  CE2 . PHE A 1 39  ? 14.923  -10.178 0.414   1.00 52.08 ? 58  PHE A CE2 1 
ATOM   313  C  CZ  . PHE A 1 39  ? 13.952  -9.752  -0.502  1.00 53.22 ? 58  PHE A CZ  1 
ATOM   314  N  N   . GLN A 1 40  ? 20.184  -7.574  -3.130  1.00 57.86 ? 59  GLN A N   1 
ATOM   315  C  CA  . GLN A 1 40  ? 21.307  -6.754  -3.570  1.00 58.49 ? 59  GLN A CA  1 
ATOM   316  C  C   . GLN A 1 40  ? 21.764  -5.767  -2.494  1.00 58.20 ? 59  GLN A C   1 
ATOM   317  O  O   . GLN A 1 40  ? 22.948  -5.421  -2.411  1.00 58.55 ? 59  GLN A O   1 
ATOM   318  C  CB  . GLN A 1 40  ? 20.903  -5.989  -4.835  1.00 59.29 ? 59  GLN A CB  1 
ATOM   319  C  CG  . GLN A 1 40  ? 22.013  -5.125  -5.452  1.00 62.69 ? 59  GLN A CG  1 
ATOM   320  C  CD  . GLN A 1 40  ? 23.175  -5.970  -5.984  1.00 67.20 ? 59  GLN A CD  1 
ATOM   321  O  OE1 . GLN A 1 40  ? 22.971  -6.897  -6.784  1.00 67.74 ? 59  GLN A OE1 1 
ATOM   322  N  NE2 . GLN A 1 40  ? 24.402  -5.658  -5.528  1.00 67.90 ? 59  GLN A NE2 1 
ATOM   323  N  N   . SER A 1 41  ? 20.825  -5.317  -1.668  1.00 57.24 ? 60  SER A N   1 
ATOM   324  C  CA  . SER A 1 41  ? 21.103  -4.282  -0.693  1.00 56.07 ? 60  SER A CA  1 
ATOM   325  C  C   . SER A 1 41  ? 20.288  -4.553  0.573   1.00 55.14 ? 60  SER A C   1 
ATOM   326  O  O   . SER A 1 41  ? 19.209  -5.142  0.493   1.00 54.70 ? 60  SER A O   1 
ATOM   327  C  CB  . SER A 1 41  ? 20.747  -2.929  -1.297  1.00 56.28 ? 60  SER A CB  1 
ATOM   328  O  OG  . SER A 1 41  ? 20.792  -1.908  -0.319  1.00 57.85 ? 60  SER A OG  1 
ATOM   329  N  N   . PRO A 1 42  ? 20.812  -4.154  1.749   1.00 54.41 ? 61  PRO A N   1 
ATOM   330  C  CA  . PRO A 1 42  ? 20.090  -4.381  3.006   1.00 53.38 ? 61  PRO A CA  1 
ATOM   331  C  C   . PRO A 1 42  ? 18.940  -3.383  3.255   1.00 52.77 ? 61  PRO A C   1 
ATOM   332  O  O   . PRO A 1 42  ? 18.095  -3.614  4.135   1.00 52.43 ? 61  PRO A O   1 
ATOM   333  C  CB  . PRO A 1 42  ? 21.180  -4.217  4.070   1.00 53.40 ? 61  PRO A CB  1 
ATOM   334  C  CG  . PRO A 1 42  ? 22.179  -3.296  3.462   1.00 53.69 ? 61  PRO A CG  1 
ATOM   335  C  CD  . PRO A 1 42  ? 22.163  -3.592  1.980   1.00 54.75 ? 61  PRO A CD  1 
ATOM   336  N  N   . GLU A 1 43  ? 18.916  -2.281  2.509   1.00 51.21 ? 62  GLU A N   1 
ATOM   337  C  CA  . GLU A 1 43  ? 17.838  -1.309  2.645   1.00 50.48 ? 62  GLU A CA  1 
ATOM   338  C  C   . GLU A 1 43  ? 17.589  -0.561  1.353   1.00 49.86 ? 62  GLU A C   1 
ATOM   339  O  O   . GLU A 1 43  ? 18.507  -0.063  0.723   1.00 50.10 ? 62  GLU A O   1 
ATOM   340  C  CB  . GLU A 1 43  ? 18.094  -0.335  3.792   1.00 50.27 ? 62  GLU A CB  1 
ATOM   341  C  CG  . GLU A 1 43  ? 16.967  0.656   3.992   1.00 50.22 ? 62  GLU A CG  1 
ATOM   342  C  CD  . GLU A 1 43  ? 16.970  1.248   5.357   1.00 52.25 ? 62  GLU A CD  1 
ATOM   343  O  OE1 . GLU A 1 43  ? 17.917  0.976   6.113   1.00 56.91 ? 62  GLU A OE1 1 
ATOM   344  O  OE2 . GLU A 1 43  ? 16.030  1.979   5.707   1.00 52.96 ? 62  GLU A OE2 1 
ATOM   345  N  N   . PHE A 1 44  ? 16.334  -0.495  0.948   1.00 48.96 ? 63  PHE A N   1 
ATOM   346  C  CA  . PHE A 1 44  ? 16.004  0.102   -0.339  1.00 48.15 ? 63  PHE A CA  1 
ATOM   347  C  C   . PHE A 1 44  ? 14.512  0.412   -0.426  1.00 47.68 ? 63  PHE A C   1 
ATOM   348  O  O   . PHE A 1 44  ? 13.694  -0.183  0.288   1.00 48.05 ? 63  PHE A O   1 
ATOM   349  C  CB  . PHE A 1 44  ? 16.424  -0.835  -1.463  1.00 47.69 ? 63  PHE A CB  1 
ATOM   350  C  CG  . PHE A 1 44  ? 15.950  -2.254  -1.279  1.00 47.57 ? 63  PHE A CG  1 
ATOM   351  C  CD1 . PHE A 1 44  ? 16.697  -3.165  -0.539  1.00 47.87 ? 63  PHE A CD1 1 
ATOM   352  C  CD2 . PHE A 1 44  ? 14.763  -2.680  -1.850  1.00 48.56 ? 63  PHE A CD2 1 
ATOM   353  C  CE1 . PHE A 1 44  ? 16.267  -4.476  -0.367  1.00 47.61 ? 63  PHE A CE1 1 
ATOM   354  C  CE2 . PHE A 1 44  ? 14.323  -3.982  -1.676  1.00 48.39 ? 63  PHE A CE2 1 
ATOM   355  C  CZ  . PHE A 1 44  ? 15.091  -4.882  -0.941  1.00 49.24 ? 63  PHE A CZ  1 
ATOM   356  N  N   . SER A 1 45  ? 14.168  1.344   -1.306  1.00 46.97 ? 64  SER A N   1 
ATOM   357  C  CA  . SER A 1 45  ? 12.785  1.734   -1.532  1.00 46.02 ? 64  SER A CA  1 
ATOM   358  C  C   . SER A 1 45  ? 12.497  1.678   -3.013  1.00 45.79 ? 64  SER A C   1 
ATOM   359  O  O   . SER A 1 45  ? 13.365  2.003   -3.810  1.00 46.36 ? 64  SER A O   1 
ATOM   360  C  CB  . SER A 1 45  ? 12.563  3.144   -1.030  1.00 45.67 ? 64  SER A CB  1 
ATOM   361  O  OG  . SER A 1 45  ? 12.644  3.191   0.382   1.00 46.05 ? 64  SER A OG  1 
ATOM   362  N  N   . VAL A 1 46  ? 11.296  1.241   -3.385  1.00 44.95 ? 65  VAL A N   1 
ATOM   363  C  CA  . VAL A 1 46  ? 10.804  1.366   -4.780  1.00 44.11 ? 65  VAL A CA  1 
ATOM   364  C  C   . VAL A 1 46  ? 9.428   2.065   -4.830  1.00 43.82 ? 65  VAL A C   1 
ATOM   365  O  O   . VAL A 1 46  ? 8.808   2.280   -3.787  1.00 43.93 ? 65  VAL A O   1 
ATOM   366  C  CB  . VAL A 1 46  ? 10.765  0.004   -5.544  1.00 43.98 ? 65  VAL A CB  1 
ATOM   367  C  CG1 . VAL A 1 46  ? 12.187  -0.585  -5.711  1.00 43.35 ? 65  VAL A CG1 1 
ATOM   368  C  CG2 . VAL A 1 46  ? 9.834   -0.986  -4.860  1.00 42.53 ? 65  VAL A CG2 1 
ATOM   369  N  N   . THR A 1 47  ? 8.979   2.446   -6.031  1.00 43.38 ? 66  THR A N   1 
ATOM   370  C  CA  . THR A 1 47  ? 7.649   3.054   -6.219  1.00 42.77 ? 66  THR A CA  1 
ATOM   371  C  C   . THR A 1 47  ? 6.710   2.066   -6.911  1.00 42.27 ? 66  THR A C   1 
ATOM   372  O  O   . THR A 1 47  ? 7.027   1.535   -7.986  1.00 41.78 ? 66  THR A O   1 
ATOM   373  C  CB  . THR A 1 47  ? 7.698   4.361   -7.036  1.00 43.25 ? 66  THR A CB  1 
ATOM   374  O  OG1 . THR A 1 47  ? 8.466   5.329   -6.320  1.00 42.71 ? 66  THR A OG1 1 
ATOM   375  C  CG2 . THR A 1 47  ? 6.287   4.928   -7.243  1.00 43.38 ? 66  THR A CG2 1 
ATOM   376  N  N   . ARG A 1 48  ? 5.562   1.819   -6.282  1.00 40.67 ? 67  ARG A N   1 
ATOM   377  C  CA  . ARG A 1 48  ? 4.626   0.848   -6.783  1.00 40.19 ? 67  ARG A CA  1 
ATOM   378  C  C   . ARG A 1 48  ? 3.197   1.395   -6.948  1.00 40.40 ? 67  ARG A C   1 
ATOM   379  O  O   . ARG A 1 48  ? 2.746   2.275   -6.182  1.00 39.89 ? 67  ARG A O   1 
ATOM   380  C  CB  . ARG A 1 48  ? 4.649   -0.391  -5.896  1.00 40.31 ? 67  ARG A CB  1 
ATOM   381  C  CG  . ARG A 1 48  ? 5.969   -1.203  -6.004  1.00 42.68 ? 67  ARG A CG  1 
ATOM   382  C  CD  . ARG A 1 48  ? 6.138   -1.798  -7.418  1.00 44.74 ? 67  ARG A CD  1 
ATOM   383  N  NE  . ARG A 1 48  ? 7.380   -2.547  -7.530  1.00 47.96 ? 67  ARG A NE  1 
ATOM   384  C  CZ  . ARG A 1 48  ? 8.511   -2.079  -8.053  1.00 49.34 ? 67  ARG A CZ  1 
ATOM   385  N  NH1 . ARG A 1 48  ? 8.580   -0.849  -8.539  1.00 46.91 ? 67  ARG A NH1 1 
ATOM   386  N  NH2 . ARG A 1 48  ? 9.586   -2.856  -8.083  1.00 52.17 ? 67  ARG A NH2 1 
ATOM   387  N  N   . GLN A 1 49  ? 2.483   0.869   -7.944  1.00 39.55 ? 68  GLN A N   1 
ATOM   388  C  CA  . GLN A 1 49  ? 1.084   1.218   -8.115  1.00 40.19 ? 68  GLN A CA  1 
ATOM   389  C  C   . GLN A 1 49  ? 0.206   0.032   -7.832  1.00 39.80 ? 68  GLN A C   1 
ATOM   390  O  O   . GLN A 1 49  ? 0.682   -1.116  -7.777  1.00 39.75 ? 68  GLN A O   1 
ATOM   391  C  CB  . GLN A 1 49  ? 0.821   1.783   -9.515  1.00 40.63 ? 68  GLN A CB  1 
ATOM   392  C  CG  . GLN A 1 49  ? 1.378   3.180   -9.653  1.00 43.10 ? 68  GLN A CG  1 
ATOM   393  C  CD  . GLN A 1 49  ? 1.462   3.615   -11.089 1.00 48.41 ? 68  GLN A CD  1 
ATOM   394  O  OE1 . GLN A 1 49  ? 1.772   2.804   -11.970 1.00 52.75 ? 68  GLN A OE1 1 
ATOM   395  N  NE2 . GLN A 1 49  ? 1.188   4.890   -11.345 1.00 48.43 ? 68  GLN A NE2 1 
ATOM   396  N  N   . HIS A 1 50  ? -1.082  0.294   -7.642  1.00 39.44 ? 69  HIS A N   1 
ATOM   397  C  CA  . HIS A 1 50  ? -1.988  -0.775  -7.283  1.00 39.24 ? 69  HIS A CA  1 
ATOM   398  C  C   . HIS A 1 50  ? -1.899  -2.006  -8.199  1.00 40.15 ? 69  HIS A C   1 
ATOM   399  O  O   . HIS A 1 50  ? -1.867  -3.156  -7.705  1.00 40.10 ? 69  HIS A O   1 
ATOM   400  C  CB  . HIS A 1 50  ? -3.423  -0.293  -7.193  1.00 38.56 ? 69  HIS A CB  1 
ATOM   401  C  CG  . HIS A 1 50  ? -4.371  -1.399  -6.875  1.00 37.50 ? 69  HIS A CG  1 
ATOM   402  N  ND1 . HIS A 1 50  ? -4.291  -2.121  -5.703  1.00 35.86 ? 69  HIS A ND1 1 
ATOM   403  C  CD2 . HIS A 1 50  ? -5.358  -1.972  -7.604  1.00 38.12 ? 69  HIS A CD2 1 
ATOM   404  C  CE1 . HIS A 1 50  ? -5.223  -3.059  -5.698  1.00 38.28 ? 69  HIS A CE1 1 
ATOM   405  N  NE2 . HIS A 1 50  ? -5.892  -2.983  -6.839  1.00 38.57 ? 69  HIS A NE2 1 
ATOM   406  N  N   . GLU A 1 51  ? -1.859  -1.783  -9.517  1.00 40.88 ? 70  GLU A N   1 
ATOM   407  C  CA  . GLU A 1 51  ? -1.740  -2.909  -10.470 1.00 42.44 ? 70  GLU A CA  1 
ATOM   408  C  C   . GLU A 1 51  ? -0.496  -3.784  -10.276 1.00 41.90 ? 70  GLU A C   1 
ATOM   409  O  O   . GLU A 1 51  ? -0.529  -4.976  -10.604 1.00 42.61 ? 70  GLU A O   1 
ATOM   410  C  CB  . GLU A 1 51  ? -1.834  -2.444  -11.932 1.00 43.32 ? 70  GLU A CB  1 
ATOM   411  C  CG  . GLU A 1 51  ? -0.852  -1.332  -12.334 1.00 48.63 ? 70  GLU A CG  1 
ATOM   412  C  CD  . GLU A 1 51  ? -0.731  -1.146  -13.861 1.00 55.98 ? 70  GLU A CD  1 
ATOM   413  O  OE1 . GLU A 1 51  ? -1.034  -2.098  -14.637 1.00 57.81 ? 70  GLU A OE1 1 
ATOM   414  O  OE2 . GLU A 1 51  ? -0.305  -0.041  -14.279 1.00 58.30 ? 70  GLU A OE2 1 
ATOM   415  N  N   . ASP A 1 52  ? 0.580   -3.207  -9.727  1.00 41.58 ? 71  ASP A N   1 
ATOM   416  C  CA  . ASP A 1 52  ? 1.792   -3.964  -9.401  1.00 41.13 ? 71  ASP A CA  1 
ATOM   417  C  C   . ASP A 1 52  ? 1.511   -4.976  -8.316  1.00 40.84 ? 71  ASP A C   1 
ATOM   418  O  O   . ASP A 1 52  ? 2.063   -6.079  -8.331  1.00 41.25 ? 71  ASP A O   1 
ATOM   419  C  CB  . ASP A 1 52  ? 2.921   -3.044  -8.960  1.00 41.09 ? 71  ASP A CB  1 
ATOM   420  C  CG  . ASP A 1 52  ? 3.318   -2.071  -10.037 1.00 42.20 ? 71  ASP A CG  1 
ATOM   421  O  OD1 . ASP A 1 52  ? 3.200   -2.452  -11.218 1.00 47.99 ? 71  ASP A OD1 1 
ATOM   422  O  OD2 . ASP A 1 52  ? 3.740   -0.932  -9.732  1.00 42.15 ? 71  ASP A OD2 1 
ATOM   423  N  N   . PHE A 1 53  ? 0.646   -4.602  -7.376  1.00 39.90 ? 72  PHE A N   1 
ATOM   424  C  CA  . PHE A 1 53  ? 0.311   -5.473  -6.274  1.00 38.89 ? 72  PHE A CA  1 
ATOM   425  C  C   . PHE A 1 53  ? -0.599  -6.578  -6.798  1.00 39.10 ? 72  PHE A C   1 
ATOM   426  O  O   . PHE A 1 53  ? -0.483  -7.739  -6.395  1.00 38.72 ? 72  PHE A O   1 
ATOM   427  C  CB  . PHE A 1 53  ? -0.419  -4.693  -5.186  1.00 38.38 ? 72  PHE A CB  1 
ATOM   428  C  CG  . PHE A 1 53  ? 0.443   -3.754  -4.402  1.00 36.43 ? 72  PHE A CG  1 
ATOM   429  C  CD1 . PHE A 1 53  ? 0.825   -2.531  -4.936  1.00 33.55 ? 72  PHE A CD1 1 
ATOM   430  C  CD2 . PHE A 1 53  ? 0.797   -4.062  -3.078  1.00 34.30 ? 72  PHE A CD2 1 
ATOM   431  C  CE1 . PHE A 1 53  ? 1.594   -1.638  -4.205  1.00 33.80 ? 72  PHE A CE1 1 
ATOM   432  C  CE2 . PHE A 1 53  ? 1.558   -3.179  -2.326  1.00 34.23 ? 72  PHE A CE2 1 
ATOM   433  C  CZ  . PHE A 1 53  ? 1.973   -1.961  -2.893  1.00 34.23 ? 72  PHE A CZ  1 
ATOM   434  N  N   . VAL A 1 54  ? -1.516  -6.199  -7.686  1.00 39.86 ? 73  VAL A N   1 
ATOM   435  C  CA  . VAL A 1 54  ? -2.413  -7.144  -8.348  1.00 40.45 ? 73  VAL A CA  1 
ATOM   436  C  C   . VAL A 1 54  ? -1.564  -8.133  -9.153  1.00 42.02 ? 73  VAL A C   1 
ATOM   437  O  O   . VAL A 1 54  ? -1.780  -9.347  -9.080  1.00 42.33 ? 73  VAL A O   1 
ATOM   438  C  CB  . VAL A 1 54  ? -3.426  -6.407  -9.254  1.00 40.37 ? 73  VAL A CB  1 
ATOM   439  C  CG1 . VAL A 1 54  ? -4.237  -7.384  -10.109 1.00 39.76 ? 73  VAL A CG1 1 
ATOM   440  C  CG2 . VAL A 1 54  ? -4.369  -5.524  -8.409  1.00 39.56 ? 73  VAL A CG2 1 
ATOM   441  N  N   . TRP A 1 55  ? -0.579  -7.606  -9.891  1.00 43.45 ? 74  TRP A N   1 
ATOM   442  C  CA  . TRP A 1 55  ? 0.381   -8.443  -10.612 1.00 44.85 ? 74  TRP A CA  1 
ATOM   443  C  C   . TRP A 1 55  ? 1.037   -9.460  -9.681  1.00 44.69 ? 74  TRP A C   1 
ATOM   444  O  O   . TRP A 1 55  ? 1.056   -10.659 -9.981  1.00 44.59 ? 74  TRP A O   1 
ATOM   445  C  CB  . TRP A 1 55  ? 1.471   -7.618  -11.304 1.00 45.39 ? 74  TRP A CB  1 
ATOM   446  C  CG  . TRP A 1 55  ? 2.583   -8.530  -11.807 1.00 49.35 ? 74  TRP A CG  1 
ATOM   447  C  CD1 . TRP A 1 55  ? 2.549   -9.324  -12.933 1.00 51.07 ? 74  TRP A CD1 1 
ATOM   448  C  CD2 . TRP A 1 55  ? 3.859   -8.787  -11.184 1.00 50.64 ? 74  TRP A CD2 1 
ATOM   449  N  NE1 . TRP A 1 55  ? 3.722   -10.039 -13.051 1.00 51.00 ? 74  TRP A NE1 1 
ATOM   450  C  CE2 . TRP A 1 55  ? 4.541   -9.731  -11.998 1.00 51.36 ? 74  TRP A CE2 1 
ATOM   451  C  CE3 . TRP A 1 55  ? 4.496   -8.303  -10.032 1.00 51.88 ? 74  TRP A CE3 1 
ATOM   452  C  CZ2 . TRP A 1 55  ? 5.820   -10.192 -11.695 1.00 51.80 ? 74  TRP A CZ2 1 
ATOM   453  C  CZ3 . TRP A 1 55  ? 5.771   -8.766  -9.727  1.00 51.49 ? 74  TRP A CZ3 1 
ATOM   454  C  CH2 . TRP A 1 55  ? 6.420   -9.694  -10.557 1.00 52.52 ? 74  TRP A CH2 1 
ATOM   455  N  N   . LEU A 1 56  ? 1.568   -8.979  -8.553  1.00 44.40 ? 75  LEU A N   1 
ATOM   456  C  CA  . LEU A 1 56  ? 2.238   -9.874  -7.595  1.00 43.63 ? 75  LEU A CA  1 
ATOM   457  C  C   . LEU A 1 56  ? 1.299   -10.930 -7.042  1.00 44.03 ? 75  LEU A C   1 
ATOM   458  O  O   . LEU A 1 56  ? 1.673   -12.107 -6.934  1.00 44.20 ? 75  LEU A O   1 
ATOM   459  C  CB  . LEU A 1 56  ? 2.892   -9.096  -6.454  1.00 42.74 ? 75  LEU A CB  1 
ATOM   460  C  CG  . LEU A 1 56  ? 3.525   -9.947  -5.335  1.00 42.17 ? 75  LEU A CG  1 
ATOM   461  C  CD1 . LEU A 1 56  ? 4.601   -10.916 -5.855  1.00 39.90 ? 75  LEU A CD1 1 
ATOM   462  C  CD2 . LEU A 1 56  ? 4.082   -9.053  -4.215  1.00 39.90 ? 75  LEU A CD2 1 
ATOM   463  N  N   . HIS A 1 57  ? 0.084   -10.520 -6.673  1.00 44.45 ? 76  HIS A N   1 
ATOM   464  C  CA  . HIS A 1 57  ? -0.877  -11.472 -6.117  1.00 44.58 ? 76  HIS A CA  1 
ATOM   465  C  C   . HIS A 1 57  ? -1.285  -12.523 -7.160  1.00 45.69 ? 76  HIS A C   1 
ATOM   466  O  O   . HIS A 1 57  ? -1.349  -13.720 -6.850  1.00 45.60 ? 76  HIS A O   1 
ATOM   467  C  CB  . HIS A 1 57  ? -2.120  -10.769 -5.565  1.00 43.92 ? 76  HIS A CB  1 
ATOM   468  C  CG  . HIS A 1 57  ? -3.034  -11.692 -4.830  1.00 43.04 ? 76  HIS A CG  1 
ATOM   469  N  ND1 . HIS A 1 57  ? -4.164  -12.233 -5.400  1.00 44.01 ? 76  HIS A ND1 1 
ATOM   470  C  CD2 . HIS A 1 57  ? -2.959  -12.210 -3.580  1.00 42.40 ? 76  HIS A CD2 1 
ATOM   471  C  CE1 . HIS A 1 57  ? -4.760  -13.023 -4.524  1.00 44.70 ? 76  HIS A CE1 1 
ATOM   472  N  NE2 . HIS A 1 57  ? -4.047  -13.029 -3.412  1.00 43.38 ? 76  HIS A NE2 1 
ATOM   473  N  N   . ASP A 1 58  ? -1.580  -12.073 -8.383  1.00 46.90 ? 77  ASP A N   1 
ATOM   474  C  CA  . ASP A 1 58  ? -1.930  -12.992 -9.469  1.00 48.40 ? 77  ASP A CA  1 
ATOM   475  C  C   . ASP A 1 58  ? -0.837  -14.027 -9.643  1.00 48.93 ? 77  ASP A C   1 
ATOM   476  O  O   . ASP A 1 58  ? -1.099  -15.238 -9.610  1.00 49.19 ? 77  ASP A O   1 
ATOM   477  C  CB  . ASP A 1 58  ? -2.142  -12.254 -10.787 1.00 48.00 ? 77  ASP A CB  1 
ATOM   478  C  CG  . ASP A 1 58  ? -3.402  -11.459 -10.795 1.00 48.16 ? 77  ASP A CG  1 
ATOM   479  O  OD1 . ASP A 1 58  ? -4.361  -11.804 -10.084 1.00 48.86 ? 77  ASP A OD1 1 
ATOM   480  O  OD2 . ASP A 1 58  ? -3.444  -10.463 -11.518 1.00 50.51 ? 77  ASP A OD2 1 
ATOM   481  N  N   . THR A 1 59  ? 0.399   -13.563 -9.775  1.00 49.58 ? 78  THR A N   1 
ATOM   482  C  CA  . THR A 1 59  ? 1.442   -14.518 -10.103 1.00 50.15 ? 78  THR A CA  1 
ATOM   483  C  C   . THR A 1 59  ? 1.805   -15.496 -8.964  1.00 50.48 ? 78  THR A C   1 
ATOM   484  O  O   . THR A 1 59  ? 2.374   -16.559 -9.216  1.00 50.80 ? 78  THR A O   1 
ATOM   485  C  CB  . THR A 1 59  ? 2.657   -13.868 -10.786 1.00 49.73 ? 78  THR A CB  1 
ATOM   486  O  OG1 . THR A 1 59  ? 3.680   -13.647 -9.837  1.00 51.67 ? 78  THR A OG1 1 
ATOM   487  C  CG2 . THR A 1 59  ? 2.286   -12.583 -11.416 1.00 49.32 ? 78  THR A CG2 1 
ATOM   488  N  N   . LEU A 1 60  ? 1.451   -15.156 -7.728  1.00 50.62 ? 79  LEU A N   1 
ATOM   489  C  CA  . LEU A 1 60  ? 1.641   -16.084 -6.619  1.00 51.16 ? 79  LEU A CA  1 
ATOM   490  C  C   . LEU A 1 60  ? 0.528   -17.112 -6.624  1.00 52.17 ? 79  LEU A C   1 
ATOM   491  O  O   . LEU A 1 60  ? 0.773   -18.312 -6.454  1.00 52.24 ? 79  LEU A O   1 
ATOM   492  C  CB  . LEU A 1 60  ? 1.664   -15.358 -5.258  1.00 50.79 ? 79  LEU A CB  1 
ATOM   493  C  CG  . LEU A 1 60  ? 2.831   -14.417 -4.918  1.00 49.69 ? 79  LEU A CG  1 
ATOM   494  C  CD1 . LEU A 1 60  ? 2.452   -13.558 -3.731  1.00 48.12 ? 79  LEU A CD1 1 
ATOM   495  C  CD2 . LEU A 1 60  ? 4.129   -15.170 -4.653  1.00 47.77 ? 79  LEU A CD2 1 
ATOM   496  N  N   . THR A 1 61  ? -0.700  -16.625 -6.802  1.00 53.13 ? 80  THR A N   1 
ATOM   497  C  CA  . THR A 1 61  ? -1.881  -17.463 -6.823  1.00 54.21 ? 80  THR A CA  1 
ATOM   498  C  C   . THR A 1 61  ? -1.733  -18.548 -7.886  1.00 55.30 ? 80  THR A C   1 
ATOM   499  O  O   . THR A 1 61  ? -2.066  -19.698 -7.634  1.00 56.02 ? 80  THR A O   1 
ATOM   500  C  CB  . THR A 1 61  ? -3.157  -16.629 -7.081  1.00 53.94 ? 80  THR A CB  1 
ATOM   501  O  OG1 . THR A 1 61  ? -3.277  -15.635 -6.063  1.00 54.65 ? 80  THR A OG1 1 
ATOM   502  C  CG2 . THR A 1 61  ? -4.391  -17.495 -7.026  1.00 53.80 ? 80  THR A CG2 1 
ATOM   503  N  N   . GLU A 1 62  ? -1.222  -18.203 -9.060  1.00 56.35 ? 81  GLU A N   1 
ATOM   504  C  CA  . GLU A 1 62  ? -1.111  -19.211 -10.116 1.00 58.03 ? 81  GLU A CA  1 
ATOM   505  C  C   . GLU A 1 62  ? 0.211   -19.999 -10.095 1.00 58.22 ? 81  GLU A C   1 
ATOM   506  O  O   . GLU A 1 62  ? 0.419   -20.870 -10.923 1.00 58.89 ? 81  GLU A O   1 
ATOM   507  C  CB  . GLU A 1 62  ? -1.438  -18.616 -11.497 1.00 58.19 ? 81  GLU A CB  1 
ATOM   508  C  CG  . GLU A 1 62  ? -0.406  -17.636 -12.027 1.00 60.23 ? 81  GLU A CG  1 
ATOM   509  C  CD  . GLU A 1 62  ? -1.015  -16.501 -12.850 1.00 63.25 ? 81  GLU A CD  1 
ATOM   510  O  OE1 . GLU A 1 62  ? -2.250  -16.286 -12.769 1.00 64.15 ? 81  GLU A OE1 1 
ATOM   511  O  OE2 . GLU A 1 62  ? -0.245  -15.802 -13.554 1.00 64.66 ? 81  GLU A OE2 1 
ATOM   512  N  N   . THR A 1 63  ? 1.090   -19.725 -9.135  1.00 58.55 ? 82  THR A N   1 
ATOM   513  C  CA  . THR A 1 63  ? 2.271   -20.560 -8.960  1.00 58.32 ? 82  THR A CA  1 
ATOM   514  C  C   . THR A 1 63  ? 1.836   -21.942 -8.484  1.00 59.02 ? 82  THR A C   1 
ATOM   515  O  O   . THR A 1 63  ? 1.264   -22.092 -7.392  1.00 59.15 ? 82  THR A O   1 
ATOM   516  C  CB  . THR A 1 63  ? 3.266   -19.958 -7.961  1.00 58.35 ? 82  THR A CB  1 
ATOM   517  O  OG1 . THR A 1 63  ? 3.689   -18.681 -8.434  1.00 56.85 ? 82  THR A OG1 1 
ATOM   518  C  CG2 . THR A 1 63  ? 4.488   -20.861 -7.790  1.00 57.29 ? 82  THR A CG2 1 
ATOM   519  N  N   . THR A 1 64  ? 2.122   -22.946 -9.315  1.00 59.09 ? 83  THR A N   1 
ATOM   520  C  CA  . THR A 1 64  ? 1.768   -24.331 -9.029  1.00 58.85 ? 83  THR A CA  1 
ATOM   521  C  C   . THR A 1 64  ? 2.205   -24.729 -7.612  1.00 57.97 ? 83  THR A C   1 
ATOM   522  O  O   . THR A 1 64  ? 1.383   -25.201 -6.833  1.00 57.33 ? 83  THR A O   1 
ATOM   523  C  CB  . THR A 1 64  ? 2.360   -25.319 -10.085 1.00 58.98 ? 83  THR A CB  1 
ATOM   524  O  OG1 . THR A 1 64  ? 3.791   -25.203 -10.095 1.00 61.21 ? 83  THR A OG1 1 
ATOM   525  C  CG2 . THR A 1 64  ? 1.823   -25.022 -11.486 1.00 58.77 ? 83  THR A CG2 1 
ATOM   526  N  N   . ASP A 1 65  ? 3.475   -24.499 -7.274  1.00 57.45 ? 84  ASP A N   1 
ATOM   527  C  CA  . ASP A 1 65  ? 4.001   -24.867 -5.946  1.00 57.53 ? 84  ASP A CA  1 
ATOM   528  C  C   . ASP A 1 65  ? 3.289   -24.268 -4.732  1.00 56.99 ? 84  ASP A C   1 
ATOM   529  O  O   . ASP A 1 65  ? 3.480   -24.749 -3.610  1.00 57.09 ? 84  ASP A O   1 
ATOM   530  C  CB  . ASP A 1 65  ? 5.502   -24.587 -5.830  1.00 57.96 ? 84  ASP A CB  1 
ATOM   531  C  CG  . ASP A 1 65  ? 6.343   -25.553 -6.642  1.00 59.54 ? 84  ASP A CG  1 
ATOM   532  O  OD1 . ASP A 1 65  ? 5.809   -26.567 -7.158  1.00 61.44 ? 84  ASP A OD1 1 
ATOM   533  O  OD2 . ASP A 1 65  ? 7.552   -25.291 -6.778  1.00 61.10 ? 84  ASP A OD2 1 
ATOM   534  N  N   . TYR A 1 66  ? 2.468   -23.243 -4.937  1.00 56.09 ? 85  TYR A N   1 
ATOM   535  C  CA  . TYR A 1 66  ? 1.822   -22.588 -3.793  1.00 55.46 ? 85  TYR A CA  1 
ATOM   536  C  C   . TYR A 1 66  ? 0.346   -22.951 -3.606  1.00 55.34 ? 85  TYR A C   1 
ATOM   537  O  O   . TYR A 1 66  ? -0.340  -22.390 -2.736  1.00 54.69 ? 85  TYR A O   1 
ATOM   538  C  CB  . TYR A 1 66  ? 1.973   -21.071 -3.890  1.00 55.04 ? 85  TYR A CB  1 
ATOM   539  C  CG  . TYR A 1 66  ? 3.392   -20.585 -4.021  1.00 53.53 ? 85  TYR A CG  1 
ATOM   540  C  CD1 . TYR A 1 66  ? 4.454   -21.264 -3.421  1.00 53.57 ? 85  TYR A CD1 1 
ATOM   541  C  CD2 . TYR A 1 66  ? 3.669   -19.431 -4.728  1.00 51.85 ? 85  TYR A CD2 1 
ATOM   542  C  CE1 . TYR A 1 66  ? 5.752   -20.797 -3.545  1.00 53.15 ? 85  TYR A CE1 1 
ATOM   543  C  CE2 . TYR A 1 66  ? 4.951   -18.962 -4.846  1.00 52.49 ? 85  TYR A CE2 1 
ATOM   544  C  CZ  . TYR A 1 66  ? 5.978   -19.647 -4.262  1.00 52.39 ? 85  TYR A CZ  1 
ATOM   545  O  OH  . TYR A 1 66  ? 7.238   -19.147 -4.384  1.00 55.16 ? 85  TYR A OH  1 
ATOM   546  N  N   . ALA A 1 67  ? -0.114  -23.899 -4.422  1.00 55.17 ? 86  ALA A N   1 
ATOM   547  C  CA  . ALA A 1 67  ? -1.520  -24.258 -4.525  1.00 54.52 ? 86  ALA A CA  1 
ATOM   548  C  C   . ALA A 1 67  ? -2.032  -24.790 -3.193  1.00 54.17 ? 86  ALA A C   1 
ATOM   549  O  O   . ALA A 1 67  ? -3.219  -24.620 -2.863  1.00 54.41 ? 86  ALA A O   1 
ATOM   550  C  CB  . ALA A 1 67  ? -1.729  -25.286 -5.644  1.00 54.69 ? 86  ALA A CB  1 
ATOM   551  N  N   . GLY A 1 68  ? -1.137  -25.415 -2.425  1.00 53.04 ? 87  GLY A N   1 
ATOM   552  C  CA  . GLY A 1 68  ? -1.457  -25.860 -1.068  1.00 51.83 ? 87  GLY A CA  1 
ATOM   553  C  C   . GLY A 1 68  ? -1.196  -24.829 0.025   1.00 51.26 ? 87  GLY A C   1 
ATOM   554  O  O   . GLY A 1 68  ? -1.431  -25.102 1.208   1.00 51.33 ? 87  GLY A O   1 
ATOM   555  N  N   . LEU A 1 69  ? -0.712  -23.645 -0.351  1.00 50.20 ? 88  LEU A N   1 
ATOM   556  C  CA  . LEU A 1 69  ? -0.430  -22.592 0.630   1.00 49.09 ? 88  LEU A CA  1 
ATOM   557  C  C   . LEU A 1 69  ? -1.580  -21.596 0.788   1.00 48.29 ? 88  LEU A C   1 
ATOM   558  O  O   . LEU A 1 69  ? -2.377  -21.402 -0.119  1.00 48.22 ? 88  LEU A O   1 
ATOM   559  C  CB  . LEU A 1 69  ? 0.851   -21.839 0.262   1.00 48.59 ? 88  LEU A CB  1 
ATOM   560  C  CG  . LEU A 1 69  ? 2.149   -22.619 0.048   1.00 48.21 ? 88  LEU A CG  1 
ATOM   561  C  CD1 . LEU A 1 69  ? 3.221   -21.618 -0.284  1.00 46.32 ? 88  LEU A CD1 1 
ATOM   562  C  CD2 . LEU A 1 69  ? 2.568   -23.444 1.271   1.00 44.44 ? 88  LEU A CD2 1 
ATOM   563  N  N   . ILE A 1 70  ? -1.635  -20.939 1.940   1.00 47.57 ? 89  ILE A N   1 
ATOM   564  C  CA  . ILE A 1 70  ? -2.565  -19.821 2.130   1.00 46.41 ? 89  ILE A CA  1 
ATOM   565  C  C   . ILE A 1 70  ? -1.924  -18.502 1.698   1.00 45.51 ? 89  ILE A C   1 
ATOM   566  O  O   . ILE A 1 70  ? -1.094  -17.934 2.414   1.00 45.84 ? 89  ILE A O   1 
ATOM   567  C  CB  . ILE A 1 70  ? -3.096  -19.746 3.605   1.00 46.45 ? 89  ILE A CB  1 
ATOM   568  C  CG1 . ILE A 1 70  ? -3.934  -20.990 3.923   1.00 46.24 ? 89  ILE A CG1 1 
ATOM   569  C  CG2 . ILE A 1 70  ? -3.908  -18.466 3.850   1.00 45.31 ? 89  ILE A CG2 1 
ATOM   570  C  CD1 . ILE A 1 70  ? -5.000  -21.302 2.876   1.00 43.76 ? 89  ILE A CD1 1 
ATOM   571  N  N   . ILE A 1 71  ? -2.296  -18.026 0.521   1.00 43.99 ? 90  ILE A N   1 
ATOM   572  C  CA  . ILE A 1 71  ? -1.789  -16.757 0.028   1.00 43.22 ? 90  ILE A CA  1 
ATOM   573  C  C   . ILE A 1 71  ? -2.631  -15.612 0.595   1.00 42.30 ? 90  ILE A C   1 
ATOM   574  O  O   . ILE A 1 71  ? -3.834  -15.612 0.421   1.00 42.60 ? 90  ILE A O   1 
ATOM   575  C  CB  . ILE A 1 71  ? -1.808  -16.723 -1.522  1.00 43.57 ? 90  ILE A CB  1 
ATOM   576  C  CG1 . ILE A 1 71  ? -0.901  -17.826 -2.066  1.00 42.98 ? 90  ILE A CG1 1 
ATOM   577  C  CG2 . ILE A 1 71  ? -1.376  -15.334 -2.060  1.00 41.87 ? 90  ILE A CG2 1 
ATOM   578  C  CD1 . ILE A 1 71  ? -1.092  -18.045 -3.512  1.00 45.62 ? 90  ILE A CD1 1 
ATOM   579  N  N   . PRO A 1 72  ? -2.001  -14.638 1.268   1.00 41.44 ? 91  PRO A N   1 
ATOM   580  C  CA  . PRO A 1 72  ? -2.751  -13.512 1.829   1.00 40.99 ? 91  PRO A CA  1 
ATOM   581  C  C   . PRO A 1 72  ? -3.539  -12.776 0.750   1.00 40.56 ? 91  PRO A C   1 
ATOM   582  O  O   . PRO A 1 72  ? -3.083  -12.710 -0.398  1.00 40.79 ? 91  PRO A O   1 
ATOM   583  C  CB  . PRO A 1 72  ? -1.652  -12.589 2.395   1.00 40.87 ? 91  PRO A CB  1 
ATOM   584  C  CG  . PRO A 1 72  ? -0.389  -13.049 1.801   1.00 40.76 ? 91  PRO A CG  1 
ATOM   585  C  CD  . PRO A 1 72  ? -0.555  -14.511 1.528   1.00 41.67 ? 91  PRO A CD  1 
ATOM   586  N  N   . PRO A 1 73  ? -4.710  -12.209 1.117   1.00 39.88 ? 92  PRO A N   1 
ATOM   587  C  CA  . PRO A 1 73  ? -5.574  -11.570 0.127   1.00 39.25 ? 92  PRO A CA  1 
ATOM   588  C  C   . PRO A 1 73  ? -4.976  -10.301 -0.477  1.00 39.30 ? 92  PRO A C   1 
ATOM   589  O  O   . PRO A 1 73  ? -4.289  -9.530  0.224   1.00 39.10 ? 92  PRO A O   1 
ATOM   590  C  CB  . PRO A 1 73  ? -6.841  -11.222 0.929   1.00 39.07 ? 92  PRO A CB  1 
ATOM   591  C  CG  . PRO A 1 73  ? -6.424  -11.254 2.366   1.00 38.73 ? 92  PRO A CG  1 
ATOM   592  C  CD  . PRO A 1 73  ? -5.327  -12.252 2.461   1.00 39.36 ? 92  PRO A CD  1 
ATOM   593  N  N   . ALA A 1 74  ? -5.267  -10.069 -1.756  1.00 39.09 ? 93  ALA A N   1 
ATOM   594  C  CA  . ALA A 1 74  ? -4.872  -8.838  -2.428  1.00 39.58 ? 93  ALA A CA  1 
ATOM   595  C  C   . ALA A 1 74  ? -5.391  -7.576  -1.707  1.00 40.64 ? 93  ALA A C   1 
ATOM   596  O  O   . ALA A 1 74  ? -6.473  -7.590  -1.108  1.00 40.41 ? 93  ALA A O   1 
ATOM   597  C  CB  . ALA A 1 74  ? -5.322  -8.855  -3.880  1.00 39.00 ? 93  ALA A CB  1 
ATOM   598  N  N   . PRO A 1 75  ? -4.619  -6.470  -1.763  1.00 41.27 ? 94  PRO A N   1 
ATOM   599  C  CA  . PRO A 1 75  ? -5.198  -5.206  -1.298  1.00 41.90 ? 94  PRO A CA  1 
ATOM   600  C  C   . PRO A 1 75  ? -6.258  -4.762  -2.301  1.00 42.81 ? 94  PRO A C   1 
ATOM   601  O  O   . PRO A 1 75  ? -6.175  -5.105  -3.493  1.00 43.01 ? 94  PRO A O   1 
ATOM   602  C  CB  . PRO A 1 75  ? -4.011  -4.245  -1.325  1.00 41.87 ? 94  PRO A CB  1 
ATOM   603  C  CG  . PRO A 1 75  ? -3.114  -4.798  -2.408  1.00 41.66 ? 94  PRO A CG  1 
ATOM   604  C  CD  . PRO A 1 75  ? -3.307  -6.287  -2.414  1.00 41.33 ? 94  PRO A CD  1 
ATOM   605  N  N   . THR A 1 76  ? -7.263  -4.037  -1.823  1.00 43.82 ? 95  THR A N   1 
ATOM   606  C  CA  . THR A 1 76  ? -8.327  -3.556  -2.705  1.00 44.08 ? 95  THR A CA  1 
ATOM   607  C  C   . THR A 1 76  ? -7.850  -2.344  -3.480  1.00 44.11 ? 95  THR A C   1 
ATOM   608  O  O   . THR A 1 76  ? -6.993  -1.590  -3.003  1.00 43.81 ? 95  THR A O   1 
ATOM   609  C  CB  . THR A 1 76  ? -9.592  -3.187  -1.904  1.00 44.32 ? 95  THR A CB  1 
ATOM   610  O  OG1 . THR A 1 76  ? -9.204  -2.683  -0.620  1.00 45.72 ? 95  THR A OG1 1 
ATOM   611  C  CG2 . THR A 1 76  ? -10.482 -4.430  -1.721  1.00 44.00 ? 95  THR A CG2 1 
ATOM   612  N  N   . LYS A 1 77  ? -8.388  -2.166  -4.678  1.00 44.37 ? 96  LYS A N   1 
ATOM   613  C  CA  . LYS A 1 77  ? -8.083  -0.998  -5.484  1.00 44.69 ? 96  LYS A CA  1 
ATOM   614  C  C   . LYS A 1 77  ? -8.456  0.278   -4.718  1.00 44.26 ? 96  LYS A C   1 
ATOM   615  O  O   . LYS A 1 77  ? -9.535  0.346   -4.138  1.00 44.44 ? 96  LYS A O   1 
ATOM   616  C  CB  . LYS A 1 77  ? -8.831  -1.057  -6.819  1.00 45.21 ? 96  LYS A CB  1 
ATOM   617  C  CG  . LYS A 1 77  ? -8.452  0.071   -7.772  1.00 47.31 ? 96  LYS A CG  1 
ATOM   618  C  CD  . LYS A 1 77  ? -9.594  0.408   -8.706  1.00 50.52 ? 96  LYS A CD  1 
ATOM   619  C  CE  . LYS A 1 77  ? -9.555  -0.412  -9.971  1.00 51.79 ? 96  LYS A CE  1 
ATOM   620  N  NZ  . LYS A 1 77  ? -8.315  -0.151  -10.729 1.00 54.53 ? 96  LYS A NZ  1 
ATOM   621  N  N   . PRO A 1 78  ? -7.546  1.276   -4.685  1.00 43.85 ? 97  PRO A N   1 
ATOM   622  C  CA  . PRO A 1 78  ? -7.897  2.553   -4.048  1.00 43.50 ? 97  PRO A CA  1 
ATOM   623  C  C   . PRO A 1 78  ? -9.143  3.156   -4.689  1.00 43.49 ? 97  PRO A C   1 
ATOM   624  O  O   . PRO A 1 78  ? -9.257  3.208   -5.915  1.00 43.02 ? 97  PRO A O   1 
ATOM   625  C  CB  . PRO A 1 78  ? -6.685  3.439   -4.330  1.00 43.17 ? 97  PRO A CB  1 
ATOM   626  C  CG  . PRO A 1 78  ? -5.546  2.462   -4.520  1.00 43.54 ? 97  PRO A CG  1 
ATOM   627  C  CD  . PRO A 1 78  ? -6.135  1.240   -5.132  1.00 43.18 ? 97  PRO A CD  1 
ATOM   628  N  N   . ASP A 1 79  ? -10.063 3.615   -3.856  1.00 43.45 ? 98  ASP A N   1 
ATOM   629  C  CA  . ASP A 1 79  ? -11.304 4.177   -4.353  1.00 43.75 ? 98  ASP A CA  1 
ATOM   630  C  C   . ASP A 1 79  ? -11.635 5.451   -3.567  1.00 43.20 ? 98  ASP A C   1 
ATOM   631  O  O   . ASP A 1 79  ? -11.948 5.416   -2.375  1.00 42.50 ? 98  ASP A O   1 
ATOM   632  C  CB  . ASP A 1 79  ? -12.409 3.095   -4.289  1.00 44.28 ? 98  ASP A CB  1 
ATOM   633  C  CG  . ASP A 1 79  ? -13.779 3.595   -4.768  1.00 45.31 ? 98  ASP A CG  1 
ATOM   634  O  OD1 . ASP A 1 79  ? -13.871 4.628   -5.458  1.00 45.39 ? 98  ASP A OD1 1 
ATOM   635  O  OD2 . ASP A 1 79  ? -14.778 2.930   -4.443  1.00 47.62 ? 98  ASP A OD2 1 
ATOM   636  N  N   . PHE A 1 80  ? -11.521 6.587   -4.242  1.00 43.60 ? 99  PHE A N   1 
ATOM   637  C  CA  . PHE A 1 80  ? -11.801 7.876   -3.610  1.00 43.93 ? 99  PHE A CA  1 
ATOM   638  C  C   . PHE A 1 80  ? -13.195 8.468   -3.972  1.00 44.59 ? 99  PHE A C   1 
ATOM   639  O  O   . PHE A 1 80  ? -13.455 9.650   -3.722  1.00 45.05 ? 99  PHE A O   1 
ATOM   640  C  CB  . PHE A 1 80  ? -10.657 8.854   -3.902  1.00 43.24 ? 99  PHE A CB  1 
ATOM   641  C  CG  . PHE A 1 80  ? -9.315  8.423   -3.317  1.00 43.71 ? 99  PHE A CG  1 
ATOM   642  C  CD1 . PHE A 1 80  ? -9.004  8.674   -1.967  1.00 41.70 ? 99  PHE A CD1 1 
ATOM   643  C  CD2 . PHE A 1 80  ? -8.360  7.768   -4.121  1.00 42.20 ? 99  PHE A CD2 1 
ATOM   644  C  CE1 . PHE A 1 80  ? -7.767  8.272   -1.422  1.00 42.43 ? 99  PHE A CE1 1 
ATOM   645  C  CE2 . PHE A 1 80  ? -7.103  7.365   -3.594  1.00 41.56 ? 99  PHE A CE2 1 
ATOM   646  C  CZ  . PHE A 1 80  ? -6.804  7.619   -2.244  1.00 40.15 ? 99  PHE A CZ  1 
ATOM   647  N  N   . ASP A 1 81  ? -14.092 7.647   -4.522  1.00 44.95 ? 100 ASP A N   1 
ATOM   648  C  CA  . ASP A 1 81  ? -15.422 8.130   -4.962  1.00 45.97 ? 100 ASP A CA  1 
ATOM   649  C  C   . ASP A 1 81  ? -16.280 8.740   -3.870  1.00 46.24 ? 100 ASP A C   1 
ATOM   650  O  O   . ASP A 1 81  ? -16.920 9.758   -4.103  1.00 46.99 ? 100 ASP A O   1 
ATOM   651  C  CB  . ASP A 1 81  ? -16.202 7.050   -5.720  1.00 45.37 ? 100 ASP A CB  1 
ATOM   652  C  CG  . ASP A 1 81  ? -15.616 6.794   -7.077  1.00 47.70 ? 100 ASP A CG  1 
ATOM   653  O  OD1 . ASP A 1 81  ? -14.700 7.551   -7.475  1.00 50.84 ? 100 ASP A OD1 1 
ATOM   654  O  OD2 . ASP A 1 81  ? -16.040 5.844   -7.755  1.00 50.04 ? 100 ASP A OD2 1 
ATOM   655  N  N   . GLY A 1 82  ? -16.270 8.144   -2.681  1.00 46.56 ? 101 GLY A N   1 
ATOM   656  C  CA  . GLY A 1 82  ? -16.983 8.699   -1.534  1.00 46.69 ? 101 GLY A CA  1 
ATOM   657  C  C   . GLY A 1 82  ? -16.599 10.144  -1.245  1.00 47.14 ? 101 GLY A C   1 
ATOM   658  O  O   . GLY A 1 82  ? -17.441 11.059  -1.365  1.00 46.85 ? 101 GLY A O   1 
ATOM   659  N  N   . PRO A 1 83  ? -15.320 10.369  -0.864  1.00 47.16 ? 102 PRO A N   1 
ATOM   660  C  CA  . PRO A 1 83  ? -14.861 11.734  -0.596  1.00 47.08 ? 102 PRO A CA  1 
ATOM   661  C  C   . PRO A 1 83  ? -14.998 12.686  -1.796  1.00 47.09 ? 102 PRO A C   1 
ATOM   662  O  O   . PRO A 1 83  ? -15.347 13.844  -1.602  1.00 46.28 ? 102 PRO A O   1 
ATOM   663  C  CB  . PRO A 1 83  ? -13.386 11.542  -0.214  1.00 47.31 ? 102 PRO A CB  1 
ATOM   664  C  CG  . PRO A 1 83  ? -13.319 10.133  0.284   1.00 46.91 ? 102 PRO A CG  1 
ATOM   665  C  CD  . PRO A 1 83  ? -14.276 9.370   -0.555  1.00 46.59 ? 102 PRO A CD  1 
ATOM   666  N  N   . ARG A 1 84  ? -14.716 12.219  -3.009  1.00 47.35 ? 103 ARG A N   1 
ATOM   667  C  CA  . ARG A 1 84  ? -14.817 13.088  -4.175  1.00 48.52 ? 103 ARG A CA  1 
ATOM   668  C  C   . ARG A 1 84  ? -16.252 13.531  -4.445  1.00 49.31 ? 103 ARG A C   1 
ATOM   669  O  O   . ARG A 1 84  ? -16.505 14.697  -4.722  1.00 49.59 ? 103 ARG A O   1 
ATOM   670  C  CB  . ARG A 1 84  ? -14.254 12.408  -5.408  1.00 48.52 ? 103 ARG A CB  1 
ATOM   671  C  CG  . ARG A 1 84  ? -12.742 12.334  -5.419  1.00 50.43 ? 103 ARG A CG  1 
ATOM   672  C  CD  . ARG A 1 84  ? -12.126 13.731  -5.394  1.00 51.43 ? 103 ARG A CD  1 
ATOM   673  N  NE  . ARG A 1 84  ? -10.701 13.625  -5.671  1.00 52.45 ? 103 ARG A NE  1 
ATOM   674  C  CZ  . ARG A 1 84  ? -9.798  14.540  -5.345  1.00 53.80 ? 103 ARG A CZ  1 
ATOM   675  N  NH1 . ARG A 1 84  ? -10.167 15.643  -4.712  1.00 53.68 ? 103 ARG A NH1 1 
ATOM   676  N  NH2 . ARG A 1 84  ? -8.516  14.336  -5.641  1.00 53.46 ? 103 ARG A NH2 1 
ATOM   677  N  N   . GLU A 1 85  ? -17.185 12.596  -4.363  1.00 49.96 ? 104 GLU A N   1 
ATOM   678  C  CA  . GLU A 1 85  ? -18.567 12.926  -4.609  1.00 51.58 ? 104 GLU A CA  1 
ATOM   679  C  C   . GLU A 1 85  ? -19.080 13.887  -3.555  1.00 52.08 ? 104 GLU A C   1 
ATOM   680  O  O   . GLU A 1 85  ? -19.784 14.840  -3.879  1.00 52.74 ? 104 GLU A O   1 
ATOM   681  C  CB  . GLU A 1 85  ? -19.427 11.665  -4.703  1.00 51.16 ? 104 GLU A CB  1 
ATOM   682  C  CG  . GLU A 1 85  ? -19.283 11.004  -6.072  1.00 53.23 ? 104 GLU A CG  1 
ATOM   683  C  CD  . GLU A 1 85  ? -19.761 9.567   -6.084  1.00 57.08 ? 104 GLU A CD  1 
ATOM   684  O  OE1 . GLU A 1 85  ? -20.478 9.166   -5.139  1.00 60.21 ? 104 GLU A OE1 1 
ATOM   685  O  OE2 . GLU A 1 85  ? -19.408 8.820   -7.026  1.00 58.46 ? 104 GLU A OE2 1 
ATOM   686  N  N   . LYS A 1 86  ? -18.686 13.663  -2.308  1.00 52.48 ? 105 LYS A N   1 
ATOM   687  C  CA  . LYS A 1 86  ? -19.102 14.517  -1.217  1.00 52.88 ? 105 LYS A CA  1 
ATOM   688  C  C   . LYS A 1 86  ? -18.563 15.929  -1.363  1.00 53.86 ? 105 LYS A C   1 
ATOM   689  O  O   . LYS A 1 86  ? -19.237 16.893  -0.995  1.00 53.95 ? 105 LYS A O   1 
ATOM   690  C  CB  . LYS A 1 86  ? -18.669 13.913  0.107   1.00 52.67 ? 105 LYS A CB  1 
ATOM   691  C  CG  . LYS A 1 86  ? -19.569 14.291  1.240   1.00 53.04 ? 105 LYS A CG  1 
ATOM   692  C  CD  . LYS A 1 86  ? -19.264 13.484  2.469   1.00 53.03 ? 105 LYS A CD  1 
ATOM   693  C  CE  . LYS A 1 86  ? -19.983 14.052  3.686   1.00 52.24 ? 105 LYS A CE  1 
ATOM   694  N  NZ  . LYS A 1 86  ? -19.615 13.258  4.901   1.00 54.24 ? 105 LYS A NZ  1 
HETATM 695  N  N   . MSE A 1 87  ? -17.352 16.055  -1.900  1.00 54.87 ? 106 MSE A N   1 
HETATM 696  C  CA  . MSE A 1 87  ? -16.747 17.366  -2.104  1.00 56.19 ? 106 MSE A CA  1 
HETATM 697  C  C   . MSE A 1 87  ? -17.442 18.092  -3.239  1.00 56.16 ? 106 MSE A C   1 
HETATM 698  O  O   . MSE A 1 87  ? -17.566 19.306  -3.216  1.00 55.52 ? 106 MSE A O   1 
HETATM 699  C  CB  . MSE A 1 87  ? -15.270 17.241  -2.435  1.00 56.69 ? 106 MSE A CB  1 
HETATM 700  C  CG  . MSE A 1 87  ? -14.411 16.733  -1.317  1.00 60.38 ? 106 MSE A CG  1 
HETATM 701  SE SE  . MSE A 1 87  ? -12.649 16.176  -2.006  1.00 68.90 ? 106 MSE A SE  1 
HETATM 702  C  CE  . MSE A 1 87  ? -11.890 17.970  -2.353  1.00 66.36 ? 106 MSE A CE  1 
ATOM   703  N  N   . GLN A 1 88  ? -17.878 17.336  -4.241  1.00 56.59 ? 107 GLN A N   1 
ATOM   704  C  CA  . GLN A 1 88  ? -18.612 17.914  -5.344  1.00 57.42 ? 107 GLN A CA  1 
ATOM   705  C  C   . GLN A 1 88  ? -19.938 18.481  -4.827  1.00 57.13 ? 107 GLN A C   1 
ATOM   706  O  O   . GLN A 1 88  ? -20.253 19.633  -5.095  1.00 57.40 ? 107 GLN A O   1 
ATOM   707  C  CB  . GLN A 1 88  ? -18.843 16.873  -6.427  1.00 57.90 ? 107 GLN A CB  1 
ATOM   708  C  CG  . GLN A 1 88  ? -19.490 17.439  -7.662  1.00 60.61 ? 107 GLN A CG  1 
ATOM   709  C  CD  . GLN A 1 88  ? -20.593 16.537  -8.166  1.00 64.81 ? 107 GLN A CD  1 
ATOM   710  O  OE1 . GLN A 1 88  ? -20.437 15.877  -9.193  1.00 66.88 ? 107 GLN A OE1 1 
ATOM   711  N  NE2 . GLN A 1 88  ? -21.716 16.477  -7.428  1.00 66.71 ? 107 GLN A NE2 1 
ATOM   712  N  N   . LYS A 1 89  ? -20.685 17.685  -4.063  1.00 56.76 ? 108 LYS A N   1 
ATOM   713  C  CA  . LYS A 1 89  ? -21.917 18.156  -3.404  1.00 56.68 ? 108 LYS A CA  1 
ATOM   714  C  C   . LYS A 1 89  ? -21.681 19.395  -2.564  1.00 56.36 ? 108 LYS A C   1 
ATOM   715  O  O   . LYS A 1 89  ? -22.489 20.317  -2.590  1.00 56.75 ? 108 LYS A O   1 
ATOM   716  C  CB  . LYS A 1 89  ? -22.537 17.074  -2.515  1.00 56.89 ? 108 LYS A CB  1 
ATOM   717  C  CG  . LYS A 1 89  ? -23.520 16.180  -3.220  1.00 57.18 ? 108 LYS A CG  1 
ATOM   718  C  CD  . LYS A 1 89  ? -24.071 15.172  -2.260  1.00 59.24 ? 108 LYS A CD  1 
ATOM   719  C  CE  . LYS A 1 89  ? -24.554 13.942  -2.995  1.00 60.52 ? 108 LYS A CE  1 
ATOM   720  N  NZ  . LYS A 1 89  ? -25.104 12.963  -2.016  1.00 63.49 ? 108 LYS A NZ  1 
ATOM   721  N  N   . LEU A 1 90  ? -20.565 19.422  -1.840  1.00 55.79 ? 109 LEU A N   1 
ATOM   722  C  CA  . LEU A 1 90  ? -20.210 20.582  -1.039  1.00 55.33 ? 109 LEU A CA  1 
ATOM   723  C  C   . LEU A 1 90  ? -20.065 21.839  -1.896  1.00 55.52 ? 109 LEU A C   1 
ATOM   724  O  O   . LEU A 1 90  ? -20.552 22.904  -1.527  1.00 54.88 ? 109 LEU A O   1 
ATOM   725  C  CB  . LEU A 1 90  ? -18.939 20.321  -0.226  1.00 54.64 ? 109 LEU A CB  1 
ATOM   726  C  CG  . LEU A 1 90  ? -18.425 21.497  0.602   1.00 53.68 ? 109 LEU A CG  1 
ATOM   727  C  CD1 . LEU A 1 90  ? -19.506 22.015  1.530   1.00 52.66 ? 109 LEU A CD1 1 
ATOM   728  C  CD2 . LEU A 1 90  ? -17.202 21.114  1.379   1.00 52.42 ? 109 LEU A CD2 1 
ATOM   729  N  N   . GLY A 1 91  ? -19.411 21.694  -3.048  1.00 55.97 ? 110 GLY A N   1 
ATOM   730  C  CA  . GLY A 1 91  ? -19.188 22.803  -3.970  1.00 56.55 ? 110 GLY A CA  1 
ATOM   731  C  C   . GLY A 1 91  ? -20.482 23.347  -4.548  1.00 56.91 ? 110 GLY A C   1 
ATOM   732  O  O   . GLY A 1 91  ? -20.611 24.545  -4.757  1.00 56.61 ? 110 GLY A O   1 
ATOM   733  N  N   . GLU A 1 92  ? -21.441 22.464  -4.801  1.00 57.57 ? 111 GLU A N   1 
ATOM   734  C  CA  . GLU A 1 92  ? -22.726 22.893  -5.318  1.00 58.49 ? 111 GLU A CA  1 
ATOM   735  C  C   . GLU A 1 92  ? -23.467 23.712  -4.286  1.00 58.35 ? 111 GLU A C   1 
ATOM   736  O  O   . GLU A 1 92  ? -24.188 24.633  -4.639  1.00 58.91 ? 111 GLU A O   1 
ATOM   737  C  CB  . GLU A 1 92  ? -23.561 21.699  -5.772  1.00 58.91 ? 111 GLU A CB  1 
ATOM   738  C  CG  . GLU A 1 92  ? -23.421 21.413  -7.258  1.00 60.53 ? 111 GLU A CG  1 
ATOM   739  C  CD  . GLU A 1 92  ? -23.134 19.951  -7.545  1.00 63.52 ? 111 GLU A CD  1 
ATOM   740  O  OE1 . GLU A 1 92  ? -23.729 19.065  -6.888  1.00 64.46 ? 111 GLU A OE1 1 
ATOM   741  O  OE2 . GLU A 1 92  ? -22.298 19.684  -8.435  1.00 65.86 ? 111 GLU A OE2 1 
ATOM   742  N  N   . GLY A 1 93  ? -23.259 23.396  -3.011  1.00 58.28 ? 112 GLY A N   1 
ATOM   743  C  CA  . GLY A 1 93  ? -23.907 24.115  -1.918  1.00 57.69 ? 112 GLY A CA  1 
ATOM   744  C  C   . GLY A 1 93  ? -23.145 25.326  -1.410  1.00 57.53 ? 112 GLY A C   1 
ATOM   745  O  O   . GLY A 1 93  ? -23.420 25.813  -0.319  1.00 57.34 ? 112 GLY A O   1 
ATOM   746  N  N   . GLU A 1 94  ? -22.202 25.842  -2.192  1.00 57.79 ? 113 GLU A N   1 
ATOM   747  C  CA  . GLU A 1 94  ? -21.339 26.909  -1.669  1.00 58.17 ? 113 GLU A CA  1 
ATOM   748  C  C   . GLU A 1 94  ? -22.063 28.234  -1.351  1.00 57.97 ? 113 GLU A C   1 
ATOM   749  O  O   . GLU A 1 94  ? -21.685 28.936  -0.414  1.00 57.71 ? 113 GLU A O   1 
ATOM   750  C  CB  . GLU A 1 94  ? -20.139 27.173  -2.577  1.00 58.27 ? 113 GLU A CB  1 
ATOM   751  C  CG  . GLU A 1 94  ? -19.072 28.014  -1.852  1.00 59.61 ? 113 GLU A CG  1 
ATOM   752  C  CD  . GLU A 1 94  ? -17.935 28.472  -2.738  1.00 61.81 ? 113 GLU A CD  1 
ATOM   753  O  OE1 . GLU A 1 94  ? -17.864 28.042  -3.913  1.00 62.36 ? 113 GLU A OE1 1 
ATOM   754  O  OE2 . GLU A 1 94  ? -17.112 29.279  -2.247  1.00 63.90 ? 113 GLU A OE2 1 
ATOM   755  N  N   . GLY A 1 95  ? -23.081 28.568  -2.142  1.00 57.68 ? 114 GLY A N   1 
ATOM   756  C  CA  . GLY A 1 95  ? -23.847 29.804  -1.963  1.00 57.65 ? 114 GLY A CA  1 
ATOM   757  C  C   . GLY A 1 95  ? -24.695 29.875  -0.700  1.00 57.59 ? 114 GLY A C   1 
ATOM   758  O  O   . GLY A 1 95  ? -24.989 30.965  -0.219  1.00 58.08 ? 114 GLY A O   1 
ATOM   759  N  N   . SER A 1 96  ? -25.057 28.714  -0.147  1.00 57.05 ? 115 SER A N   1 
ATOM   760  C  CA  . SER A 1 96  ? -25.957 28.620  1.011   1.00 56.27 ? 115 SER A CA  1 
ATOM   761  C  C   . SER A 1 96  ? -25.252 28.680  2.358   1.00 55.02 ? 115 SER A C   1 
ATOM   762  O  O   . SER A 1 96  ? -25.840 28.368  3.383   1.00 54.63 ? 115 SER A O   1 
ATOM   763  C  CB  . SER A 1 96  ? -26.740 27.317  0.927   1.00 56.57 ? 115 SER A CB  1 
ATOM   764  O  OG  . SER A 1 96  ? -27.534 27.308  -0.253  1.00 59.09 ? 115 SER A OG  1 
HETATM 765  N  N   . MSE A 1 97  ? -24.008 29.128  2.358   1.00 53.97 ? 116 MSE A N   1 
HETATM 766  C  CA  . MSE A 1 97  ? -23.101 28.867  3.470   1.00 53.22 ? 116 MSE A CA  1 
HETATM 767  C  C   . MSE A 1 97  ? -22.132 30.025  3.574   1.00 51.68 ? 116 MSE A C   1 
HETATM 768  O  O   . MSE A 1 97  ? -21.741 30.581  2.551   1.00 50.88 ? 116 MSE A O   1 
HETATM 769  C  CB  . MSE A 1 97  ? -22.367 27.560  3.143   1.00 53.40 ? 116 MSE A CB  1 
HETATM 770  C  CG  . MSE A 1 97  ? -21.532 26.950  4.227   1.00 56.23 ? 116 MSE A CG  1 
HETATM 771  SE SE  . MSE A 1 97  ? -21.227 25.029  3.837   1.00 61.98 ? 116 MSE A SE  1 
HETATM 772  C  CE  . MSE A 1 97  ? -22.579 24.312  5.055   1.00 55.95 ? 116 MSE A CE  1 
ATOM   773  N  N   . THR A 1 98  ? -21.736 30.406  4.787   1.00 50.97 ? 117 THR A N   1 
ATOM   774  C  CA  . THR A 1 98  ? -20.739 31.488  4.915   1.00 50.57 ? 117 THR A CA  1 
ATOM   775  C  C   . THR A 1 98  ? -19.337 31.013  4.471   1.00 51.62 ? 117 THR A C   1 
ATOM   776  O  O   . THR A 1 98  ? -19.076 29.793  4.392   1.00 51.52 ? 117 THR A O   1 
ATOM   777  C  CB  . THR A 1 98  ? -20.638 32.098  6.341   1.00 50.54 ? 117 THR A CB  1 
ATOM   778  O  OG1 . THR A 1 98  ? -19.968 31.182  7.200   1.00 45.77 ? 117 THR A OG1 1 
ATOM   779  C  CG2 . THR A 1 98  ? -22.038 32.494  6.932   1.00 49.60 ? 117 THR A CG2 1 
ATOM   780  N  N   . LYS A 1 99  ? -18.456 31.976  4.174   1.00 51.58 ? 118 LYS A N   1 
ATOM   781  C  CA  . LYS A 1 99  ? -17.063 31.702  3.787   1.00 51.90 ? 118 LYS A CA  1 
ATOM   782  C  C   . LYS A 1 99  ? -16.307 30.804  4.770   1.00 50.96 ? 118 LYS A C   1 
ATOM   783  O  O   . LYS A 1 99  ? -15.577 29.903  4.354   1.00 51.39 ? 118 LYS A O   1 
ATOM   784  C  CB  . LYS A 1 99  ? -16.306 33.023  3.580   1.00 52.68 ? 118 LYS A CB  1 
ATOM   785  C  CG  . LYS A 1 99  ? -16.715 33.751  2.292   1.00 55.80 ? 118 LYS A CG  1 
ATOM   786  C  CD  . LYS A 1 99  ? -16.156 35.186  2.216   1.00 61.17 ? 118 LYS A CD  1 
ATOM   787  C  CE  . LYS A 1 99  ? -16.576 35.866  0.903   1.00 63.10 ? 118 LYS A CE  1 
ATOM   788  N  NZ  . LYS A 1 99  ? -15.716 37.032  0.563   1.00 64.84 ? 118 LYS A NZ  1 
ATOM   789  N  N   A GLU A 1 100 ? -16.495 31.026  6.070   0.50 50.43 ? 119 GLU A N   1 
ATOM   790  N  N   B GLU A 1 100 ? -16.479 31.088  6.056   0.50 50.42 ? 119 GLU A N   1 
ATOM   791  C  CA  A GLU A 1 100 ? -15.763 30.257  7.081   0.50 50.02 ? 119 GLU A CA  1 
ATOM   792  C  CA  B GLU A 1 100 ? -15.852 30.332  7.122   0.50 50.04 ? 119 GLU A CA  1 
ATOM   793  C  C   A GLU A 1 100 ? -16.412 28.905  7.447   0.50 49.88 ? 119 GLU A C   1 
ATOM   794  C  C   B GLU A 1 100 ? -16.399 28.904  7.162   0.50 49.86 ? 119 GLU A C   1 
ATOM   795  O  O   A GLU A 1 100 ? -15.724 27.997  7.914   0.50 49.71 ? 119 GLU A O   1 
ATOM   796  O  O   B GLU A 1 100 ? -15.637 27.936  7.081   0.50 49.53 ? 119 GLU A O   1 
ATOM   797  C  CB  A GLU A 1 100 ? -15.511 31.100  8.331   0.50 50.23 ? 119 GLU A CB  1 
ATOM   798  C  CB  B GLU A 1 100 ? -16.099 31.042  8.451   0.50 50.14 ? 119 GLU A CB  1 
ATOM   799  C  CG  A GLU A 1 100 ? -15.138 32.537  8.030   0.50 49.55 ? 119 GLU A CG  1 
ATOM   800  C  CG  B GLU A 1 100 ? -15.731 30.231  9.674   0.50 50.07 ? 119 GLU A CG  1 
ATOM   801  C  CD  A GLU A 1 100 ? -16.341 33.431  8.014   0.50 49.84 ? 119 GLU A CD  1 
ATOM   802  C  CD  B GLU A 1 100 ? -15.739 31.072  10.923  0.50 49.26 ? 119 GLU A CD  1 
ATOM   803  O  OE1 A GLU A 1 100 ? -16.894 33.683  6.918   0.50 48.88 ? 119 GLU A OE1 1 
ATOM   804  O  OE1 B GLU A 1 100 ? -15.395 32.268  10.829  0.50 50.14 ? 119 GLU A OE1 1 
ATOM   805  O  OE2 A GLU A 1 100 ? -16.751 33.860  9.113   0.50 51.01 ? 119 GLU A OE2 1 
ATOM   806  O  OE2 B GLU A 1 100 ? -16.091 30.543  11.991  0.50 48.34 ? 119 GLU A OE2 1 
ATOM   807  N  N   . GLU A 1 101 ? -17.729 28.794  7.251   1.00 49.34 ? 120 GLU A N   1 
ATOM   808  C  CA  . GLU A 1 101 ? -18.431 27.508  7.298   1.00 48.46 ? 120 GLU A CA  1 
ATOM   809  C  C   . GLU A 1 101 ? -17.991 26.548  6.174   1.00 48.13 ? 120 GLU A C   1 
ATOM   810  O  O   . GLU A 1 101 ? -17.815 25.354  6.389   1.00 47.15 ? 120 GLU A O   1 
ATOM   811  C  CB  . GLU A 1 101 ? -19.933 27.733  7.150   1.00 47.66 ? 120 GLU A CB  1 
ATOM   812  C  CG  . GLU A 1 101 ? -20.597 28.400  8.319   1.00 46.59 ? 120 GLU A CG  1 
ATOM   813  C  CD  . GLU A 1 101 ? -22.099 28.424  8.178   1.00 44.22 ? 120 GLU A CD  1 
ATOM   814  O  OE1 . GLU A 1 101 ? -22.615 28.767  7.087   1.00 46.29 ? 120 GLU A OE1 1 
ATOM   815  O  OE2 . GLU A 1 101 ? -22.765 28.085  9.159   1.00 41.07 ? 120 GLU A OE2 1 
ATOM   816  N  N   . PHE A 1 102 ? -17.866 27.102  4.974   1.00 47.82 ? 121 PHE A N   1 
ATOM   817  C  CA  . PHE A 1 102 ? -17.477 26.362  3.803   1.00 48.01 ? 121 PHE A CA  1 
ATOM   818  C  C   . PHE A 1 102 ? -16.011 25.944  3.937   1.00 48.61 ? 121 PHE A C   1 
ATOM   819  O  O   . PHE A 1 102 ? -15.677 24.779  3.661   1.00 47.98 ? 121 PHE A O   1 
ATOM   820  C  CB  . PHE A 1 102 ? -17.689 27.222  2.549   1.00 48.27 ? 121 PHE A CB  1 
ATOM   821  C  CG  . PHE A 1 102 ? -17.426 26.496  1.261   1.00 48.66 ? 121 PHE A CG  1 
ATOM   822  C  CD1 . PHE A 1 102 ? -18.364 25.592  0.748   1.00 49.05 ? 121 PHE A CD1 1 
ATOM   823  C  CD2 . PHE A 1 102 ? -16.239 26.708  0.563   1.00 49.92 ? 121 PHE A CD2 1 
ATOM   824  C  CE1 . PHE A 1 102 ? -18.131 24.898  -0.458  1.00 49.34 ? 121 PHE A CE1 1 
ATOM   825  C  CE2 . PHE A 1 102 ? -15.985 26.020  -0.639  1.00 51.22 ? 121 PHE A CE2 1 
ATOM   826  C  CZ  . PHE A 1 102 ? -16.942 25.103  -1.147  1.00 50.31 ? 121 PHE A CZ  1 
ATOM   827  N  N   . ALA A 1 103 ? -15.156 26.883  4.380   1.00 48.56 ? 122 ALA A N   1 
ATOM   828  C  CA  . ALA A 1 103 ? -13.722 26.610  4.603   1.00 48.92 ? 122 ALA A CA  1 
ATOM   829  C  C   . ALA A 1 103 ? -13.531 25.459  5.566   1.00 49.00 ? 122 ALA A C   1 
ATOM   830  O  O   . ALA A 1 103 ? -12.750 24.532  5.291   1.00 49.15 ? 122 ALA A O   1 
ATOM   831  C  CB  . ALA A 1 103 ? -12.991 27.847  5.123   1.00 49.11 ? 122 ALA A CB  1 
ATOM   832  N  N   . LYS A 1 104 ? -14.269 25.515  6.673   1.00 48.49 ? 123 LYS A N   1 
ATOM   833  C  CA  . LYS A 1 104 ? -14.196 24.525  7.718   1.00 48.77 ? 123 LYS A CA  1 
ATOM   834  C  C   . LYS A 1 104 ? -14.623 23.172  7.189   1.00 49.13 ? 123 LYS A C   1 
ATOM   835  O  O   . LYS A 1 104 ? -13.975 22.163  7.474   1.00 49.29 ? 123 LYS A O   1 
ATOM   836  C  CB  . LYS A 1 104 ? -15.091 24.925  8.888   1.00 49.05 ? 123 LYS A CB  1 
ATOM   837  C  CG  . LYS A 1 104 ? -15.034 23.993  10.079  1.00 48.83 ? 123 LYS A CG  1 
ATOM   838  C  CD  . LYS A 1 104 ? -15.784 24.643  11.224  1.00 50.86 ? 123 LYS A CD  1 
ATOM   839  C  CE  . LYS A 1 104 ? -15.604 23.884  12.525  1.00 51.64 ? 123 LYS A CE  1 
ATOM   840  N  NZ  . LYS A 1 104 ? -16.290 22.570  12.489  1.00 53.68 ? 123 LYS A NZ  1 
HETATM 841  N  N   . MSE A 1 105 ? -15.704 23.144  6.423   1.00 49.17 ? 124 MSE A N   1 
HETATM 842  C  CA  . MSE A 1 105 ? -16.161 21.884  5.858   1.00 50.44 ? 124 MSE A CA  1 
HETATM 843  C  C   . MSE A 1 105 ? -15.285 21.315  4.733   1.00 49.70 ? 124 MSE A C   1 
HETATM 844  O  O   . MSE A 1 105 ? -15.191 20.097  4.568   1.00 49.63 ? 124 MSE A O   1 
HETATM 845  C  CB  . MSE A 1 105 ? -17.609 21.963  5.417   1.00 50.48 ? 124 MSE A CB  1 
HETATM 846  C  CG  . MSE A 1 105 ? -18.360 20.656  5.694   1.00 55.71 ? 124 MSE A CG  1 
HETATM 847  SE SE  . MSE A 1 105 ? -20.271 20.982  5.589   1.00 66.18 ? 124 MSE A SE  1 
HETATM 848  C  CE  . MSE A 1 105 ? -20.651 21.203  7.493   1.00 62.19 ? 124 MSE A CE  1 
ATOM   849  N  N   . LYS A 1 106 ? -14.664 22.196  3.959   1.00 49.32 ? 125 LYS A N   1 
ATOM   850  C  CA  . LYS A 1 106 ? -13.739 21.799  2.899   1.00 49.45 ? 125 LYS A CA  1 
ATOM   851  C  C   . LYS A 1 106 ? -12.555 21.039  3.515   1.00 48.29 ? 125 LYS A C   1 
ATOM   852  O  O   . LYS A 1 106 ? -12.181 19.957  3.049   1.00 47.69 ? 125 LYS A O   1 
ATOM   853  C  CB  . LYS A 1 106 ? -13.260 23.042  2.162   1.00 50.10 ? 125 LYS A CB  1 
ATOM   854  C  CG  . LYS A 1 106 ? -12.870 22.824  0.740   1.00 52.82 ? 125 LYS A CG  1 
ATOM   855  C  CD  . LYS A 1 106 ? -12.612 24.174  0.060   1.00 57.26 ? 125 LYS A CD  1 
ATOM   856  C  CE  . LYS A 1 106 ? -11.795 24.001  -1.212  1.00 59.36 ? 125 LYS A CE  1 
ATOM   857  N  NZ  . LYS A 1 106 ? -10.469 23.445  -0.816  1.00 61.58 ? 125 LYS A NZ  1 
ATOM   858  N  N   . GLN A 1 107 ? -12.026 21.611  4.597   1.00 47.31 ? 126 GLN A N   1 
ATOM   859  C  CA  . GLN A 1 107 ? -10.993 21.008  5.422   1.00 46.73 ? 126 GLN A CA  1 
ATOM   860  C  C   . GLN A 1 107 ? -11.431 19.662  6.002   1.00 46.06 ? 126 GLN A C   1 
ATOM   861  O  O   . GLN A 1 107 ? -10.658 18.694  5.991   1.00 46.74 ? 126 GLN A O   1 
ATOM   862  C  CB  . GLN A 1 107 ? -10.591 21.976  6.534   1.00 46.57 ? 126 GLN A CB  1 
ATOM   863  C  CG  . GLN A 1 107 ? -9.669  21.368  7.556   1.00 50.28 ? 126 GLN A CG  1 
ATOM   864  C  CD  . GLN A 1 107 ? -10.182 21.548  8.992   1.00 56.91 ? 126 GLN A CD  1 
ATOM   865  O  OE1 . GLN A 1 107 ? -11.375 21.325  9.303   1.00 58.26 ? 126 GLN A OE1 1 
ATOM   866  N  NE2 . GLN A 1 107 ? -9.275  21.962  9.880   1.00 58.51 ? 126 GLN A NE2 1 
ATOM   867  N  N   . GLU A 1 108 ? -12.663 19.574  6.488   1.00 44.59 ? 127 GLU A N   1 
ATOM   868  C  CA  . GLU A 1 108 ? -13.160 18.300  7.015   1.00 44.05 ? 127 GLU A CA  1 
ATOM   869  C  C   . GLU A 1 108 ? -13.264 17.195  5.950   1.00 43.04 ? 127 GLU A C   1 
ATOM   870  O  O   . GLU A 1 108 ? -13.096 16.011  6.248   1.00 42.67 ? 127 GLU A O   1 
ATOM   871  C  CB  . GLU A 1 108 ? -14.508 18.477  7.712   1.00 43.83 ? 127 GLU A CB  1 
ATOM   872  C  CG  . GLU A 1 108 ? -14.434 19.341  8.964   1.00 46.01 ? 127 GLU A CG  1 
ATOM   873  C  CD  . GLU A 1 108 ? -15.781 19.980  9.347   1.00 47.56 ? 127 GLU A CD  1 
ATOM   874  O  OE1 . GLU A 1 108 ? -16.673 20.124  8.485   1.00 48.33 ? 127 GLU A OE1 1 
ATOM   875  O  OE2 . GLU A 1 108 ? -15.953 20.347  10.522  1.00 49.57 ? 127 GLU A OE2 1 
ATOM   876  N  N   . LEU A 1 109 ? -13.538 17.578  4.713   1.00 42.53 ? 128 LEU A N   1 
ATOM   877  C  CA  . LEU A 1 109 ? -13.700 16.577  3.653   1.00 42.22 ? 128 LEU A CA  1 
ATOM   878  C  C   . LEU A 1 109 ? -12.339 16.141  3.117   1.00 42.01 ? 128 LEU A C   1 
ATOM   879  O  O   . LEU A 1 109 ? -12.183 14.995  2.689   1.00 41.44 ? 128 LEU A O   1 
ATOM   880  C  CB  . LEU A 1 109 ? -14.577 17.082  2.521   1.00 41.19 ? 128 LEU A CB  1 
ATOM   881  C  CG  . LEU A 1 109 ? -16.051 17.389  2.773   1.00 41.94 ? 128 LEU A CG  1 
ATOM   882  C  CD1 . LEU A 1 109 ? -16.704 17.623  1.413   1.00 42.42 ? 128 LEU A CD1 1 
ATOM   883  C  CD2 . LEU A 1 109 ? -16.786 16.295  3.496   1.00 41.28 ? 128 LEU A CD2 1 
ATOM   884  N  N   . GLU A 1 110 ? -11.385 17.067  3.137   1.00 41.97 ? 129 GLU A N   1 
ATOM   885  C  CA  . GLU A 1 110 ? -9.984  16.750  2.864   1.00 43.47 ? 129 GLU A CA  1 
ATOM   886  C  C   . GLU A 1 110 ? -9.467  15.720  3.873   1.00 42.82 ? 129 GLU A C   1 
ATOM   887  O  O   . GLU A 1 110 ? -8.814  14.740  3.488   1.00 42.99 ? 129 GLU A O   1 
ATOM   888  C  CB  . GLU A 1 110 ? -9.127  18.012  2.863   1.00 43.61 ? 129 GLU A CB  1 
ATOM   889  C  CG  . GLU A 1 110 ? -9.434  18.896  1.670   1.00 47.71 ? 129 GLU A CG  1 
ATOM   890  C  CD  . GLU A 1 110 ? -8.699  20.235  1.707   1.00 53.63 ? 129 GLU A CD  1 
ATOM   891  O  OE1 . GLU A 1 110 ? -8.080  20.573  2.755   1.00 56.28 ? 129 GLU A OE1 1 
ATOM   892  O  OE2 . GLU A 1 110 ? -8.745  20.953  0.680   1.00 55.62 ? 129 GLU A OE2 1 
ATOM   893  N  N   . ALA A 1 111 ? -9.815  15.918  5.142   1.00 42.10 ? 130 ALA A N   1 
ATOM   894  C  CA  . ALA A 1 111 ? -9.536  14.931  6.174   1.00 42.00 ? 130 ALA A CA  1 
ATOM   895  C  C   . ALA A 1 111 ? -10.241 13.598  5.900   1.00 41.74 ? 130 ALA A C   1 
ATOM   896  O  O   . ALA A 1 111 ? -9.652  12.547  6.114   1.00 41.88 ? 130 ALA A O   1 
ATOM   897  C  CB  . ALA A 1 111 ? -9.917  15.472  7.545   1.00 42.02 ? 130 ALA A CB  1 
ATOM   898  N  N   . GLU A 1 112 ? -11.479 13.626  5.412   1.00 40.86 ? 131 GLU A N   1 
ATOM   899  C  CA  . GLU A 1 112 ? -12.142 12.372  5.028   1.00 40.97 ? 131 GLU A CA  1 
ATOM   900  C  C   . GLU A 1 112 ? -11.399 11.643  3.898   1.00 39.85 ? 131 GLU A C   1 
ATOM   901  O  O   . GLU A 1 112 ? -11.265 10.425  3.920   1.00 40.29 ? 131 GLU A O   1 
ATOM   902  C  CB  . GLU A 1 112 ? -13.609 12.596  4.638   1.00 41.57 ? 131 GLU A CB  1 
ATOM   903  C  CG  . GLU A 1 112 ? -14.523 12.959  5.856   1.00 45.15 ? 131 GLU A CG  1 
ATOM   904  C  CD  . GLU A 1 112 ? -16.016 12.947  5.517   1.00 49.60 ? 131 GLU A CD  1 
ATOM   905  O  OE1 . GLU A 1 112 ? -16.408 12.346  4.495   1.00 50.44 ? 131 GLU A OE1 1 
ATOM   906  O  OE2 . GLU A 1 112 ? -16.805 13.520  6.298   1.00 53.59 ? 131 GLU A OE2 1 
ATOM   907  N  N   . TYR A 1 113 ? -10.940 12.396  2.914   1.00 38.69 ? 132 TYR A N   1 
ATOM   908  C  CA  . TYR A 1 113 ? -10.177 11.849  1.803   1.00 38.74 ? 132 TYR A CA  1 
ATOM   909  C  C   . TYR A 1 113 ? -8.880  11.212  2.340   1.00 38.14 ? 132 TYR A C   1 
ATOM   910  O  O   . TYR A 1 113 ? -8.540  10.078  2.006   1.00 37.09 ? 132 TYR A O   1 
ATOM   911  C  CB  . TYR A 1 113 ? -9.866  12.970  0.796   1.00 38.42 ? 132 TYR A CB  1 
ATOM   912  C  CG  . TYR A 1 113 ? -9.159  12.511  -0.446  1.00 39.13 ? 132 TYR A CG  1 
ATOM   913  C  CD1 . TYR A 1 113 ? -7.789  12.235  -0.429  1.00 40.23 ? 132 TYR A CD1 1 
ATOM   914  C  CD2 . TYR A 1 113 ? -9.849  12.382  -1.652  1.00 40.04 ? 132 TYR A CD2 1 
ATOM   915  C  CE1 . TYR A 1 113 ? -7.122  11.817  -1.582  1.00 42.78 ? 132 TYR A CE1 1 
ATOM   916  C  CE2 . TYR A 1 113 ? -9.200  11.976  -2.819  1.00 41.73 ? 132 TYR A CE2 1 
ATOM   917  C  CZ  . TYR A 1 113 ? -7.825  11.690  -2.781  1.00 44.78 ? 132 TYR A CZ  1 
ATOM   918  O  OH  . TYR A 1 113 ? -7.164  11.269  -3.933  1.00 45.42 ? 132 TYR A OH  1 
ATOM   919  N  N   . LEU A 1 114 ? -8.187  11.943  3.202   1.00 37.91 ? 133 LEU A N   1 
ATOM   920  C  CA  . LEU A 1 114 ? -6.960  11.443  3.796   1.00 38.39 ? 133 LEU A CA  1 
ATOM   921  C  C   . LEU A 1 114 ? -7.171  10.156  4.551   1.00 37.91 ? 133 LEU A C   1 
ATOM   922  O  O   . LEU A 1 114 ? -6.316  9.263   4.485   1.00 38.33 ? 133 LEU A O   1 
ATOM   923  C  CB  . LEU A 1 114 ? -6.318  12.485  4.729   1.00 37.90 ? 133 LEU A CB  1 
ATOM   924  C  CG  . LEU A 1 114 ? -5.577  13.594  3.975   1.00 40.49 ? 133 LEU A CG  1 
ATOM   925  C  CD1 . LEU A 1 114 ? -5.238  14.812  4.904   1.00 41.72 ? 133 LEU A CD1 1 
ATOM   926  C  CD2 . LEU A 1 114 ? -4.305  13.055  3.298   1.00 41.68 ? 133 LEU A CD2 1 
ATOM   927  N  N   . ALA A 1 115 ? -8.292  10.044  5.269   1.00 37.14 ? 134 ALA A N   1 
ATOM   928  C  CA  . ALA A 1 115 ? -8.584  8.800   6.001   1.00 36.81 ? 134 ALA A CA  1 
ATOM   929  C  C   . ALA A 1 115 ? -8.854  7.630   5.057   1.00 36.56 ? 134 ALA A C   1 
ATOM   930  O  O   . ALA A 1 115 ? -8.609  6.473   5.418   1.00 36.50 ? 134 ALA A O   1 
ATOM   931  C  CB  . ALA A 1 115 ? -9.777  8.976   7.000   1.00 36.44 ? 134 ALA A CB  1 
ATOM   932  N  N   . VAL A 1 116 ? -9.377  7.905   3.864   1.00 35.99 ? 135 VAL A N   1 
ATOM   933  C  CA  . VAL A 1 116 ? -9.569  6.825   2.901   1.00 36.56 ? 135 VAL A CA  1 
ATOM   934  C  C   . VAL A 1 116 ? -8.202  6.381   2.359   1.00 36.83 ? 135 VAL A C   1 
ATOM   935  O  O   . VAL A 1 116 ? -7.943  5.184   2.164   1.00 37.15 ? 135 VAL A O   1 
ATOM   936  C  CB  . VAL A 1 116 ? -10.469 7.248   1.746   1.00 36.59 ? 135 VAL A CB  1 
ATOM   937  C  CG1 . VAL A 1 116 ? -10.559 6.139   0.697   1.00 36.39 ? 135 VAL A CG1 1 
ATOM   938  C  CG2 . VAL A 1 116 ? -11.862 7.588   2.280   1.00 38.24 ? 135 VAL A CG2 1 
ATOM   939  N  N   . PHE A 1 117 ? -7.346  7.372   2.122   1.00 36.60 ? 136 PHE A N   1 
ATOM   940  C  CA  . PHE A 1 117 ? -6.021  7.200   1.545   1.00 36.23 ? 136 PHE A CA  1 
ATOM   941  C  C   . PHE A 1 117 ? -5.225  6.329   2.522   1.00 36.59 ? 136 PHE A C   1 
ATOM   942  O  O   . PHE A 1 117 ? -4.639  5.295   2.147   1.00 35.24 ? 136 PHE A O   1 
ATOM   943  C  CB  . PHE A 1 117 ? -5.390  8.595   1.445   1.00 35.00 ? 136 PHE A CB  1 
ATOM   944  C  CG  . PHE A 1 117 ? -4.179  8.676   0.573   1.00 35.46 ? 136 PHE A CG  1 
ATOM   945  C  CD1 . PHE A 1 117 ? -3.548  7.523   0.087   1.00 34.44 ? 136 PHE A CD1 1 
ATOM   946  C  CD2 . PHE A 1 117 ? -3.637  9.927   0.262   1.00 35.67 ? 136 PHE A CD2 1 
ATOM   947  C  CE1 . PHE A 1 117 ? -2.423  7.614   -0.717  1.00 34.50 ? 136 PHE A CE1 1 
ATOM   948  C  CE2 . PHE A 1 117 ? -2.516  10.037  -0.524  1.00 36.41 ? 136 PHE A CE2 1 
ATOM   949  C  CZ  . PHE A 1 117 ? -1.895  8.872   -1.027  1.00 34.63 ? 136 PHE A CZ  1 
ATOM   950  N  N   . LYS A 1 118 ? -5.257  6.749   3.782   1.00 36.56 ? 137 LYS A N   1 
ATOM   951  C  CA  . LYS A 1 118 ? -4.542  6.069   4.829   1.00 37.67 ? 137 LYS A CA  1 
ATOM   952  C  C   . LYS A 1 118 ? -4.989  4.622   4.908   1.00 37.84 ? 137 LYS A C   1 
ATOM   953  O  O   . LYS A 1 118 ? -4.156  3.720   5.082   1.00 37.55 ? 137 LYS A O   1 
ATOM   954  C  CB  . LYS A 1 118 ? -4.763  6.781   6.161   1.00 37.88 ? 137 LYS A CB  1 
ATOM   955  C  CG  . LYS A 1 118 ? -3.893  6.222   7.268   1.00 40.81 ? 137 LYS A CG  1 
ATOM   956  C  CD  . LYS A 1 118 ? -4.147  6.922   8.580   1.00 45.57 ? 137 LYS A CD  1 
ATOM   957  C  CE  . LYS A 1 118 ? -3.421  6.159   9.705   1.00 47.97 ? 137 LYS A CE  1 
ATOM   958  N  NZ  . LYS A 1 118 ? -3.404  6.950   10.964  1.00 50.00 ? 137 LYS A NZ  1 
ATOM   959  N  N   . LYS A 1 119 ? -6.294  4.390   4.746   1.00 37.39 ? 138 LYS A N   1 
ATOM   960  C  CA  . LYS A 1 119 ? -6.817  3.029   4.836   1.00 37.87 ? 138 LYS A CA  1 
ATOM   961  C  C   . LYS A 1 119 ? -6.349  2.133   3.672   1.00 36.99 ? 138 LYS A C   1 
ATOM   962  O  O   . LYS A 1 119 ? -6.070  0.936   3.855   1.00 36.92 ? 138 LYS A O   1 
ATOM   963  C  CB  . LYS A 1 119 ? -8.353  3.040   4.959   1.00 38.17 ? 138 LYS A CB  1 
ATOM   964  C  CG  . LYS A 1 119 ? -8.958  1.669   5.213   1.00 41.67 ? 138 LYS A CG  1 
ATOM   965  C  CD  . LYS A 1 119 ? -10.484 1.683   5.227   1.00 44.97 ? 138 LYS A CD  1 
ATOM   966  C  CE  . LYS A 1 119 ? -10.964 0.401   5.855   1.00 48.63 ? 138 LYS A CE  1 
ATOM   967  N  NZ  . LYS A 1 119 ? -12.415 0.439   6.239   1.00 52.14 ? 138 LYS A NZ  1 
ATOM   968  N  N   . THR A 1 120 ? -6.257  2.700   2.481   1.00 36.96 ? 139 THR A N   1 
ATOM   969  C  CA  . THR A 1 120 ? -5.809  1.910   1.322   1.00 36.92 ? 139 THR A CA  1 
ATOM   970  C  C   . THR A 1 120 ? -4.299  1.637   1.431   1.00 36.37 ? 139 THR A C   1 
ATOM   971  O  O   . THR A 1 120 ? -3.820  0.588   1.005   1.00 37.10 ? 139 THR A O   1 
ATOM   972  C  CB  . THR A 1 120 ? -6.203  2.527   -0.038  1.00 36.65 ? 139 THR A CB  1 
ATOM   973  O  OG1 . THR A 1 120 ? -5.813  1.629   -1.088  1.00 39.07 ? 139 THR A OG1 1 
ATOM   974  C  CG2 . THR A 1 120 ? -5.510  3.823   -0.290  1.00 37.17 ? 139 THR A CG2 1 
ATOM   975  N  N   . VAL A 1 121 ? -3.568  2.563   2.059   1.00 36.17 ? 140 VAL A N   1 
ATOM   976  C  CA  . VAL A 1 121 ? -2.145  2.384   2.313   1.00 35.70 ? 140 VAL A CA  1 
ATOM   977  C  C   . VAL A 1 121 ? -1.950  1.157   3.225   1.00 35.70 ? 140 VAL A C   1 
ATOM   978  O  O   . VAL A 1 121 ? -1.166  0.269   2.943   1.00 35.29 ? 140 VAL A O   1 
ATOM   979  C  CB  . VAL A 1 121 ? -1.500  3.668   2.897   1.00 35.83 ? 140 VAL A CB  1 
ATOM   980  C  CG1 . VAL A 1 121 ? -0.155  3.344   3.578   1.00 35.61 ? 140 VAL A CG1 1 
ATOM   981  C  CG2 . VAL A 1 121 ? -1.307  4.694   1.793   1.00 35.53 ? 140 VAL A CG2 1 
ATOM   982  N  N   . SER A 1 122 ? -2.745  1.096   4.276   1.00 35.72 ? 141 SER A N   1 
ATOM   983  C  CA  . SER A 1 122 ? -2.664  0.049   5.266   1.00 35.93 ? 141 SER A CA  1 
ATOM   984  C  C   . SER A 1 122 ? -2.914  -1.314  4.625   1.00 35.89 ? 141 SER A C   1 
ATOM   985  O  O   . SER A 1 122 ? -2.187  -2.300  4.858   1.00 36.18 ? 141 SER A O   1 
ATOM   986  C  CB  . SER A 1 122 ? -3.714  0.353   6.333   1.00 36.07 ? 141 SER A CB  1 
ATOM   987  O  OG  . SER A 1 122 ? -3.748  -0.665  7.296   1.00 37.51 ? 141 SER A OG  1 
ATOM   988  N  N   . SER A 1 123 ? -3.933  -1.331  3.780   1.00 35.67 ? 142 SER A N   1 
ATOM   989  C  CA  . SER A 1 123 ? -4.358  -2.506  3.074   1.00 35.92 ? 142 SER A CA  1 
ATOM   990  C  C   . SER A 1 123 ? -3.180  -3.039  2.234   1.00 34.97 ? 142 SER A C   1 
ATOM   991  O  O   . SER A 1 123 ? -2.862  -4.216  2.302   1.00 34.62 ? 142 SER A O   1 
ATOM   992  C  CB  . SER A 1 123 ? -5.591  -2.158  2.214   1.00 35.71 ? 142 SER A CB  1 
ATOM   993  O  OG  . SER A 1 123 ? -5.883  -3.218  1.353   1.00 37.71 ? 142 SER A OG  1 
ATOM   994  N  N   . HIS A 1 124 ? -2.519  -2.153  1.496   1.00 35.17 ? 143 HIS A N   1 
ATOM   995  C  CA  . HIS A 1 124 ? -1.369  -2.522  0.656   1.00 35.48 ? 143 HIS A CA  1 
ATOM   996  C  C   . HIS A 1 124 ? -0.162  -2.963  1.471   1.00 35.61 ? 143 HIS A C   1 
ATOM   997  O  O   . HIS A 1 124 ? 0.501   -3.947  1.118   1.00 35.71 ? 143 HIS A O   1 
ATOM   998  C  CB  . HIS A 1 124 ? -1.010  -1.393  -0.296  1.00 34.83 ? 143 HIS A CB  1 
ATOM   999  C  CG  . HIS A 1 124 ? -2.017  -1.216  -1.389  1.00 36.44 ? 143 HIS A CG  1 
ATOM   1000 N  ND1 . HIS A 1 124 ? -3.285  -0.724  -1.157  1.00 34.63 ? 143 HIS A ND1 1 
ATOM   1001 C  CD2 . HIS A 1 124 ? -1.965  -1.510  -2.710  1.00 35.57 ? 143 HIS A CD2 1 
ATOM   1002 C  CE1 . HIS A 1 124 ? -3.965  -0.712  -2.287  1.00 34.31 ? 143 HIS A CE1 1 
ATOM   1003 N  NE2 . HIS A 1 124 ? -3.191  -1.187  -3.244  1.00 36.10 ? 143 HIS A NE2 1 
ATOM   1004 N  N   . GLU A 1 125 ? 0.086   -2.255  2.572   1.00 35.33 ? 144 GLU A N   1 
ATOM   1005 C  CA  . GLU A 1 125 ? 1.195   -2.566  3.474   1.00 35.02 ? 144 GLU A CA  1 
ATOM   1006 C  C   . GLU A 1 125 ? 0.993   -3.920  4.165   1.00 34.96 ? 144 GLU A C   1 
ATOM   1007 O  O   . GLU A 1 125 ? 1.882   -4.764  4.139   1.00 34.22 ? 144 GLU A O   1 
ATOM   1008 C  CB  . GLU A 1 125 ? 1.370   -1.441  4.500   1.00 34.81 ? 144 GLU A CB  1 
ATOM   1009 C  CG  . GLU A 1 125 ? 2.436   -1.719  5.552   1.00 35.22 ? 144 GLU A CG  1 
ATOM   1010 C  CD  . GLU A 1 125 ? 2.665   -0.536  6.474   1.00 36.81 ? 144 GLU A CD  1 
ATOM   1011 O  OE1 . GLU A 1 125 ? 3.320   0.441   6.051   1.00 36.79 ? 144 GLU A OE1 1 
ATOM   1012 O  OE2 . GLU A 1 125 ? 2.189   -0.576  7.629   1.00 38.41 ? 144 GLU A OE2 1 
ATOM   1013 N  N   . VAL A 1 126 ? -0.184  -4.121  4.778   1.00 35.50 ? 145 VAL A N   1 
ATOM   1014 C  CA  . VAL A 1 126 ? -0.542  -5.419  5.399   1.00 34.98 ? 145 VAL A CA  1 
ATOM   1015 C  C   . VAL A 1 126 ? -0.267  -6.611  4.458   1.00 34.84 ? 145 VAL A C   1 
ATOM   1016 O  O   . VAL A 1 126 ? 0.325   -7.615  4.865   1.00 35.03 ? 145 VAL A O   1 
ATOM   1017 C  CB  . VAL A 1 126 ? -1.996  -5.404  5.955   1.00 35.05 ? 145 VAL A CB  1 
ATOM   1018 C  CG1 . VAL A 1 126 ? -2.375  -6.743  6.558   1.00 34.21 ? 145 VAL A CG1 1 
ATOM   1019 C  CG2 . VAL A 1 126 ? -2.096  -4.340  7.048   1.00 35.50 ? 145 VAL A CG2 1 
ATOM   1020 N  N   . PHE A 1 127 ? -0.667  -6.479  3.205   1.00 34.82 ? 146 PHE A N   1 
ATOM   1021 C  CA  . PHE A 1 127 ? -0.429  -7.523  2.220   1.00 35.57 ? 146 PHE A CA  1 
ATOM   1022 C  C   . PHE A 1 127 ? 1.068   -7.883  2.139   1.00 35.59 ? 146 PHE A C   1 
ATOM   1023 O  O   . PHE A 1 127 ? 1.438   -9.061  2.235   1.00 35.63 ? 146 PHE A O   1 
ATOM   1024 C  CB  . PHE A 1 127 ? -0.967  -7.052  0.863   1.00 35.70 ? 146 PHE A CB  1 
ATOM   1025 C  CG  . PHE A 1 127 ? -0.633  -7.957  -0.281  1.00 36.74 ? 146 PHE A CG  1 
ATOM   1026 C  CD1 . PHE A 1 127 ? -1.022  -9.300  -0.267  1.00 34.26 ? 146 PHE A CD1 1 
ATOM   1027 C  CD2 . PHE A 1 127 ? 0.065   -7.457  -1.385  1.00 37.47 ? 146 PHE A CD2 1 
ATOM   1028 C  CE1 . PHE A 1 127 ? -0.705  -10.144 -1.331  1.00 37.73 ? 146 PHE A CE1 1 
ATOM   1029 C  CE2 . PHE A 1 127 ? 0.384   -8.284  -2.469  1.00 37.94 ? 146 PHE A CE2 1 
ATOM   1030 C  CZ  . PHE A 1 127 ? -0.005  -9.637  -2.452  1.00 37.59 ? 146 PHE A CZ  1 
ATOM   1031 N  N   . LEU A 1 128 ? 1.921   -6.867  1.990   1.00 35.27 ? 147 LEU A N   1 
ATOM   1032 C  CA  . LEU A 1 128 ? 3.386   -7.086  1.896   1.00 35.83 ? 147 LEU A CA  1 
ATOM   1033 C  C   . LEU A 1 128 ? 3.984   -7.675  3.178   1.00 35.88 ? 147 LEU A C   1 
ATOM   1034 O  O   . LEU A 1 128 ? 4.839   -8.554  3.124   1.00 36.18 ? 147 LEU A O   1 
ATOM   1035 C  CB  . LEU A 1 128 ? 4.136   -5.798  1.492   1.00 34.36 ? 147 LEU A CB  1 
ATOM   1036 C  CG  . LEU A 1 128 ? 3.576   -5.150  0.225   1.00 33.12 ? 147 LEU A CG  1 
ATOM   1037 C  CD1 . LEU A 1 128 ? 4.332   -3.895  -0.088  1.00 31.40 ? 147 LEU A CD1 1 
ATOM   1038 C  CD2 . LEU A 1 128 ? 3.621   -6.115  -0.950  1.00 33.13 ? 147 LEU A CD2 1 
ATOM   1039 N  N   . GLN A 1 129 ? 3.518   -7.194  4.320   1.00 36.47 ? 148 GLN A N   1 
ATOM   1040 C  CA  . GLN A 1 129 ? 4.003   -7.681  5.601   1.00 37.29 ? 148 GLN A CA  1 
ATOM   1041 C  C   . GLN A 1 129 ? 3.610   -9.137  5.786   1.00 37.92 ? 148 GLN A C   1 
ATOM   1042 O  O   . GLN A 1 129 ? 4.432   -9.956  6.244   1.00 38.51 ? 148 GLN A O   1 
ATOM   1043 C  CB  . GLN A 1 129 ? 3.521   -6.786  6.745   1.00 36.46 ? 148 GLN A CB  1 
ATOM   1044 C  CG  . GLN A 1 129 ? 4.109   -5.380  6.622   1.00 35.68 ? 148 GLN A CG  1 
ATOM   1045 C  CD  . GLN A 1 129 ? 3.634   -4.415  7.702   1.00 35.00 ? 148 GLN A CD  1 
ATOM   1046 O  OE1 . GLN A 1 129 ? 2.629   -4.634  8.355   1.00 36.41 ? 148 GLN A OE1 1 
ATOM   1047 N  NE2 . GLN A 1 129 ? 4.364   -3.337  7.878   1.00 34.74 ? 148 GLN A NE2 1 
ATOM   1048 N  N   . ARG A 1 130 ? 2.383   -9.470  5.388   1.00 38.00 ? 149 ARG A N   1 
ATOM   1049 C  CA  . ARG A 1 130 ? 1.934   -10.871 5.422   1.00 38.89 ? 149 ARG A CA  1 
ATOM   1050 C  C   . ARG A 1 130 ? 2.832   -11.750 4.535   1.00 39.18 ? 149 ARG A C   1 
ATOM   1051 O  O   . ARG A 1 130 ? 3.217   -12.836 4.925   1.00 39.06 ? 149 ARG A O   1 
ATOM   1052 C  CB  . ARG A 1 130 ? 0.469   -10.982 4.991   1.00 38.28 ? 149 ARG A CB  1 
ATOM   1053 C  CG  . ARG A 1 130 ? -0.498  -10.694 6.124   1.00 38.02 ? 149 ARG A CG  1 
ATOM   1054 C  CD  . ARG A 1 130 ? -1.912  -10.337 5.638   1.00 39.40 ? 149 ARG A CD  1 
ATOM   1055 N  NE  . ARG A 1 130 ? -2.868  -10.295 6.760   1.00 38.14 ? 149 ARG A NE  1 
ATOM   1056 C  CZ  . ARG A 1 130 ? -4.169  -10.021 6.661   1.00 38.67 ? 149 ARG A CZ  1 
ATOM   1057 N  NH1 . ARG A 1 130 ? -4.740  -9.732  5.488   1.00 36.67 ? 149 ARG A NH1 1 
ATOM   1058 N  NH2 . ARG A 1 130 ? -4.915  -10.042 7.756   1.00 38.50 ? 149 ARG A NH2 1 
ATOM   1059 N  N   . LEU A 1 131 ? 3.169   -11.265 3.344   1.00 39.59 ? 150 LEU A N   1 
ATOM   1060 C  CA  . LEU A 1 131 ? 4.047   -12.011 2.454   1.00 39.87 ? 150 LEU A CA  1 
ATOM   1061 C  C   . LEU A 1 131 ? 5.432   -12.164 3.049   1.00 40.74 ? 150 LEU A C   1 
ATOM   1062 O  O   . LEU A 1 131 ? 6.028   -13.222 2.939   1.00 41.25 ? 150 LEU A O   1 
ATOM   1063 C  CB  . LEU A 1 131 ? 4.149   -11.334 1.089   1.00 39.26 ? 150 LEU A CB  1 
ATOM   1064 C  CG  . LEU A 1 131 ? 2.921   -11.466 0.191   1.00 37.77 ? 150 LEU A CG  1 
ATOM   1065 C  CD1 . LEU A 1 131 ? 3.143   -10.664 -1.063  1.00 33.28 ? 150 LEU A CD1 1 
ATOM   1066 C  CD2 . LEU A 1 131 ? 2.614   -12.953 -0.136  1.00 35.26 ? 150 LEU A CD2 1 
ATOM   1067 N  N   . SER A 1 132 ? 5.943   -11.114 3.696   1.00 42.08 ? 151 SER A N   1 
ATOM   1068 C  CA  . SER A 1 132 ? 7.275   -11.171 4.323   1.00 42.36 ? 151 SER A CA  1 
ATOM   1069 C  C   . SER A 1 132 ? 7.357   -12.131 5.511   1.00 43.22 ? 151 SER A C   1 
ATOM   1070 O  O   . SER A 1 132 ? 8.439   -12.551 5.874   1.00 43.55 ? 151 SER A O   1 
ATOM   1071 C  CB  . SER A 1 132 ? 7.728   -9.783  4.750   1.00 42.12 ? 151 SER A CB  1 
ATOM   1072 O  OG  . SER A 1 132 ? 7.174   -9.433  5.985   1.00 41.38 ? 151 SER A OG  1 
ATOM   1073 N  N   . SER A 1 133 ? 6.218   -12.455 6.118   1.00 44.24 ? 152 SER A N   1 
ATOM   1074 C  CA  . SER A 1 133 ? 6.163   -13.332 7.291   1.00 46.15 ? 152 SER A CA  1 
ATOM   1075 C  C   . SER A 1 133 ? 5.997   -14.798 6.927   1.00 46.63 ? 152 SER A C   1 
ATOM   1076 O  O   . SER A 1 133 ? 6.266   -15.667 7.748   1.00 46.80 ? 152 SER A O   1 
ATOM   1077 C  CB  . SER A 1 133 ? 4.984   -12.966 8.174   1.00 45.96 ? 152 SER A CB  1 
ATOM   1078 O  OG  . SER A 1 133 ? 5.155   -11.661 8.674   1.00 50.80 ? 152 SER A OG  1 
ATOM   1079 N  N   . HIS A 1 134 ? 5.505   -15.058 5.720   1.00 46.82 ? 153 HIS A N   1 
ATOM   1080 C  CA  . HIS A 1 134 ? 5.363   -16.413 5.227   1.00 47.11 ? 153 HIS A CA  1 
ATOM   1081 C  C   . HIS A 1 134 ? 6.741   -17.024 4.914   1.00 47.04 ? 153 HIS A C   1 
ATOM   1082 O  O   . HIS A 1 134 ? 7.494   -16.476 4.098   1.00 46.15 ? 153 HIS A O   1 
ATOM   1083 C  CB  . HIS A 1 134 ? 4.482   -16.430 3.980   1.00 47.19 ? 153 HIS A CB  1 
ATOM   1084 C  CG  . HIS A 1 134 ? 3.878   -17.769 3.715   1.00 48.88 ? 153 HIS A CG  1 
ATOM   1085 N  ND1 . HIS A 1 134 ? 4.637   -18.866 3.366   1.00 49.84 ? 153 HIS A ND1 1 
ATOM   1086 C  CD2 . HIS A 1 134 ? 2.596   -18.204 3.797   1.00 49.79 ? 153 HIS A CD2 1 
ATOM   1087 C  CE1 . HIS A 1 134 ? 3.846   -19.917 3.229   1.00 50.89 ? 153 HIS A CE1 1 
ATOM   1088 N  NE2 . HIS A 1 134 ? 2.603   -19.544 3.486   1.00 51.46 ? 153 HIS A NE2 1 
ATOM   1089 N  N   . PRO A 1 135 ? 7.073   -18.157 5.572   1.00 47.17 ? 154 PRO A N   1 
ATOM   1090 C  CA  . PRO A 1 135 ? 8.365   -18.827 5.401   1.00 47.06 ? 154 PRO A CA  1 
ATOM   1091 C  C   . PRO A 1 135 ? 8.633   -19.232 3.943   1.00 47.32 ? 154 PRO A C   1 
ATOM   1092 O  O   . PRO A 1 135 ? 9.783   -19.156 3.494   1.00 47.74 ? 154 PRO A O   1 
ATOM   1093 C  CB  . PRO A 1 135 ? 8.246   -20.084 6.278   1.00 47.40 ? 154 PRO A CB  1 
ATOM   1094 C  CG  . PRO A 1 135 ? 7.171   -19.804 7.227   1.00 47.87 ? 154 PRO A CG  1 
ATOM   1095 C  CD  . PRO A 1 135 ? 6.212   -18.858 6.539   1.00 47.19 ? 154 PRO A CD  1 
ATOM   1096 N  N   . VAL A 1 136 ? 7.596   -19.658 3.208   1.00 46.68 ? 155 VAL A N   1 
ATOM   1097 C  CA  . VAL A 1 136 ? 7.772   -19.985 1.777   1.00 45.86 ? 155 VAL A CA  1 
ATOM   1098 C  C   . VAL A 1 136 ? 7.607   -18.751 0.865   1.00 45.74 ? 155 VAL A C   1 
ATOM   1099 O  O   . VAL A 1 136 ? 8.462   -18.498 0.000   1.00 45.47 ? 155 VAL A O   1 
ATOM   1100 C  CB  . VAL A 1 136 ? 6.837   -21.135 1.289   1.00 45.55 ? 155 VAL A CB  1 
ATOM   1101 C  CG1 . VAL A 1 136 ? 7.089   -21.438 -0.176  1.00 45.54 ? 155 VAL A CG1 1 
ATOM   1102 C  CG2 . VAL A 1 136 ? 7.028   -22.396 2.119   1.00 45.27 ? 155 VAL A CG2 1 
ATOM   1103 N  N   . LEU A 1 137 ? 6.527   -17.985 1.053   1.00 44.90 ? 156 LEU A N   1 
ATOM   1104 C  CA  . LEU A 1 137 ? 6.239   -16.868 0.135   1.00 44.50 ? 156 LEU A CA  1 
ATOM   1105 C  C   . LEU A 1 137 ? 7.248   -15.724 0.223   1.00 44.63 ? 156 LEU A C   1 
ATOM   1106 O  O   . LEU A 1 137 ? 7.503   -15.062 -0.784  1.00 44.19 ? 156 LEU A O   1 
ATOM   1107 C  CB  . LEU A 1 137 ? 4.825   -16.319 0.311   1.00 43.78 ? 156 LEU A CB  1 
ATOM   1108 C  CG  . LEU A 1 137 ? 3.659   -17.269 0.061   1.00 44.93 ? 156 LEU A CG  1 
ATOM   1109 C  CD1 . LEU A 1 137 ? 2.323   -16.597 0.415   1.00 41.10 ? 156 LEU A CD1 1 
ATOM   1110 C  CD2 . LEU A 1 137 ? 3.658   -17.793 -1.401  1.00 44.82 ? 156 LEU A CD2 1 
ATOM   1111 N  N   . SER A 1 138 ? 7.817   -15.495 1.413   1.00 44.68 ? 157 SER A N   1 
ATOM   1112 C  CA  . SER A 1 138 ? 8.804   -14.434 1.593   1.00 45.83 ? 157 SER A CA  1 
ATOM   1113 C  C   . SER A 1 138 ? 10.048  -14.659 0.732   1.00 46.99 ? 157 SER A C   1 
ATOM   1114 O  O   . SER A 1 138 ? 10.811  -13.722 0.483   1.00 46.82 ? 157 SER A O   1 
ATOM   1115 C  CB  . SER A 1 138 ? 9.235   -14.335 3.041   1.00 45.33 ? 157 SER A CB  1 
ATOM   1116 O  OG  . SER A 1 138 ? 9.859   -15.543 3.415   1.00 45.40 ? 157 SER A OG  1 
ATOM   1117 N  N   . LYS A 1 139 ? 10.231  -15.893 0.262   1.00 47.62 ? 158 LYS A N   1 
ATOM   1118 C  CA  . LYS A 1 139 ? 11.401  -16.235 -0.520  1.00 48.71 ? 158 LYS A CA  1 
ATOM   1119 C  C   . LYS A 1 139 ? 11.133  -16.191 -2.019  1.00 49.28 ? 158 LYS A C   1 
ATOM   1120 O  O   . LYS A 1 139 ? 12.041  -16.417 -2.819  1.00 49.77 ? 158 LYS A O   1 
ATOM   1121 C  CB  . LYS A 1 139 ? 11.926  -17.611 -0.112  1.00 48.83 ? 158 LYS A CB  1 
ATOM   1122 C  CG  . LYS A 1 139 ? 12.216  -17.730 1.378   1.00 49.72 ? 158 LYS A CG  1 
ATOM   1123 C  CD  . LYS A 1 139 ? 13.275  -18.787 1.687   1.00 54.86 ? 158 LYS A CD  1 
ATOM   1124 C  CE  . LYS A 1 139 ? 12.868  -20.190 1.227   1.00 57.50 ? 158 LYS A CE  1 
ATOM   1125 N  NZ  . LYS A 1 139 ? 12.984  -20.390 -0.277  1.00 59.10 ? 158 LYS A NZ  1 
ATOM   1126 N  N   . ASP A 1 140 ? 9.898   -15.892 -2.401  1.00 49.10 ? 159 ASP A N   1 
ATOM   1127 C  CA  . ASP A 1 140 ? 9.503   -15.978 -3.786  1.00 49.17 ? 159 ASP A CA  1 
ATOM   1128 C  C   . ASP A 1 140 ? 10.188  -14.912 -4.645  1.00 50.00 ? 159 ASP A C   1 
ATOM   1129 O  O   . ASP A 1 140 ? 10.284  -13.740 -4.254  1.00 49.98 ? 159 ASP A O   1 
ATOM   1130 C  CB  . ASP A 1 140 ? 7.991   -15.880 -3.899  1.00 48.85 ? 159 ASP A CB  1 
ATOM   1131 C  CG  . ASP A 1 140 ? 7.525   -15.894 -5.322  1.00 47.94 ? 159 ASP A CG  1 
ATOM   1132 O  OD1 . ASP A 1 140 ? 7.161   -16.977 -5.815  1.00 49.28 ? 159 ASP A OD1 1 
ATOM   1133 O  OD2 . ASP A 1 140 ? 7.530   -14.832 -5.955  1.00 46.59 ? 159 ASP A OD2 1 
ATOM   1134 N  N   . ARG A 1 141 ? 10.661  -15.309 -5.823  1.00 50.25 ? 160 ARG A N   1 
ATOM   1135 C  CA  . ARG A 1 141 ? 11.509  -14.397 -6.584  1.00 51.12 ? 160 ARG A CA  1 
ATOM   1136 C  C   . ARG A 1 141 ? 10.716  -13.273 -7.246  1.00 50.20 ? 160 ARG A C   1 
ATOM   1137 O  O   . ARG A 1 141 ? 11.249  -12.180 -7.476  1.00 50.26 ? 160 ARG A O   1 
ATOM   1138 C  CB  . ARG A 1 141 ? 12.419  -15.141 -7.577  1.00 52.22 ? 160 ARG A CB  1 
ATOM   1139 C  CG  . ARG A 1 141 ? 11.892  -15.303 -8.991  1.00 55.24 ? 160 ARG A CG  1 
ATOM   1140 C  CD  . ARG A 1 141 ? 11.203  -16.654 -9.156  1.00 62.11 ? 160 ARG A CD  1 
ATOM   1141 N  NE  . ARG A 1 141 ? 11.135  -17.062 -10.564 1.00 65.66 ? 160 ARG A NE  1 
ATOM   1142 C  CZ  . ARG A 1 141 ? 11.279  -18.314 -10.993 1.00 68.15 ? 160 ARG A CZ  1 
ATOM   1143 N  NH1 . ARG A 1 141 ? 11.507  -19.298 -10.123 1.00 68.70 ? 160 ARG A NH1 1 
ATOM   1144 N  NH2 . ARG A 1 141 ? 11.203  -18.584 -12.297 1.00 69.60 ? 160 ARG A NH2 1 
ATOM   1145 N  N   . ASN A 1 142 ? 9.446   -13.538 -7.547  1.00 49.38 ? 161 ASN A N   1 
ATOM   1146 C  CA  . ASN A 1 142 ? 8.555   -12.482 -8.023  1.00 48.51 ? 161 ASN A CA  1 
ATOM   1147 C  C   . ASN A 1 142 ? 8.294   -11.426 -6.928  1.00 47.59 ? 161 ASN A C   1 
ATOM   1148 O  O   . ASN A 1 142 ? 8.227   -10.226 -7.210  1.00 47.47 ? 161 ASN A O   1 
ATOM   1149 C  CB  . ASN A 1 142 ? 7.275   -13.095 -8.574  1.00 49.05 ? 161 ASN A CB  1 
ATOM   1150 C  CG  . ASN A 1 142 ? 7.511   -13.841 -9.871  1.00 49.75 ? 161 ASN A CG  1 
ATOM   1151 O  OD1 . ASN A 1 142 ? 7.790   -13.233 -10.907 1.00 50.88 ? 161 ASN A OD1 1 
ATOM   1152 N  ND2 . ASN A 1 142 ? 7.424   -15.157 -9.819  1.00 49.56 ? 161 ASN A ND2 1 
ATOM   1153 N  N   . PHE A 1 143 ? 8.209   -11.884 -5.680  1.00 46.61 ? 162 PHE A N   1 
ATOM   1154 C  CA  . PHE A 1 143 ? 8.094   -11.000 -4.530  1.00 46.04 ? 162 PHE A CA  1 
ATOM   1155 C  C   . PHE A 1 143 ? 9.340   -10.114 -4.458  1.00 46.20 ? 162 PHE A C   1 
ATOM   1156 O  O   . PHE A 1 143 ? 9.253   -8.886  -4.258  1.00 45.43 ? 162 PHE A O   1 
ATOM   1157 C  CB  . PHE A 1 143 ? 7.879   -11.832 -3.250  1.00 45.82 ? 162 PHE A CB  1 
ATOM   1158 C  CG  . PHE A 1 143 ? 7.692   -11.010 -1.982  1.00 45.14 ? 162 PHE A CG  1 
ATOM   1159 C  CD1 . PHE A 1 143 ? 6.948   -9.820  -1.985  1.00 43.43 ? 162 PHE A CD1 1 
ATOM   1160 C  CD2 . PHE A 1 143 ? 8.221   -11.460 -0.774  1.00 44.07 ? 162 PHE A CD2 1 
ATOM   1161 C  CE1 . PHE A 1 143 ? 6.785   -9.073  -0.811  1.00 42.85 ? 162 PHE A CE1 1 
ATOM   1162 C  CE2 . PHE A 1 143 ? 8.047   -10.735 0.403   1.00 43.08 ? 162 PHE A CE2 1 
ATOM   1163 C  CZ  . PHE A 1 143 ? 7.331   -9.533  0.380   1.00 41.81 ? 162 PHE A CZ  1 
ATOM   1164 N  N   . HIS A 1 144 ? 10.501  -10.735 -4.675  1.00 46.28 ? 163 HIS A N   1 
ATOM   1165 C  CA  . HIS A 1 144 ? 11.769  -10.022 -4.647  1.00 46.17 ? 163 HIS A CA  1 
ATOM   1166 C  C   . HIS A 1 144 ? 11.860  -9.015  -5.779  1.00 45.35 ? 163 HIS A C   1 
ATOM   1167 O  O   . HIS A 1 144 ? 12.343  -7.904  -5.592  1.00 45.79 ? 163 HIS A O   1 
ATOM   1168 C  CB  . HIS A 1 144 ? 12.939  -11.012 -4.664  1.00 46.89 ? 163 HIS A CB  1 
ATOM   1169 C  CG  . HIS A 1 144 ? 13.080  -11.787 -3.390  1.00 50.34 ? 163 HIS A CG  1 
ATOM   1170 N  ND1 . HIS A 1 144 ? 14.303  -12.171 -2.876  1.00 54.09 ? 163 HIS A ND1 1 
ATOM   1171 C  CD2 . HIS A 1 144 ? 12.149  -12.223 -2.504  1.00 52.28 ? 163 HIS A CD2 1 
ATOM   1172 C  CE1 . HIS A 1 144 ? 14.119  -12.837 -1.749  1.00 54.17 ? 163 HIS A CE1 1 
ATOM   1173 N  NE2 . HIS A 1 144 ? 12.820  -12.882 -1.501  1.00 54.07 ? 163 HIS A NE2 1 
ATOM   1174 N  N   . VAL A 1 145 ? 11.374  -9.390  -6.949  1.00 45.02 ? 164 VAL A N   1 
ATOM   1175 C  CA  . VAL A 1 145 ? 11.337  -8.471  -8.077  1.00 44.75 ? 164 VAL A CA  1 
ATOM   1176 C  C   . VAL A 1 145 ? 10.414  -7.288  -7.717  1.00 44.83 ? 164 VAL A C   1 
ATOM   1177 O  O   . VAL A 1 145 ? 10.784  -6.117  -7.908  1.00 44.74 ? 164 VAL A O   1 
ATOM   1178 C  CB  . VAL A 1 145 ? 10.896  -9.199  -9.369  1.00 44.98 ? 164 VAL A CB  1 
ATOM   1179 C  CG1 . VAL A 1 145 ? 10.480  -8.215  -10.470 1.00 43.98 ? 164 VAL A CG1 1 
ATOM   1180 C  CG2 . VAL A 1 145 ? 12.021  -10.108 -9.858  1.00 44.69 ? 164 VAL A CG2 1 
ATOM   1181 N  N   . PHE A 1 146 ? 9.248   -7.594  -7.155  1.00 44.13 ? 165 PHE A N   1 
ATOM   1182 C  CA  . PHE A 1 146 ? 8.342   -6.548  -6.662  1.00 44.05 ? 165 PHE A CA  1 
ATOM   1183 C  C   . PHE A 1 146 ? 9.029   -5.582  -5.682  1.00 43.96 ? 165 PHE A C   1 
ATOM   1184 O  O   . PHE A 1 146 ? 8.856   -4.366  -5.795  1.00 42.99 ? 165 PHE A O   1 
ATOM   1185 C  CB  . PHE A 1 146 ? 7.064   -7.153  -6.045  1.00 43.72 ? 165 PHE A CB  1 
ATOM   1186 C  CG  . PHE A 1 146 ? 6.086   -6.118  -5.543  1.00 44.27 ? 165 PHE A CG  1 
ATOM   1187 C  CD1 . PHE A 1 146 ? 4.980   -5.756  -6.315  1.00 42.36 ? 165 PHE A CD1 1 
ATOM   1188 C  CD2 . PHE A 1 146 ? 6.278   -5.489  -4.294  1.00 43.13 ? 165 PHE A CD2 1 
ATOM   1189 C  CE1 . PHE A 1 146 ? 4.073   -4.791  -5.858  1.00 42.95 ? 165 PHE A CE1 1 
ATOM   1190 C  CE2 . PHE A 1 146 ? 5.384   -4.519  -3.834  1.00 43.19 ? 165 PHE A CE2 1 
ATOM   1191 C  CZ  . PHE A 1 146 ? 4.285   -4.163  -4.615  1.00 42.27 ? 165 PHE A CZ  1 
ATOM   1192 N  N   . LEU A 1 147 ? 9.819   -6.112  -4.743  1.00 44.55 ? 166 LEU A N   1 
ATOM   1193 C  CA  . LEU A 1 147 ? 10.457  -5.249  -3.742  1.00 45.77 ? 166 LEU A CA  1 
ATOM   1194 C  C   . LEU A 1 147 ? 11.619  -4.446  -4.258  1.00 47.59 ? 166 LEU A C   1 
ATOM   1195 O  O   . LEU A 1 147 ? 11.852  -3.342  -3.768  1.00 47.53 ? 166 LEU A O   1 
ATOM   1196 C  CB  . LEU A 1 147 ? 10.909  -6.024  -2.512  1.00 44.75 ? 166 LEU A CB  1 
ATOM   1197 C  CG  . LEU A 1 147 ? 9.834   -6.788  -1.728  1.00 43.86 ? 166 LEU A CG  1 
ATOM   1198 C  CD1 . LEU A 1 147 ? 10.534  -7.679  -0.707  1.00 39.77 ? 166 LEU A CD1 1 
ATOM   1199 C  CD2 . LEU A 1 147 ? 8.807   -5.861  -1.062  1.00 39.65 ? 166 LEU A CD2 1 
ATOM   1200 N  N   . GLU A 1 148 ? 12.361  -4.988  -5.222  1.00 50.14 ? 167 GLU A N   1 
ATOM   1201 C  CA  . GLU A 1 148 ? 13.622  -4.332  -5.611  1.00 53.47 ? 167 GLU A CA  1 
ATOM   1202 C  C   . GLU A 1 148 ? 13.807  -3.813  -7.063  1.00 55.00 ? 167 GLU A C   1 
ATOM   1203 O  O   . GLU A 1 148 ? 14.558  -2.869  -7.252  1.00 54.92 ? 167 GLU A O   1 
ATOM   1204 C  CB  . GLU A 1 148 ? 14.855  -5.092  -5.083  1.00 53.64 ? 167 GLU A CB  1 
ATOM   1205 C  CG  . GLU A 1 148 ? 15.172  -6.398  -5.778  1.00 55.84 ? 167 GLU A CG  1 
ATOM   1206 C  CD  . GLU A 1 148 ? 16.193  -7.247  -5.010  1.00 58.54 ? 167 GLU A CD  1 
ATOM   1207 O  OE1 . GLU A 1 148 ? 17.052  -6.684  -4.287  1.00 60.45 ? 167 GLU A OE1 1 
ATOM   1208 O  OE2 . GLU A 1 148 ? 16.141  -8.486  -5.144  1.00 58.11 ? 167 GLU A OE2 1 
ATOM   1209 N  N   . TYR A 1 149 ? 13.129  -4.385  -8.061  1.00 57.62 ? 168 TYR A N   1 
ATOM   1210 C  CA  . TYR A 1 149 ? 13.226  -3.888  -9.447  1.00 60.84 ? 168 TYR A CA  1 
ATOM   1211 C  C   . TYR A 1 149 ? 13.025  -2.379  -9.447  1.00 62.56 ? 168 TYR A C   1 
ATOM   1212 O  O   . TYR A 1 149 ? 11.912  -1.905  -9.205  1.00 63.00 ? 168 TYR A O   1 
ATOM   1213 C  CB  . TYR A 1 149 ? 12.186  -4.575  -10.337 1.00 61.14 ? 168 TYR A CB  1 
ATOM   1214 C  CG  . TYR A 1 149 ? 12.301  -4.300  -11.830 1.00 63.07 ? 168 TYR A CG  1 
ATOM   1215 C  CD1 . TYR A 1 149 ? 13.081  -5.119  -12.663 1.00 65.01 ? 168 TYR A CD1 1 
ATOM   1216 C  CD2 . TYR A 1 149 ? 11.596  -3.244  -12.419 1.00 65.98 ? 168 TYR A CD2 1 
ATOM   1217 C  CE1 . TYR A 1 149 ? 13.176  -4.872  -14.051 1.00 66.42 ? 168 TYR A CE1 1 
ATOM   1218 C  CE2 . TYR A 1 149 ? 11.679  -2.985  -13.804 1.00 67.68 ? 168 TYR A CE2 1 
ATOM   1219 C  CZ  . TYR A 1 149 ? 12.472  -3.798  -14.608 1.00 68.02 ? 168 TYR A CZ  1 
ATOM   1220 O  OH  . TYR A 1 149 ? 12.536  -3.529  -15.953 1.00 68.83 ? 168 TYR A OH  1 
ATOM   1221 N  N   A ASP A 1 150 ? 14.103  -1.644  -9.725  0.50 63.68 ? 169 ASP A N   1 
ATOM   1222 N  N   B ASP A 1 150 ? 14.084  -1.609  -9.684  0.50 63.59 ? 169 ASP A N   1 
ATOM   1223 C  CA  A ASP A 1 150 ? 14.121  -0.186  -9.592  0.50 64.99 ? 169 ASP A CA  1 
ATOM   1224 C  CA  B ASP A 1 150 ? 13.988  -0.152  -9.521  0.50 64.83 ? 169 ASP A CA  1 
ATOM   1225 C  C   A ASP A 1 150 ? 13.778  0.560   -10.884 0.50 66.09 ? 169 ASP A C   1 
ATOM   1226 C  C   B ASP A 1 150 ? 13.707  0.592   -10.829 0.50 65.99 ? 169 ASP A C   1 
ATOM   1227 O  O   A ASP A 1 150 ? 14.357  1.612   -11.168 0.50 66.16 ? 169 ASP A O   1 
ATOM   1228 O  O   B ASP A 1 150 ? 14.270  1.664   -11.077 0.50 66.09 ? 169 ASP A O   1 
ATOM   1229 C  CB  A ASP A 1 150 ? 15.471  0.300   -9.043  0.50 64.95 ? 169 ASP A CB  1 
ATOM   1230 C  CB  B ASP A 1 150 ? 15.231  0.414   -8.830  0.50 64.64 ? 169 ASP A CB  1 
ATOM   1231 C  CG  A ASP A 1 150 ? 16.663  -0.173  -9.878  0.50 64.83 ? 169 ASP A CG  1 
ATOM   1232 C  CG  B ASP A 1 150 ? 15.037  1.841   -8.355  0.50 64.25 ? 169 ASP A CG  1 
ATOM   1233 O  OD1 A ASP A 1 150 ? 17.409  0.689   -10.389 0.50 64.03 ? 169 ASP A OD1 1 
ATOM   1234 O  OD1 B ASP A 1 150 ? 13.916  2.376   -8.497  0.50 62.86 ? 169 ASP A OD1 1 
ATOM   1235 O  OD2 A ASP A 1 150 ? 16.856  -1.401  -10.018 0.50 64.32 ? 169 ASP A OD2 1 
ATOM   1236 O  OD2 B ASP A 1 150 ? 16.011  2.430   -7.838  0.50 64.21 ? 169 ASP A OD2 1 
ATOM   1237 N  N   . GLN A 1 151 ? 12.834  0.009   -11.651 1.00 66.95 ? 170 GLN A N   1 
ATOM   1238 C  CA  . GLN A 1 151 ? 12.342  0.632   -12.892 1.00 68.95 ? 170 GLN A CA  1 
ATOM   1239 C  C   . GLN A 1 151 ? 10.818  0.365   -12.986 1.00 69.81 ? 170 GLN A C   1 
ATOM   1240 O  O   . GLN A 1 151 ? 10.245  -0.238  -12.078 1.00 69.95 ? 170 GLN A O   1 
ATOM   1241 C  CB  . GLN A 1 151 ? 13.122  0.086   -14.103 1.00 69.37 ? 170 GLN A CB  1 
ATOM   1242 C  CG  . GLN A 1 151 ? 14.524  0.725   -14.300 1.00 71.86 ? 170 GLN A CG  1 
ATOM   1243 C  CD  . GLN A 1 151 ? 15.683  -0.299  -14.298 1.00 75.29 ? 170 GLN A CD  1 
ATOM   1244 O  OE1 . GLN A 1 151 ? 16.164  -0.710  -15.365 1.00 76.75 ? 170 GLN A OE1 1 
ATOM   1245 N  NE2 . GLN A 1 151 ? 16.134  -0.707  -13.097 1.00 74.86 ? 170 GLN A NE2 1 
ATOM   1246 N  N   . ASP A 1 152 ? 10.151  0.807   -14.051 1.00 70.73 ? 171 ASP A N   1 
ATOM   1247 C  CA  . ASP A 1 152 ? 8.695   0.586   -14.167 1.00 71.67 ? 171 ASP A CA  1 
ATOM   1248 C  C   . ASP A 1 152 ? 8.321   -0.900  -14.379 1.00 71.64 ? 171 ASP A C   1 
ATOM   1249 O  O   . ASP A 1 152 ? 8.547   -1.488  -15.458 1.00 71.48 ? 171 ASP A O   1 
ATOM   1250 C  CB  . ASP A 1 152 ? 8.053   1.502   -15.234 1.00 72.18 ? 171 ASP A CB  1 
ATOM   1251 C  CG  . ASP A 1 152 ? 6.511   1.407   -15.265 1.00 73.85 ? 171 ASP A CG  1 
ATOM   1252 O  OD1 . ASP A 1 152 ? 5.895   1.038   -14.235 1.00 75.99 ? 171 ASP A OD1 1 
ATOM   1253 O  OD2 . ASP A 1 152 ? 5.910   1.705   -16.326 1.00 75.01 ? 171 ASP A OD2 1 
ATOM   1254 N  N   . LEU A 1 153 ? 7.735   -1.483  -13.330 1.00 71.62 ? 172 LEU A N   1 
ATOM   1255 C  CA  . LEU A 1 153 ? 7.375   -2.904  -13.282 1.00 71.69 ? 172 LEU A CA  1 
ATOM   1256 C  C   . LEU A 1 153 ? 6.327   -3.256  -14.333 1.00 71.83 ? 172 LEU A C   1 
ATOM   1257 O  O   . LEU A 1 153 ? 6.139   -4.422  -14.694 1.00 71.67 ? 172 LEU A O   1 
ATOM   1258 C  CB  . LEU A 1 153 ? 6.869   -3.271  -11.878 1.00 71.36 ? 172 LEU A CB  1 
ATOM   1259 C  CG  . LEU A 1 153 ? 6.906   -4.743  -11.464 1.00 71.41 ? 172 LEU A CG  1 
ATOM   1260 C  CD1 . LEU A 1 153 ? 8.338   -5.268  -11.451 1.00 71.01 ? 172 LEU A CD1 1 
ATOM   1261 C  CD2 . LEU A 1 153 ? 6.257   -4.931  -10.103 1.00 71.17 ? 172 LEU A CD2 1 
ATOM   1262 N  N   . SER A 1 154 ? 5.652   -2.218  -14.811 1.00 72.26 ? 173 SER A N   1 
ATOM   1263 C  CA  . SER A 1 154 ? 4.561   -2.344  -15.751 1.00 72.52 ? 173 SER A CA  1 
ATOM   1264 C  C   . SER A 1 154 ? 5.093   -2.787  -17.108 1.00 72.59 ? 173 SER A C   1 
ATOM   1265 O  O   . SER A 1 154 ? 4.439   -3.570  -17.800 1.00 72.68 ? 173 SER A O   1 
ATOM   1266 C  CB  . SER A 1 154 ? 3.833   -1.005  -15.875 1.00 72.40 ? 173 SER A CB  1 
ATOM   1267 O  OG  . SER A 1 154 ? 2.437   -1.202  -15.948 1.00 72.97 ? 173 SER A OG  1 
ATOM   1268 N  N   . VAL A 1 155 ? 6.295   -2.316  -17.447 1.00 72.55 ? 174 VAL A N   1 
ATOM   1269 C  CA  . VAL A 1 155 ? 6.871   -2.464  -18.793 1.00 72.72 ? 174 VAL A CA  1 
ATOM   1270 C  C   . VAL A 1 155 ? 8.130   -3.337  -18.827 1.00 72.71 ? 174 VAL A C   1 
ATOM   1271 O  O   . VAL A 1 155 ? 8.290   -4.238  -18.004 1.00 73.18 ? 174 VAL A O   1 
ATOM   1272 C  CB  . VAL A 1 155 ? 7.148   -1.072  -19.449 1.00 72.53 ? 174 VAL A CB  1 
ATOM   1273 C  CG1 . VAL A 1 155 ? 5.832   -0.296  -19.639 1.00 72.11 ? 174 VAL A CG1 1 
ATOM   1274 C  CG2 . VAL A 1 155 ? 8.155   -0.249  -18.632 1.00 72.39 ? 174 VAL A CG2 1 
HETATM 1275 CL CL  . CL  B 2 .   ? -4.694  4.050   -7.896  1.00 45.08 ? 181 CL  A CL  1 
HETATM 1276 O  O   . HOH C 3 .   ? 0.343   -21.559 4.128   1.00 29.93 ? 182 HOH A O   1 
HETATM 1277 O  O   . HOH C 3 .   ? 8.022   -26.971 -9.406  1.00 70.15 ? 183 HOH A O   1 
HETATM 1278 O  O   . HOH C 3 .   ? -3.339  -9.084  2.865   1.00 31.97 ? 184 HOH A O   1 
HETATM 1279 O  O   . HOH C 3 .   ? 17.997  -7.469  18.923  1.00 37.97 ? 185 HOH A O   1 
HETATM 1280 O  O   . HOH C 3 .   ? 7.328   -6.897  7.177   1.00 28.46 ? 186 HOH A O   1 
HETATM 1281 O  O   . HOH C 3 .   ? 15.393  3.414   1.727   1.00 35.79 ? 187 HOH A O   1 
HETATM 1282 O  O   . HOH C 3 .   ? -6.660  -8.651  -6.949  1.00 52.65 ? 188 HOH A O   1 
HETATM 1283 O  O   . HOH C 3 .   ? -10.425 -2.084  1.651   1.00 65.81 ? 189 HOH A O   1 
HETATM 1284 O  O   . HOH C 3 .   ? -4.381  -6.448  2.986   1.00 29.56 ? 191 HOH A O   1 
HETATM 1285 O  O   . HOH C 3 .   ? -2.643  0.598   -10.709 1.00 44.02 ? 192 HOH A O   1 
HETATM 1286 O  O   . HOH C 3 .   ? -2.004  2.899   -7.693  1.00 33.48 ? 193 HOH A O   1 
HETATM 1287 O  O   . HOH C 3 .   ? 22.200  -10.207 -4.005  1.00 70.96 ? 194 HOH A O   1 
HETATM 1288 O  O   . HOH C 3 .   ? 11.268  -2.352  -1.271  1.00 37.97 ? 196 HOH A O   1 
HETATM 1289 O  O   . HOH C 3 .   ? 10.021  3.637   7.161   1.00 37.54 ? 197 HOH A O   1 
HETATM 1290 O  O   . HOH C 3 .   ? -6.651  -7.040  1.475   1.00 40.66 ? 198 HOH A O   1 
HETATM 1291 O  O   . HOH C 3 .   ? 19.529  -12.891 7.679   1.00 59.37 ? 199 HOH A O   1 
HETATM 1292 O  O   . HOH C 3 .   ? 13.205  -13.228 10.945  1.00 63.55 ? 200 HOH A O   1 
HETATM 1293 O  O   . HOH C 3 .   ? 0.853   -2.477  8.699   1.00 47.63 ? 201 HOH A O   1 
HETATM 1294 O  O   . HOH C 3 .   ? -7.405  -11.500 -2.971  1.00 42.09 ? 202 HOH A O   1 
HETATM 1295 O  O   . HOH C 3 .   ? -3.265  -21.133 -2.594  1.00 54.81 ? 203 HOH A O   1 
HETATM 1296 O  O   . HOH C 3 .   ? 11.660  4.844   2.095   1.00 46.35 ? 204 HOH A O   1 
HETATM 1297 O  O   . HOH C 3 .   ? 5.135   7.632   -3.521  1.00 40.85 ? 205 HOH A O   1 
HETATM 1298 O  O   . HOH C 3 .   ? 18.466  -3.646  6.758   1.00 46.77 ? 206 HOH A O   1 
HETATM 1299 O  O   . HOH C 3 .   ? 5.901   3.192   7.911   1.00 40.23 ? 207 HOH A O   1 
HETATM 1300 O  O   . HOH C 3 .   ? 0.354   8.934   -8.934  1.00 46.47 ? 208 HOH A O   1 
HETATM 1301 O  O   . HOH C 3 .   ? -8.522  6.046   -8.018  1.00 45.13 ? 209 HOH A O   1 
HETATM 1302 O  O   . HOH C 3 .   ? -8.212  5.909   7.760   1.00 44.77 ? 210 HOH A O   1 
HETATM 1303 O  O   . HOH C 3 .   ? -28.270 28.493  4.356   1.00 38.70 ? 211 HOH A O   1 
HETATM 1304 O  O   . HOH C 3 .   ? 1.500   -26.269 -2.086  1.00 51.54 ? 212 HOH A O   1 
HETATM 1305 O  O   . HOH C 3 .   ? -7.741  -4.615  -7.691  1.00 47.17 ? 213 HOH A O   1 
HETATM 1306 O  O   . HOH C 3 .   ? 15.205  -13.129 13.537  1.00 67.33 ? 214 HOH A O   1 
HETATM 1307 O  O   . HOH C 3 .   ? 4.226   -6.470  -13.878 1.00 52.94 ? 215 HOH A O   1 
HETATM 1308 O  O   . HOH C 3 .   ? 19.320  -11.123 17.935  1.00 51.13 ? 216 HOH A O   1 
HETATM 1309 O  O   . HOH C 3 .   ? 18.097  -11.121 10.689  1.00 50.42 ? 217 HOH A O   1 
HETATM 1310 O  O   . HOH C 3 .   ? -16.904 21.073  14.675  1.00 65.40 ? 218 HOH A O   1 
HETATM 1311 O  O   . HOH C 3 .   ? -1.969  -9.662  24.053  1.00 56.28 ? 219 HOH A O   1 
HETATM 1312 O  O   . HOH C 3 .   ? 1.799   -2.388  11.598  1.00 70.23 ? 220 HOH A O   1 
HETATM 1313 O  O   . HOH C 3 .   ? 13.961  -12.768 -8.115  1.00 64.29 ? 221 HOH A O   1 
HETATM 1314 O  O   . HOH C 3 .   ? -7.853  12.234  8.026   1.00 40.63 ? 222 HOH A O   1 
HETATM 1315 O  O   . HOH C 3 .   ? 0.893   -6.880  9.374   1.00 49.63 ? 223 HOH A O   1 
HETATM 1316 O  O   . HOH C 3 .   ? 15.673  -1.513  -5.518  1.00 59.77 ? 224 HOH A O   1 
HETATM 1317 O  O   . HOH C 3 .   ? 15.106  -6.666  8.589   1.00 49.61 ? 225 HOH A O   1 
HETATM 1318 O  O   . HOH C 3 .   ? -19.568 29.782  1.026   1.00 51.24 ? 226 HOH A O   1 
HETATM 1319 O  O   . HOH C 3 .   ? 21.445  -0.296  1.666   1.00 53.21 ? 227 HOH A O   1 
HETATM 1320 O  O   . HOH C 3 .   ? 16.140  -6.763  12.052  1.00 39.09 ? 228 HOH A O   1 
HETATM 1321 O  O   . HOH C 3 .   ? -10.806 6.636   -6.840  1.00 46.04 ? 229 HOH A O   1 
HETATM 1322 O  O   . HOH C 3 .   ? -5.121  -2.714  6.570   1.00 50.70 ? 230 HOH A O   1 
HETATM 1323 O  O   . HOH C 3 .   ? -4.805  -13.410 -8.037  1.00 71.21 ? 231 HOH A O   1 
HETATM 1324 O  O   . HOH C 3 .   ? 9.100   -5.108  11.728  1.00 53.36 ? 232 HOH A O   1 
HETATM 1325 O  O   . HOH C 3 .   ? -6.954  -0.967  5.742   1.00 59.11 ? 233 HOH A O   1 
HETATM 1326 O  O   . HOH C 3 .   ? -5.154  -14.940 -1.806  1.00 45.96 ? 234 HOH A O   1 
HETATM 1327 O  O   . HOH C 3 .   ? 10.861  2.324   -8.316  1.00 46.26 ? 235 HOH A O   1 
HETATM 1328 O  O   . HOH C 3 .   ? -21.670 14.292  -5.710  1.00 65.07 ? 236 HOH A O   1 
HETATM 1329 O  O   . HOH C 3 .   ? -8.511  -8.459  2.937   1.00 39.75 ? 237 HOH A O   1 
HETATM 1330 O  O   . HOH C 3 .   ? -18.453 21.869  9.686   1.00 38.79 ? 238 HOH A O   1 
HETATM 1331 O  O   . HOH C 3 .   ? -8.856  0.255   1.696   1.00 38.83 ? 239 HOH A O   1 
HETATM 1332 O  O   . HOH C 3 .   ? -7.742  -13.765 -1.744  1.00 45.07 ? 240 HOH A O   1 
HETATM 1333 O  O   . HOH C 3 .   ? -4.265  -19.141 -0.998  1.00 62.71 ? 241 HOH A O   1 
HETATM 1334 O  O   . HOH C 3 .   ? -18.904 24.481  8.623   1.00 42.08 ? 242 HOH A O   1 
HETATM 1335 O  O   . HOH C 3 .   ? 3.667   2.666   7.288   1.00 53.38 ? 243 HOH A O   1 
HETATM 1336 O  O   . HOH C 3 .   ? -19.593 25.709  10.744  1.00 47.04 ? 244 HOH A O   1 
HETATM 1337 O  O   . HOH C 3 .   ? 11.260  -11.538 8.547   1.00 47.32 ? 245 HOH A O   1 
HETATM 1338 O  O   . HOH C 3 .   ? -2.453  -27.432 2.108   1.00 45.56 ? 246 HOH A O   1 
HETATM 1339 O  O   . HOH C 3 .   ? 18.315  -6.897  13.092  1.00 45.27 ? 247 HOH A O   1 
HETATM 1340 O  O   . HOH C 3 .   ? -10.018 -6.212  3.000   1.00 39.74 ? 248 HOH A O   1 
HETATM 1341 O  O   . HOH C 3 .   ? 8.980   -19.172 -2.506  1.00 50.87 ? 249 HOH A O   1 
HETATM 1342 O  O   . HOH C 3 .   ? 5.734   8.682   -5.768  1.00 52.17 ? 250 HOH A O   1 
HETATM 1343 O  O   . HOH C 3 .   ? -14.663 6.245   -2.361  1.00 63.85 ? 251 HOH A O   1 
HETATM 1344 O  O   . HOH C 3 .   ? -6.983  15.423  1.127   1.00 46.08 ? 253 HOH A O   1 
HETATM 1345 O  O   . HOH C 3 .   ? 5.070   3.315   -10.023 1.00 52.38 ? 254 HOH A O   1 
HETATM 1346 O  O   . HOH C 3 .   ? -24.395 27.266  -3.982  1.00 56.45 ? 255 HOH A O   1 
HETATM 1347 O  O   . HOH C 3 .   ? 9.887   -18.624 -7.352  1.00 63.15 ? 256 HOH A O   1 
HETATM 1348 O  O   . HOH C 3 .   ? -5.022  -3.279  -11.446 1.00 51.00 ? 257 HOH A O   1 
HETATM 1349 O  O   . HOH C 3 .   ? -12.167 16.179  10.572  1.00 52.90 ? 258 HOH A O   1 
HETATM 1350 O  O   . HOH C 3 .   ? 10.077  -15.478 -12.231 1.00 59.98 ? 259 HOH A O   1 
HETATM 1351 O  O   . HOH C 3 .   ? 5.455   -13.815 24.608  1.00 54.14 ? 260 HOH A O   1 
HETATM 1352 O  O   . HOH C 3 .   ? -7.793  3.534   -8.097  1.00 48.31 ? 261 HOH A O   1 
HETATM 1353 O  O   . HOH C 3 .   ? -5.805  -5.189  5.050   1.00 53.54 ? 262 HOH A O   1 
HETATM 1354 O  O   . HOH C 3 .   ? 6.368   -13.569 21.189  1.00 59.49 ? 263 HOH A O   1 
HETATM 1355 O  O   . HOH C 3 .   ? -6.016  -9.831  -11.934 1.00 70.26 ? 264 HOH A O   1 
HETATM 1356 O  O   . HOH C 3 .   ? -13.099 4.985   -7.962  1.00 53.62 ? 265 HOH A O   1 
HETATM 1357 O  O   . HOH C 3 .   ? 0.783   15.734  -10.394 1.00 50.90 ? 266 HOH A O   1 
HETATM 1358 O  O   . HOH C 3 .   ? -1.156  -16.632 4.442   1.00 55.56 ? 267 HOH A O   1 
HETATM 1359 O  O   . HOH C 3 .   ? -13.202 20.897  11.317  1.00 61.86 ? 268 HOH A O   1 
HETATM 1360 O  O   . HOH C 3 .   ? 4.956   -8.970  9.406   1.00 49.40 ? 269 HOH A O   1 
HETATM 1361 O  O   . HOH C 3 .   ? 17.212  -4.959  8.764   1.00 54.78 ? 270 HOH A O   1 
HETATM 1362 O  O   . HOH C 3 .   ? 14.502  -15.916 7.556   1.00 59.31 ? 271 HOH A O   1 
HETATM 1363 O  O   . HOH C 3 .   ? -10.418 25.625  4.352   1.00 57.03 ? 272 HOH A O   1 
HETATM 1364 O  O   . HOH C 3 .   ? -5.424  -0.747  -11.007 1.00 60.86 ? 273 HOH A O   1 
HETATM 1365 O  O   . HOH C 3 .   ? -7.334  -6.168  -5.685  1.00 60.61 ? 274 HOH A O   1 
HETATM 1366 O  O   . HOH C 3 .   ? -26.629 26.343  -2.339  1.00 57.73 ? 275 HOH A O   1 
HETATM 1367 O  O   . HOH C 3 .   ? -12.365 8.864   -7.447  1.00 60.99 ? 276 HOH A O   1 
HETATM 1368 O  O   . HOH C 3 .   ? -18.649 26.147  -5.921  1.00 76.48 ? 277 HOH A O   1 
HETATM 1369 O  O   . HOH C 3 .   ? 2.570   -4.387  -12.938 1.00 63.15 ? 278 HOH A O   1 
HETATM 1370 O  O   . HOH C 3 .   ? -19.965 10.172  -0.804  1.00 54.10 ? 279 HOH A O   1 
HETATM 1371 O  O   . HOH C 3 .   ? 11.600  4.896   4.906   1.00 56.70 ? 280 HOH A O   1 
HETATM 1372 O  O   . HOH C 3 .   ? -9.537  2.962   1.496   1.00 43.43 ? 281 HOH A O   1 
HETATM 1373 O  O   . HOH C 3 .   ? -16.515 10.716  2.478   1.00 50.49 ? 282 HOH A O   1 
HETATM 1374 O  O   . HOH C 3 .   ? 10.821  -13.170 6.529   1.00 57.72 ? 283 HOH A O   1 
HETATM 1375 O  O   . HOH C 3 .   ? -13.533 15.181  8.744   1.00 50.80 ? 284 HOH A O   1 
HETATM 1376 O  O   . HOH C 3 .   ? 22.944  -9.761  7.583   1.00 66.72 ? 285 HOH A O   1 
HETATM 1377 O  O   . HOH C 3 .   ? -15.439 3.771   -9.183  1.00 56.97 ? 286 HOH A O   1 
HETATM 1378 O  O   . HOH C 3 .   ? -14.591 16.627  -5.770  1.00 63.36 ? 287 HOH A O   1 
HETATM 1379 O  O   . HOH C 3 .   ? -19.706 31.741  9.651   1.00 47.72 ? 289 HOH A O   1 
HETATM 1380 O  O   . HOH C 3 .   ? -9.899  2.934   -1.171  1.00 53.90 ? 290 HOH A O   1 
HETATM 1381 O  O   . HOH C 3 .   ? -7.829  10.983  -12.517 1.00 69.49 ? 291 HOH A O   1 
HETATM 1382 O  O   . HOH C 3 .   ? -20.528 8.316   -2.670  1.00 63.62 ? 292 HOH A O   1 
HETATM 1383 O  O   . HOH C 3 .   ? -9.560  6.729   -10.335 1.00 61.04 ? 293 HOH A O   1 
HETATM 1384 O  O   . HOH C 3 .   ? 15.717  3.914   -11.338 1.00 64.38 ? 294 HOH A O   1 
HETATM 1385 O  O   . HOH C 3 .   ? 5.442   0.834   -11.119 1.00 68.36 ? 295 HOH A O   1 
HETATM 1386 O  O   . HOH C 3 .   ? -14.727 10.072  -7.516  1.00 99.81 ? 297 HOH A O   1 
HETATM 1387 O  O   . HOH C 3 .   ? 11.418  -18.761 -5.639  1.00 64.59 ? 298 HOH A O   1 
HETATM 1388 O  O   . HOH C 3 .   ? -18.633 10.123  4.780   1.00 68.97 ? 300 HOH A O   1 
HETATM 1389 O  O   . HOH C 3 .   ? 8.800   8.533   3.792   1.00 56.15 ? 301 HOH A O   1 
HETATM 1390 O  O   . HOH C 3 .   ? 10.468  7.719   5.942   1.00 52.97 ? 302 HOH A O   1 
HETATM 1391 O  O   . HOH C 3 .   ? 11.199  7.316   1.016   1.00 60.23 ? 303 HOH A O   1 
HETATM 1392 O  O   . HOH C 3 .   ? -19.425 34.904  3.823   1.00 50.48 ? 304 HOH A O   1 
HETATM 1393 O  O   . HOH C 3 .   ? -13.060 8.742   5.590   1.00 50.57 ? 305 HOH A O   1 
HETATM 1394 O  O   . HOH C 3 .   ? -1.516  -1.346  9.240   1.00 65.27 ? 306 HOH A O   1 
HETATM 1395 O  O   . HOH C 3 .   ? -24.085 30.776  9.400   1.00 47.58 ? 307 HOH A O   1 
HETATM 1396 O  O   . HOH C 3 .   ? 8.193   -2.785  8.784   1.00 61.44 ? 308 HOH A O   1 
HETATM 1397 O  O   . HOH C 3 .   ? -4.793  -10.327 -7.454  1.00 42.77 ? 309 HOH A O   1 
HETATM 1398 O  O   . HOH C 3 .   ? -18.972 24.344  12.793  1.00 48.13 ? 310 HOH A O   1 
HETATM 1399 O  O   . HOH C 3 .   ? 15.669  1.033   -4.979  1.00 67.68 ? 311 HOH A O   1 
HETATM 1400 O  O   . HOH C 3 .   ? 4.729   13.437  -10.181 1.00 76.50 ? 312 HOH A O   1 
HETATM 1401 O  O   . HOH C 3 .   ? -7.703  -4.293  3.529   1.00 49.32 ? 313 HOH A O   1 
HETATM 1402 O  O   . HOH C 3 .   ? -16.475 3.705   -6.544  1.00 53.46 ? 314 HOH A O   1 
HETATM 1403 O  O   . HOH C 3 .   ? 2.716   -18.503 -11.336 1.00 68.48 ? 315 HOH A O   1 
HETATM 1404 O  O   . HOH C 3 .   ? -1.556  4.481   -10.138 1.00 65.93 ? 316 HOH A O   1 
HETATM 1405 O  O   . HOH C 3 .   ? -6.238  3.240   8.150   1.00 41.58 ? 317 HOH A O   1 
HETATM 1406 O  O   . HOH C 3 .   ? 15.202  -14.976 0.432   1.00 47.29 ? 318 HOH A O   1 
HETATM 1407 O  O   . HOH C 3 .   ? 2.357   -23.475 4.398   1.00 53.01 ? 319 HOH A O   1 
HETATM 1408 O  O   . HOH C 3 .   ? 17.997  -4.993  -2.937  1.00 54.45 ? 320 HOH A O   1 
HETATM 1409 O  O   . HOH C 3 .   ? -11.446 2.588   -7.742  1.00 57.41 ? 321 HOH A O   1 
HETATM 1410 O  O   . HOH C 3 .   ? 5.796   -23.692 -8.855  1.00 59.45 ? 322 HOH A O   1 
# 
